data_2WZ9
# 
_entry.id   2WZ9 
# 
_audit_conform.dict_name       mmcif_pdbx.dic 
_audit_conform.dict_version    5.383 
_audit_conform.dict_location   http://mmcif.pdb.org/dictionaries/ascii/mmcif_pdbx.dic 
# 
loop_
_database_2.database_id 
_database_2.database_code 
_database_2.pdbx_database_accession 
_database_2.pdbx_DOI 
PDB   2WZ9         pdb_00002wz9 10.2210/pdb2wz9/pdb 
PDBE  EBI-41836    ?            ?                   
WWPDB D_1290041836 ?            ?                   
# 
_pdbx_database_status.status_code                     REL 
_pdbx_database_status.entry_id                        2WZ9 
_pdbx_database_status.deposit_site                    PDBE 
_pdbx_database_status.process_site                    PDBE 
_pdbx_database_status.SG_entry                        . 
_pdbx_database_status.recvd_initial_deposition_date   2009-11-25 
_pdbx_database_status.pdb_format_compatible           Y 
_pdbx_database_status.status_code_sf                  REL 
_pdbx_database_status.status_code_mr                  ? 
_pdbx_database_status.status_code_cs                  ? 
_pdbx_database_status.methods_development_category    ? 
_pdbx_database_status.status_code_nmr_data            ? 
# 
loop_
_audit_author.name 
_audit_author.pdbx_ordinal 
'Vollmar, M.'      1  
'Johannson, C.'    2  
'Cocking, R.'      3  
'Pike, A.C.W.'     4  
'Muniz, J.R.C.'    5  
'Edwards, A.'      6  
'von Delft, F.'    7  
'Bountra, C.'      8  
'Arrowsmith, C.H.' 9  
'Weigelt, J.'      10 
'Kavanagh, K.L.'   11 
# 
_citation.id                        primary 
_citation.title                     'Crystal Structure of the Thioredoxin Domain of Human Txnl2' 
_citation.journal_abbrev            'To be Published' 
_citation.journal_volume            ? 
_citation.page_first                ? 
_citation.page_last                 ? 
_citation.year                      ? 
_citation.journal_id_ASTM           ? 
_citation.country                   ? 
_citation.journal_id_ISSN           ? 
_citation.journal_id_CSD            0353 
_citation.book_publisher            ? 
_citation.pdbx_database_id_PubMed   ? 
_citation.pdbx_database_id_DOI      ? 
# 
loop_
_citation_author.citation_id 
_citation_author.name 
_citation_author.ordinal 
_citation_author.identifier_ORCID 
primary 'Vollmar, M.'    1 ? 
primary 'Johannson, C.'  2 ? 
primary 'Cocking, R.'    3 ? 
primary 'Pike, A.C.W.'   4 ? 
primary 'Muniz, J.R.C.'  5 ? 
primary 'Edwards, A.'    6 ? 
primary 'von Delft, F.'  7 ? 
primary 'Bountra, C.'    8 ? 
primary 'Kavanagh, K.L.' 9 ? 
# 
_cell.entry_id           2WZ9 
_cell.length_a           42.630 
_cell.length_b           52.060 
_cell.length_c           58.600 
_cell.angle_alpha        90.00 
_cell.angle_beta         90.00 
_cell.angle_gamma        90.00 
_cell.Z_PDB              4 
_cell.pdbx_unique_axis   ? 
# 
_symmetry.entry_id                         2WZ9 
_symmetry.space_group_name_H-M             'P 21 21 21' 
_symmetry.pdbx_full_space_group_name_H-M   ? 
_symmetry.cell_setting                     ? 
_symmetry.Int_Tables_number                19 
# 
loop_
_entity.id 
_entity.type 
_entity.src_method 
_entity.pdbx_description 
_entity.formula_weight 
_entity.pdbx_number_of_molecules 
_entity.pdbx_ec 
_entity.pdbx_mutation 
_entity.pdbx_fragment 
_entity.details 
1 polymer man GLUTAREDOXIN-3 16629.838 1   ? ? 'THIOREDOXIN DOMAIN, RESIDUES 2-125' ? 
2 water   nat water          18.015    142 ? ? ?                                    ? 
# 
_entity_name_com.entity_id   1 
_entity_name_com.name        
'THIOREDOXIN-LIKE PROTEIN 2, PKC-INTERACTING COUSIN OF THIOREDOXIN, PKC-THETA-INTERACTING PROTEIN, PKCQ- INTERACTING PROTEIN' 
# 
_entity_poly.entity_id                      1 
_entity_poly.type                           'polypeptide(L)' 
_entity_poly.nstd_linkage                   no 
_entity_poly.nstd_monomer                   no 
_entity_poly.pdbx_seq_one_letter_code       
;SMAAGAAEAAVAAVEEVGSAGQFEELLRLKAKSLLVVHFWAPWAPQCAQMNEVMAELAKELPQVSFVKLEAEGVPEVSEK
YEISSVPTFLFFKNSQKIDRLDGAHAPELTKKVQRHASSGSFLPSAKVKVDTDPNSSSVDKLAAALEHHHHHH
;
_entity_poly.pdbx_seq_one_letter_code_can   
;SMAAGAAEAAVAAVEEVGSAGQFEELLRLKAKSLLVVHFWAPWAPQCAQMNEVMAELAKELPQVSFVKLEAEGVPEVSEK
YEISSVPTFLFFKNSQKIDRLDGAHAPELTKKVQRHASSGSFLPSAKVKVDTDPNSSSVDKLAAALEHHHHHH
;
_entity_poly.pdbx_strand_id                 A 
_entity_poly.pdbx_target_identifier         ? 
# 
loop_
_entity_poly_seq.entity_id 
_entity_poly_seq.num 
_entity_poly_seq.mon_id 
_entity_poly_seq.hetero 
1 1   SER n 
1 2   MET n 
1 3   ALA n 
1 4   ALA n 
1 5   GLY n 
1 6   ALA n 
1 7   ALA n 
1 8   GLU n 
1 9   ALA n 
1 10  ALA n 
1 11  VAL n 
1 12  ALA n 
1 13  ALA n 
1 14  VAL n 
1 15  GLU n 
1 16  GLU n 
1 17  VAL n 
1 18  GLY n 
1 19  SER n 
1 20  ALA n 
1 21  GLY n 
1 22  GLN n 
1 23  PHE n 
1 24  GLU n 
1 25  GLU n 
1 26  LEU n 
1 27  LEU n 
1 28  ARG n 
1 29  LEU n 
1 30  LYS n 
1 31  ALA n 
1 32  LYS n 
1 33  SER n 
1 34  LEU n 
1 35  LEU n 
1 36  VAL n 
1 37  VAL n 
1 38  HIS n 
1 39  PHE n 
1 40  TRP n 
1 41  ALA n 
1 42  PRO n 
1 43  TRP n 
1 44  ALA n 
1 45  PRO n 
1 46  GLN n 
1 47  CYS n 
1 48  ALA n 
1 49  GLN n 
1 50  MET n 
1 51  ASN n 
1 52  GLU n 
1 53  VAL n 
1 54  MET n 
1 55  ALA n 
1 56  GLU n 
1 57  LEU n 
1 58  ALA n 
1 59  LYS n 
1 60  GLU n 
1 61  LEU n 
1 62  PRO n 
1 63  GLN n 
1 64  VAL n 
1 65  SER n 
1 66  PHE n 
1 67  VAL n 
1 68  LYS n 
1 69  LEU n 
1 70  GLU n 
1 71  ALA n 
1 72  GLU n 
1 73  GLY n 
1 74  VAL n 
1 75  PRO n 
1 76  GLU n 
1 77  VAL n 
1 78  SER n 
1 79  GLU n 
1 80  LYS n 
1 81  TYR n 
1 82  GLU n 
1 83  ILE n 
1 84  SER n 
1 85  SER n 
1 86  VAL n 
1 87  PRO n 
1 88  THR n 
1 89  PHE n 
1 90  LEU n 
1 91  PHE n 
1 92  PHE n 
1 93  LYS n 
1 94  ASN n 
1 95  SER n 
1 96  GLN n 
1 97  LYS n 
1 98  ILE n 
1 99  ASP n 
1 100 ARG n 
1 101 LEU n 
1 102 ASP n 
1 103 GLY n 
1 104 ALA n 
1 105 HIS n 
1 106 ALA n 
1 107 PRO n 
1 108 GLU n 
1 109 LEU n 
1 110 THR n 
1 111 LYS n 
1 112 LYS n 
1 113 VAL n 
1 114 GLN n 
1 115 ARG n 
1 116 HIS n 
1 117 ALA n 
1 118 SER n 
1 119 SER n 
1 120 GLY n 
1 121 SER n 
1 122 PHE n 
1 123 LEU n 
1 124 PRO n 
1 125 SER n 
1 126 ALA n 
1 127 LYS n 
1 128 VAL n 
1 129 LYS n 
1 130 VAL n 
1 131 ASP n 
1 132 THR n 
1 133 ASP n 
1 134 PRO n 
1 135 ASN n 
1 136 SER n 
1 137 SER n 
1 138 SER n 
1 139 VAL n 
1 140 ASP n 
1 141 LYS n 
1 142 LEU n 
1 143 ALA n 
1 144 ALA n 
1 145 ALA n 
1 146 LEU n 
1 147 GLU n 
1 148 HIS n 
1 149 HIS n 
1 150 HIS n 
1 151 HIS n 
1 152 HIS n 
1 153 HIS n 
# 
_entity_src_gen.entity_id                          1 
_entity_src_gen.pdbx_src_id                        1 
_entity_src_gen.pdbx_alt_source_flag               sample 
_entity_src_gen.pdbx_seq_type                      ? 
_entity_src_gen.pdbx_beg_seq_num                   ? 
_entity_src_gen.pdbx_end_seq_num                   ? 
_entity_src_gen.gene_src_common_name               HUMAN 
_entity_src_gen.gene_src_genus                     ? 
_entity_src_gen.pdbx_gene_src_gene                 ? 
_entity_src_gen.gene_src_species                   ? 
_entity_src_gen.gene_src_strain                    ? 
_entity_src_gen.gene_src_tissue                    ? 
_entity_src_gen.gene_src_tissue_fraction           ? 
_entity_src_gen.gene_src_details                   ? 
_entity_src_gen.pdbx_gene_src_fragment             ? 
_entity_src_gen.pdbx_gene_src_scientific_name      'HOMO SAPIENS' 
_entity_src_gen.pdbx_gene_src_ncbi_taxonomy_id     9606 
_entity_src_gen.pdbx_gene_src_variant              ? 
_entity_src_gen.pdbx_gene_src_cell_line            ? 
_entity_src_gen.pdbx_gene_src_atcc                 ? 
_entity_src_gen.pdbx_gene_src_organ                ? 
_entity_src_gen.pdbx_gene_src_organelle            ? 
_entity_src_gen.pdbx_gene_src_cell                 ? 
_entity_src_gen.pdbx_gene_src_cellular_location    ? 
_entity_src_gen.host_org_common_name               ? 
_entity_src_gen.pdbx_host_org_scientific_name      'ESCHERICHIA COLI' 
_entity_src_gen.pdbx_host_org_ncbi_taxonomy_id     469008 
_entity_src_gen.host_org_genus                     ? 
_entity_src_gen.pdbx_host_org_gene                 ? 
_entity_src_gen.pdbx_host_org_organ                ? 
_entity_src_gen.host_org_species                   ? 
_entity_src_gen.pdbx_host_org_tissue               ? 
_entity_src_gen.pdbx_host_org_tissue_fraction      ? 
_entity_src_gen.pdbx_host_org_strain               'BL21(DE3)' 
_entity_src_gen.pdbx_host_org_variant              R3-PRARE2 
_entity_src_gen.pdbx_host_org_cell_line            ? 
_entity_src_gen.pdbx_host_org_atcc                 ? 
_entity_src_gen.pdbx_host_org_culture_collection   ? 
_entity_src_gen.pdbx_host_org_cell                 ? 
_entity_src_gen.pdbx_host_org_organelle            ? 
_entity_src_gen.pdbx_host_org_cellular_location    ? 
_entity_src_gen.pdbx_host_org_vector_type          ? 
_entity_src_gen.pdbx_host_org_vector               ? 
_entity_src_gen.host_org_details                   ? 
_entity_src_gen.expression_system_id               ? 
_entity_src_gen.plasmid_name                       PNIC28-BSA4 
_entity_src_gen.plasmid_details                    ? 
_entity_src_gen.pdbx_description                   ? 
# 
loop_
_struct_ref.id 
_struct_ref.db_name 
_struct_ref.db_code 
_struct_ref.entity_id 
_struct_ref.pdbx_seq_one_letter_code 
_struct_ref.pdbx_align_begin 
_struct_ref.pdbx_db_accession 
_struct_ref.pdbx_db_isoform 
1 PDB 2WZ9        1 ? ? 2WZ9   ? 
2 UNP GLRX3_HUMAN 1 ? ? O76003 ? 
# 
loop_
_struct_ref_seq.align_id 
_struct_ref_seq.ref_id 
_struct_ref_seq.pdbx_PDB_id_code 
_struct_ref_seq.pdbx_strand_id 
_struct_ref_seq.seq_align_beg 
_struct_ref_seq.pdbx_seq_align_beg_ins_code 
_struct_ref_seq.seq_align_end 
_struct_ref_seq.pdbx_seq_align_end_ins_code 
_struct_ref_seq.pdbx_db_accession 
_struct_ref_seq.db_align_beg 
_struct_ref_seq.pdbx_db_align_beg_ins_code 
_struct_ref_seq.db_align_end 
_struct_ref_seq.pdbx_db_align_end_ins_code 
_struct_ref_seq.pdbx_auth_seq_align_beg 
_struct_ref_seq.pdbx_auth_seq_align_end 
1 1 2WZ9 A 1   ? 1   ? 2WZ9   0   ? 0   ? 0   0   
2 2 2WZ9 A 2   ? 126 ? O76003 1   ? 125 ? 1   125 
3 1 2WZ9 A 127 ? 153 ? 2WZ9   126 ? 152 ? 126 152 
# 
loop_
_chem_comp.id 
_chem_comp.type 
_chem_comp.mon_nstd_flag 
_chem_comp.name 
_chem_comp.pdbx_synonyms 
_chem_comp.formula 
_chem_comp.formula_weight 
ALA 'L-peptide linking' y ALANINE         ? 'C3 H7 N O2'     89.093  
ARG 'L-peptide linking' y ARGININE        ? 'C6 H15 N4 O2 1' 175.209 
ASN 'L-peptide linking' y ASPARAGINE      ? 'C4 H8 N2 O3'    132.118 
ASP 'L-peptide linking' y 'ASPARTIC ACID' ? 'C4 H7 N O4'     133.103 
CYS 'L-peptide linking' y CYSTEINE        ? 'C3 H7 N O2 S'   121.158 
GLN 'L-peptide linking' y GLUTAMINE       ? 'C5 H10 N2 O3'   146.144 
GLU 'L-peptide linking' y 'GLUTAMIC ACID' ? 'C5 H9 N O4'     147.129 
GLY 'peptide linking'   y GLYCINE         ? 'C2 H5 N O2'     75.067  
HIS 'L-peptide linking' y HISTIDINE       ? 'C6 H10 N3 O2 1' 156.162 
HOH non-polymer         . WATER           ? 'H2 O'           18.015  
ILE 'L-peptide linking' y ISOLEUCINE      ? 'C6 H13 N O2'    131.173 
LEU 'L-peptide linking' y LEUCINE         ? 'C6 H13 N O2'    131.173 
LYS 'L-peptide linking' y LYSINE          ? 'C6 H15 N2 O2 1' 147.195 
MET 'L-peptide linking' y METHIONINE      ? 'C5 H11 N O2 S'  149.211 
PHE 'L-peptide linking' y PHENYLALANINE   ? 'C9 H11 N O2'    165.189 
PRO 'L-peptide linking' y PROLINE         ? 'C5 H9 N O2'     115.130 
SER 'L-peptide linking' y SERINE          ? 'C3 H7 N O3'     105.093 
THR 'L-peptide linking' y THREONINE       ? 'C4 H9 N O3'     119.119 
TRP 'L-peptide linking' y TRYPTOPHAN      ? 'C11 H12 N2 O2'  204.225 
TYR 'L-peptide linking' y TYROSINE        ? 'C9 H11 N O3'    181.189 
VAL 'L-peptide linking' y VALINE          ? 'C5 H11 N O2'    117.146 
# 
_exptl.entry_id          2WZ9 
_exptl.method            'X-RAY DIFFRACTION' 
_exptl.crystals_number   1 
# 
_exptl_crystal.id                    1 
_exptl_crystal.density_meas          ? 
_exptl_crystal.density_Matthews      2.21 
_exptl_crystal.density_percent_sol   44.49 
_exptl_crystal.description           NONE 
# 
_exptl_crystal_grow.crystal_id      1 
_exptl_crystal_grow.method          ? 
_exptl_crystal_grow.temp            ? 
_exptl_crystal_grow.temp_details    ? 
_exptl_crystal_grow.pH              ? 
_exptl_crystal_grow.pdbx_pH_range   ? 
_exptl_crystal_grow.pdbx_details    '1.4 M AMMONIUM CITRATE, PH 7' 
# 
_diffrn.id                     1 
_diffrn.ambient_temp           100 
_diffrn.ambient_temp_details   ? 
_diffrn.crystal_id             1 
# 
_diffrn_detector.diffrn_id              1 
_diffrn_detector.detector               CCD 
_diffrn_detector.type                   'ADSC CCD' 
_diffrn_detector.pdbx_collection_date   2009-09-25 
_diffrn_detector.details                ? 
# 
_diffrn_radiation.diffrn_id                        1 
_diffrn_radiation.wavelength_id                    1 
_diffrn_radiation.pdbx_monochromatic_or_laue_m_l   M 
_diffrn_radiation.monochromator                    ? 
_diffrn_radiation.pdbx_diffrn_protocol             'SINGLE WAVELENGTH' 
_diffrn_radiation.pdbx_scattering_type             x-ray 
# 
_diffrn_radiation_wavelength.id           1 
_diffrn_radiation_wavelength.wavelength   0.9796 
_diffrn_radiation_wavelength.wt           1.0 
# 
_diffrn_source.diffrn_id                   1 
_diffrn_source.source                      SYNCHROTRON 
_diffrn_source.type                        'DIAMOND BEAMLINE I02' 
_diffrn_source.pdbx_synchrotron_site       Diamond 
_diffrn_source.pdbx_synchrotron_beamline   I02 
_diffrn_source.pdbx_wavelength             0.9796 
_diffrn_source.pdbx_wavelength_list        ? 
# 
_reflns.pdbx_diffrn_id               1 
_reflns.pdbx_ordinal                 1 
_reflns.entry_id                     2WZ9 
_reflns.observed_criterion_sigma_I   0.000 
_reflns.observed_criterion_sigma_F   ? 
_reflns.d_resolution_low             34.470 
_reflns.d_resolution_high            1.550 
_reflns.number_obs                   19534 
_reflns.number_all                   ? 
_reflns.percent_possible_obs         99.8 
_reflns.pdbx_Rmerge_I_obs            0.09000 
_reflns.pdbx_Rsym_value              ? 
_reflns.pdbx_netI_over_sigmaI        9.5000 
_reflns.B_iso_Wilson_estimate        ? 
_reflns.pdbx_redundancy              3.800 
# 
_reflns_shell.pdbx_diffrn_id         1 
_reflns_shell.pdbx_ordinal           1 
_reflns_shell.d_res_high             1.55 
_reflns_shell.d_res_low              1.63 
_reflns_shell.percent_possible_all   99.6 
_reflns_shell.Rmerge_I_obs           0.58000 
_reflns_shell.pdbx_Rsym_value        ? 
_reflns_shell.meanI_over_sigI_obs    2.200 
_reflns_shell.pdbx_redundancy        3.80 
# 
_refine.pdbx_refine_id                           'X-RAY DIFFRACTION' 
_refine.entry_id                                 2WZ9 
_refine.pdbx_diffrn_id                           1 
_refine.pdbx_TLS_residual_ADP_flag               ? 
_refine.ls_number_reflns_obs                     18548 
_refine.ls_number_reflns_all                     ? 
_refine.pdbx_ls_sigma_I                          ? 
_refine.pdbx_ls_sigma_F                          ? 
_refine.pdbx_data_cutoff_high_absF               ? 
_refine.pdbx_data_cutoff_low_absF                ? 
_refine.pdbx_data_cutoff_high_rms_absF           ? 
_refine.ls_d_res_low                             58.60 
_refine.ls_d_res_high                            1.55 
_refine.ls_percent_reflns_obs                    99.7 
_refine.ls_R_factor_obs                          0.156 
_refine.ls_R_factor_all                          ? 
_refine.ls_R_factor_R_work                       0.154 
_refine.ls_R_factor_R_free                       0.179 
_refine.ls_R_factor_R_free_error                 ? 
_refine.ls_R_factor_R_free_error_details         ? 
_refine.ls_percent_reflns_R_free                 5.00 
_refine.ls_number_reflns_R_free                  986 
_refine.ls_number_parameters                     ? 
_refine.ls_number_restraints                     ? 
_refine.occupancy_min                            ? 
_refine.occupancy_max                            ? 
_refine.correlation_coeff_Fo_to_Fc               0.970 
_refine.correlation_coeff_Fo_to_Fc_free          0.964 
_refine.B_iso_mean                               12.37 
_refine.aniso_B[1][1]                            -0.13000 
_refine.aniso_B[2][2]                            0.61000 
_refine.aniso_B[3][3]                            -0.48000 
_refine.aniso_B[1][2]                            0.00000 
_refine.aniso_B[1][3]                            0.00000 
_refine.aniso_B[2][3]                            0.00000 
_refine.solvent_model_details                    MASK 
_refine.solvent_model_param_ksol                 ? 
_refine.solvent_model_param_bsol                 ? 
_refine.pdbx_solvent_vdw_probe_radii             1.40 
_refine.pdbx_solvent_ion_probe_radii             0.80 
_refine.pdbx_solvent_shrinkage_radii             0.80 
_refine.pdbx_ls_cross_valid_method               THROUGHOUT 
_refine.details                                  'HYDROGENS HAVE BEEN ADDED IN THE RIDING POSITIONS' 
_refine.pdbx_starting_model                      'PDB ENTRY 2DIY' 
_refine.pdbx_method_to_determine_struct          'MOLECULAR REPLACEMENT' 
_refine.pdbx_isotropic_thermal_model             ? 
_refine.pdbx_stereochemistry_target_values       'MAXIMUM LIKELIHOOD' 
_refine.pdbx_stereochem_target_val_spec_case     ? 
_refine.pdbx_R_Free_selection_details            RANDOM 
_refine.pdbx_overall_ESU_R                       0.068 
_refine.pdbx_overall_ESU_R_Free                  0.069 
_refine.overall_SU_ML                            0.044 
_refine.pdbx_overall_phase_error                 ? 
_refine.overall_SU_B                             1.253 
_refine.overall_SU_R_Cruickshank_DPI             ? 
_refine.pdbx_overall_SU_R_free_Cruickshank_DPI   ? 
_refine.pdbx_overall_SU_R_Blow_DPI               ? 
_refine.pdbx_overall_SU_R_free_Blow_DPI          ? 
# 
_refine_hist.pdbx_refine_id                   'X-RAY DIFFRACTION' 
_refine_hist.cycle_id                         LAST 
_refine_hist.pdbx_number_atoms_protein        925 
_refine_hist.pdbx_number_atoms_nucleic_acid   0 
_refine_hist.pdbx_number_atoms_ligand         0 
_refine_hist.number_atoms_solvent             142 
_refine_hist.number_atoms_total               1067 
_refine_hist.d_res_high                       1.55 
_refine_hist.d_res_low                        58.60 
# 
loop_
_refine_ls_restr.type 
_refine_ls_restr.dev_ideal 
_refine_ls_restr.dev_ideal_target 
_refine_ls_restr.weight 
_refine_ls_restr.number 
_refine_ls_restr.pdbx_refine_id 
_refine_ls_restr.pdbx_restraint_function 
r_bond_refined_d             0.017  0.022  ? 994  'X-RAY DIFFRACTION' ? 
r_bond_other_d               0.001  0.020  ? 681  'X-RAY DIFFRACTION' ? 
r_angle_refined_deg          1.578  1.966  ? 1344 'X-RAY DIFFRACTION' ? 
r_angle_other_deg            2.394  3.000  ? 1694 'X-RAY DIFFRACTION' ? 
r_dihedral_angle_1_deg       5.900  5.000  ? 121  'X-RAY DIFFRACTION' ? 
r_dihedral_angle_2_deg       33.858 25.435 ? 46   'X-RAY DIFFRACTION' ? 
r_dihedral_angle_3_deg       13.323 15.000 ? 188  'X-RAY DIFFRACTION' ? 
r_dihedral_angle_4_deg       28.510 15.000 ? 4    'X-RAY DIFFRACTION' ? 
r_chiral_restr               0.097  0.200  ? 150  'X-RAY DIFFRACTION' ? 
r_gen_planes_refined         0.008  0.021  ? 1078 'X-RAY DIFFRACTION' ? 
r_gen_planes_other           0.001  0.020  ? 184  'X-RAY DIFFRACTION' ? 
r_nbd_refined                ?      ?      ? ?    'X-RAY DIFFRACTION' ? 
r_nbd_other                  ?      ?      ? ?    'X-RAY DIFFRACTION' ? 
r_nbtor_refined              ?      ?      ? ?    'X-RAY DIFFRACTION' ? 
r_nbtor_other                ?      ?      ? ?    'X-RAY DIFFRACTION' ? 
r_xyhbond_nbd_refined        ?      ?      ? ?    'X-RAY DIFFRACTION' ? 
r_xyhbond_nbd_other          ?      ?      ? ?    'X-RAY DIFFRACTION' ? 
r_metal_ion_refined          ?      ?      ? ?    'X-RAY DIFFRACTION' ? 
r_metal_ion_other            ?      ?      ? ?    'X-RAY DIFFRACTION' ? 
r_symmetry_vdw_refined       ?      ?      ? ?    'X-RAY DIFFRACTION' ? 
r_symmetry_vdw_other         ?      ?      ? ?    'X-RAY DIFFRACTION' ? 
r_symmetry_hbond_refined     ?      ?      ? ?    'X-RAY DIFFRACTION' ? 
r_symmetry_hbond_other       ?      ?      ? ?    'X-RAY DIFFRACTION' ? 
r_symmetry_metal_ion_refined ?      ?      ? ?    'X-RAY DIFFRACTION' ? 
r_symmetry_metal_ion_other   ?      ?      ? ?    'X-RAY DIFFRACTION' ? 
r_mcbond_it                  2.460  3.000  ? 608  'X-RAY DIFFRACTION' ? 
r_mcbond_other               0.743  3.000  ? 238  'X-RAY DIFFRACTION' ? 
r_mcangle_it                 4.377  5.000  ? 991  'X-RAY DIFFRACTION' ? 
r_mcangle_other              ?      ?      ? ?    'X-RAY DIFFRACTION' ? 
r_scbond_it                  7.377  8.000  ? 386  'X-RAY DIFFRACTION' ? 
r_scbond_other               ?      ?      ? ?    'X-RAY DIFFRACTION' ? 
r_scangle_it                 10.027 12.000 ? 352  'X-RAY DIFFRACTION' ? 
r_scangle_other              ?      ?      ? ?    'X-RAY DIFFRACTION' ? 
r_long_range_B_refined       ?      ?      ? ?    'X-RAY DIFFRACTION' ? 
r_long_range_B_other         ?      ?      ? ?    'X-RAY DIFFRACTION' ? 
r_rigid_bond_restr           3.460  3.000  ? 1665 'X-RAY DIFFRACTION' ? 
r_sphericity_free            14.083 3.000  ? 142  'X-RAY DIFFRACTION' ? 
r_sphericity_bonded          5.664  3.000  ? 1643 'X-RAY DIFFRACTION' ? 
# 
_refine_ls_shell.pdbx_refine_id                   'X-RAY DIFFRACTION' 
_refine_ls_shell.pdbx_total_number_of_bins_used   20 
_refine_ls_shell.d_res_high                       1.55 
_refine_ls_shell.d_res_low                        1.59 
_refine_ls_shell.number_reflns_R_work             1356 
_refine_ls_shell.R_factor_R_work                  0.2730 
_refine_ls_shell.percent_reflns_obs               99.03 
_refine_ls_shell.R_factor_R_free                  0.2700 
_refine_ls_shell.R_factor_R_free_error            ? 
_refine_ls_shell.percent_reflns_R_free            ? 
_refine_ls_shell.number_reflns_R_free             72 
_refine_ls_shell.number_reflns_all                ? 
_refine_ls_shell.R_factor_all                     ? 
# 
_struct.entry_id                  2WZ9 
_struct.title                     'Crystal structure of the thioredoxin domain of human TXNL2' 
_struct.pdbx_model_details        ? 
_struct.pdbx_CASP_flag            ? 
_struct.pdbx_model_type_details   ? 
# 
_struct_keywords.entry_id        2WZ9 
_struct_keywords.pdbx_keywords   'PROTEIN BINDING' 
_struct_keywords.text            'PROTEIN BINDING' 
# 
loop_
_struct_asym.id 
_struct_asym.pdbx_blank_PDB_chainid_flag 
_struct_asym.pdbx_modified 
_struct_asym.entity_id 
_struct_asym.details 
A N N 1 ? 
B N N 2 ? 
# 
_struct_biol.id   1 
# 
loop_
_struct_conf.conf_type_id 
_struct_conf.id 
_struct_conf.pdbx_PDB_helix_id 
_struct_conf.beg_label_comp_id 
_struct_conf.beg_label_asym_id 
_struct_conf.beg_label_seq_id 
_struct_conf.pdbx_beg_PDB_ins_code 
_struct_conf.end_label_comp_id 
_struct_conf.end_label_asym_id 
_struct_conf.end_label_seq_id 
_struct_conf.pdbx_end_PDB_ins_code 
_struct_conf.beg_auth_comp_id 
_struct_conf.beg_auth_asym_id 
_struct_conf.beg_auth_seq_id 
_struct_conf.end_auth_comp_id 
_struct_conf.end_auth_asym_id 
_struct_conf.end_auth_seq_id 
_struct_conf.pdbx_PDB_helix_class 
_struct_conf.details 
_struct_conf.pdbx_PDB_helix_length 
HELX_P HELX_P1 1 SER A 19  ? LYS A 30  ? SER A 18  LYS A 29  1 ? 12 
HELX_P HELX_P2 2 ALA A 44  ? LEU A 61  ? ALA A 43  LEU A 60  1 ? 18 
HELX_P HELX_P3 3 VAL A 74  ? TYR A 81  ? VAL A 73  TYR A 80  1 ? 8  
HELX_P HELX_P4 4 HIS A 105 ? ALA A 117 ? HIS A 104 ALA A 116 1 ? 13 
# 
_struct_conf_type.id          HELX_P 
_struct_conf_type.criteria    ? 
_struct_conf_type.reference   ? 
# 
_struct_mon_prot_cis.pdbx_id                1 
_struct_mon_prot_cis.label_comp_id          VAL 
_struct_mon_prot_cis.label_seq_id           86 
_struct_mon_prot_cis.label_asym_id          A 
_struct_mon_prot_cis.label_alt_id           . 
_struct_mon_prot_cis.pdbx_PDB_ins_code      ? 
_struct_mon_prot_cis.auth_comp_id           VAL 
_struct_mon_prot_cis.auth_seq_id            85 
_struct_mon_prot_cis.auth_asym_id           A 
_struct_mon_prot_cis.pdbx_label_comp_id_2   PRO 
_struct_mon_prot_cis.pdbx_label_seq_id_2    87 
_struct_mon_prot_cis.pdbx_label_asym_id_2   A 
_struct_mon_prot_cis.pdbx_PDB_ins_code_2    ? 
_struct_mon_prot_cis.pdbx_auth_comp_id_2    PRO 
_struct_mon_prot_cis.pdbx_auth_seq_id_2     86 
_struct_mon_prot_cis.pdbx_auth_asym_id_2    A 
_struct_mon_prot_cis.pdbx_PDB_model_num     1 
_struct_mon_prot_cis.pdbx_omega_angle       -8.80 
# 
_struct_sheet.id               AA 
_struct_sheet.type             ? 
_struct_sheet.number_strands   5 
_struct_sheet.details          ? 
# 
loop_
_struct_sheet_order.sheet_id 
_struct_sheet_order.range_id_1 
_struct_sheet_order.range_id_2 
_struct_sheet_order.offset 
_struct_sheet_order.sense 
AA 1 2 ? parallel      
AA 2 3 ? parallel      
AA 3 4 ? anti-parallel 
AA 4 5 ? anti-parallel 
# 
loop_
_struct_sheet_range.sheet_id 
_struct_sheet_range.id 
_struct_sheet_range.beg_label_comp_id 
_struct_sheet_range.beg_label_asym_id 
_struct_sheet_range.beg_label_seq_id 
_struct_sheet_range.pdbx_beg_PDB_ins_code 
_struct_sheet_range.end_label_comp_id 
_struct_sheet_range.end_label_asym_id 
_struct_sheet_range.end_label_seq_id 
_struct_sheet_range.pdbx_end_PDB_ins_code 
_struct_sheet_range.beg_auth_comp_id 
_struct_sheet_range.beg_auth_asym_id 
_struct_sheet_range.beg_auth_seq_id 
_struct_sheet_range.end_auth_comp_id 
_struct_sheet_range.end_auth_asym_id 
_struct_sheet_range.end_auth_seq_id 
AA 1 GLU A 15 ? VAL A 17  ? GLU A 14 VAL A 16  
AA 2 SER A 65 ? GLU A 70  ? SER A 64 GLU A 69  
AA 3 LEU A 35 ? TRP A 40  ? LEU A 34 TRP A 39  
AA 4 THR A 88 ? LYS A 93  ? THR A 87 LYS A 92  
AA 5 GLN A 96 ? ASP A 102 ? GLN A 95 ASP A 101 
# 
loop_
_pdbx_struct_sheet_hbond.sheet_id 
_pdbx_struct_sheet_hbond.range_id_1 
_pdbx_struct_sheet_hbond.range_id_2 
_pdbx_struct_sheet_hbond.range_1_label_atom_id 
_pdbx_struct_sheet_hbond.range_1_label_comp_id 
_pdbx_struct_sheet_hbond.range_1_label_asym_id 
_pdbx_struct_sheet_hbond.range_1_label_seq_id 
_pdbx_struct_sheet_hbond.range_1_PDB_ins_code 
_pdbx_struct_sheet_hbond.range_1_auth_atom_id 
_pdbx_struct_sheet_hbond.range_1_auth_comp_id 
_pdbx_struct_sheet_hbond.range_1_auth_asym_id 
_pdbx_struct_sheet_hbond.range_1_auth_seq_id 
_pdbx_struct_sheet_hbond.range_2_label_atom_id 
_pdbx_struct_sheet_hbond.range_2_label_comp_id 
_pdbx_struct_sheet_hbond.range_2_label_asym_id 
_pdbx_struct_sheet_hbond.range_2_label_seq_id 
_pdbx_struct_sheet_hbond.range_2_PDB_ins_code 
_pdbx_struct_sheet_hbond.range_2_auth_atom_id 
_pdbx_struct_sheet_hbond.range_2_auth_comp_id 
_pdbx_struct_sheet_hbond.range_2_auth_asym_id 
_pdbx_struct_sheet_hbond.range_2_auth_seq_id 
AA 1 2 N GLU A 15 ? N GLU A 14 O PHE A 66 ? O PHE A 65 
AA 2 3 N VAL A 67 ? N VAL A 66 O VAL A 36 ? O VAL A 35 
AA 3 4 N PHE A 39 ? N PHE A 38 O THR A 88 ? O THR A 87 
AA 4 5 N LYS A 93 ? N LYS A 92 O GLN A 96 ? O GLN A 95 
# 
_atom_sites.entry_id                    2WZ9 
_atom_sites.fract_transf_matrix[1][1]   -0.00869918 
_atom_sites.fract_transf_matrix[1][2]   0.01738241 
_atom_sites.fract_transf_matrix[1][3]   0.01313218 
_atom_sites.fract_transf_matrix[2][1]   0.01485636 
_atom_sites.fract_transf_matrix[2][2]   -0.00167677 
_atom_sites.fract_transf_matrix[2][3]   0.01206079 
_atom_sites.fract_transf_matrix[3][1]   0.00877347 
_atom_sites.fract_transf_matrix[3][2]   0.01136198 
_atom_sites.fract_transf_matrix[3][3]   -0.00922746 
_atom_sites.fract_transf_vector[1]      0.932499 
_atom_sites.fract_transf_vector[2]      0.818454 
_atom_sites.fract_transf_vector[3]      0.159563 
# 
loop_
_atom_type.symbol 
C 
N 
O 
S 
# 
loop_
_atom_site.group_PDB 
_atom_site.id 
_atom_site.type_symbol 
_atom_site.label_atom_id 
_atom_site.label_alt_id 
_atom_site.label_comp_id 
_atom_site.label_asym_id 
_atom_site.label_entity_id 
_atom_site.label_seq_id 
_atom_site.pdbx_PDB_ins_code 
_atom_site.Cartn_x 
_atom_site.Cartn_y 
_atom_site.Cartn_z 
_atom_site.occupancy 
_atom_site.B_iso_or_equiv 
_atom_site.pdbx_formal_charge 
_atom_site.auth_seq_id 
_atom_site.auth_comp_id 
_atom_site.auth_asym_id 
_atom_site.auth_atom_id 
_atom_site.pdbx_PDB_model_num 
ATOM   1    N N   . ALA A 1 12  ? -4.534  -0.036  -11.798 1.00 56.68 ? 11   ALA A N   1 
ATOM   2    C CA  . ALA A 1 12  ? -5.535  -1.135  -11.720 1.00 56.24 ? 11   ALA A CA  1 
ATOM   3    C C   . ALA A 1 12  ? -6.241  -1.083  -10.360 1.00 56.01 ? 11   ALA A C   1 
ATOM   4    O O   . ALA A 1 12  ? -6.593  -2.127  -9.783  1.00 50.87 ? 11   ALA A O   1 
ATOM   5    C CB  . ALA A 1 12  ? -4.850  -2.490  -11.931 1.00 53.17 ? 11   ALA A CB  1 
ATOM   6    N N   . ALA A 1 13  ? -6.456  0.148   -9.874  1.00 53.52 ? 12   ALA A N   1 
ATOM   7    C CA  . ALA A 1 13  ? -6.689  0.426   -8.446  1.00 44.91 ? 12   ALA A CA  1 
ATOM   8    C C   . ALA A 1 13  ? -5.368  0.219   -7.702  1.00 41.90 ? 12   ALA A C   1 
ATOM   9    O O   . ALA A 1 13  ? -4.850  1.150   -7.066  1.00 38.81 ? 12   ALA A O   1 
ATOM   10   C CB  . ALA A 1 13  ? -7.781  -0.466  -7.877  1.00 41.04 ? 12   ALA A CB  1 
ATOM   11   N N   . VAL A 1 14  ? -4.830  -1.004  -7.807  1.00 31.10 ? 13   VAL A N   1 
ATOM   12   C CA  . VAL A 1 14  ? -3.575  -1.363  -7.164  1.00 22.39 ? 13   VAL A CA  1 
ATOM   13   C C   . VAL A 1 14  ? -2.472  -1.820  -8.179  1.00 19.23 ? 13   VAL A C   1 
ATOM   14   O O   . VAL A 1 14  ? -2.259  -3.011  -8.407  1.00 23.05 ? 13   VAL A O   1 
ATOM   15   C CB  . VAL A 1 14  ? -3.804  -2.414  -6.060  1.00 21.40 ? 13   VAL A CB  1 
ATOM   16   C CG1 . VAL A 1 14  ? -2.541  -2.563  -5.231  1.00 18.98 ? 13   VAL A CG1 1 
ATOM   17   C CG2 . VAL A 1 14  ? -5.024  -1.966  -5.114  1.00 23.22 ? 13   VAL A CG2 1 
ATOM   18   N N   . GLU A 1 15  ? -1.733  -0.837  -8.693  1.00 20.75 ? 14   GLU A N   1 
ATOM   19   C CA  . GLU A 1 15  ? -0.687  -1.073  -9.703  1.00 20.41 ? 14   GLU A CA  1 
ATOM   20   C C   . GLU A 1 15  ? 0.401   -1.944  -9.078  1.00 15.69 ? 14   GLU A C   1 
ATOM   21   O O   . GLU A 1 15  ? 0.641   -1.866  -7.884  1.00 16.76 ? 14   GLU A O   1 
ATOM   22   C CB  . GLU A 1 15  ? -0.113  0.256   -10.197 1.00 24.95 ? 14   GLU A CB  1 
ATOM   23   C CG  . GLU A 1 15  ? 1.092   0.148   -11.118 1.00 49.08 ? 14   GLU A CG  1 
ATOM   24   N N   . GLU A 1 16  ? 1.051   -2.753  -9.900  1.00 13.31 ? 15   GLU A N   1 
ATOM   25   C CA  . GLU A 1 16  ? 2.128   -3.589  -9.449  1.00 12.17 ? 15   GLU A CA  1 
ATOM   26   C C   . GLU A 1 16  ? 3.460   -2.964  -9.893  1.00 15.66 ? 15   GLU A C   1 
ATOM   27   O O   . GLU A 1 16  ? 3.596   -2.474  -11.032 1.00 22.05 ? 15   GLU A O   1 
ATOM   28   C CB  . GLU A 1 16  ? 1.982   -4.988  -9.959  1.00 20.02 ? 15   GLU A CB  1 
ATOM   29   C CG  . GLU A 1 16  ? 3.097   -5.878  -9.433  1.00 32.29 ? 15   GLU A CG  1 
ATOM   30   C CD  . GLU A 1 16  ? 2.665   -7.301  -9.149  1.00 39.32 ? 15   GLU A CD  1 
ATOM   31   O OE1 . GLU A 1 16  ? 1.693   -7.829  -9.781  1.00 24.01 ? 15   GLU A OE1 1 
ATOM   32   O OE2 . GLU A 1 16  ? 3.350   -7.899  -8.296  1.00 19.89 ? 15   GLU A OE2 1 
ATOM   33   N N   . VAL A 1 17  ? 4.413   -2.962  -8.984  1.00 12.12 ? 16   VAL A N   1 
ATOM   34   C CA  . VAL A 1 17  ? 5.780   -2.500  -9.165  1.00 13.99 ? 16   VAL A CA  1 
ATOM   35   C C   . VAL A 1 17  ? 6.642   -3.745  -9.379  1.00 14.86 ? 16   VAL A C   1 
ATOM   36   O O   . VAL A 1 17  ? 6.659   -4.617  -8.528  1.00 15.37 ? 16   VAL A O   1 
ATOM   37   C CB  . VAL A 1 17  ? 6.262   -1.788  -7.885  1.00 17.66 ? 16   VAL A CB  1 
ATOM   38   C CG1 . VAL A 1 17  ? 7.707   -1.312  -8.017  1.00 19.64 ? 16   VAL A CG1 1 
ATOM   39   C CG2 . VAL A 1 17  ? 5.349   -0.598  -7.580  1.00 23.53 ? 16   VAL A CG2 1 
ATOM   40   N N   . GLY A 1 18  ? 7.347   -3.831  -10.504 1.00 19.04 ? 17   GLY A N   1 
ATOM   41   C CA  . GLY A 1 18  ? 8.016   -5.078  -10.879 1.00 19.60 ? 17   GLY A CA  1 
ATOM   42   C C   . GLY A 1 18  ? 9.518   -5.151  -10.749 1.00 19.65 ? 17   GLY A C   1 
ATOM   43   O O   . GLY A 1 18  ? 10.125  -6.169  -11.093 1.00 21.33 ? 17   GLY A O   1 
ATOM   44   N N   . SER A 1 19  ? 10.148  -4.078  -10.294 1.00 17.34 ? 18   SER A N   1 
ATOM   45   C CA  . SER A 1 19  ? 11.597  -4.048  -10.191 1.00 18.09 ? 18   SER A CA  1 
ATOM   46   C C   . SER A 1 19  ? 12.034  -2.983  -9.214  1.00 17.26 ? 18   SER A C   1 
ATOM   47   O O   . SER A 1 19  ? 11.248  -2.079  -8.887  1.00 19.09 ? 18   SER A O   1 
ATOM   48   C CB  . SER A 1 19  ? 12.215  -3.752  -11.594 1.00 18.98 ? 18   SER A CB  1 
ATOM   49   O OG  . SER A 1 19  ? 12.014  -2.395  -11.971 1.00 19.19 ? 18   SER A OG  1 
ATOM   50   N N   . ALA A 1 20  ? 13.265  -3.104  -8.731  1.00 15.44 ? 19   ALA A N   1 
ATOM   51   C CA  . ALA A 1 20  ? 13.887  -2.099  -7.861  1.00 15.14 ? 19   ALA A CA  1 
ATOM   52   C C   . ALA A 1 20  ? 13.906  -0.751  -8.548  1.00 16.94 ? 19   ALA A C   1 
ATOM   53   O O   . ALA A 1 20  ? 13.589  0.280   -7.958  1.00 16.06 ? 19   ALA A O   1 
ATOM   54   C CB  . ALA A 1 20  ? 15.312  -2.512  -7.496  1.00 16.35 ? 19   ALA A CB  1 
ATOM   55   N N   . GLY A 1 21  ? 14.250  -0.754  -9.836  1.00 18.50 ? 20   GLY A N   1 
ATOM   56   C CA  . GLY A 1 21  ? 14.261  0.497   -10.580 1.00 18.35 ? 20   GLY A CA  1 
ATOM   57   C C   . GLY A 1 21  ? 12.928  1.237   -10.640 1.00 14.88 ? 20   GLY A C   1 
ATOM   58   O O   . GLY A 1 21  ? 12.874  2.457   -10.470 1.00 19.01 ? 20   GLY A O   1 
ATOM   59   N N   . GLN A 1 22  ? 11.868  0.503   -10.930 1.00 14.88 ? 21   GLN A N   1 
ATOM   60   C CA  . GLN A 1 22  ? 10.523  1.051   -10.949 1.00 16.50 ? 21   GLN A CA  1 
ATOM   61   C C   . GLN A 1 22  ? 10.159  1.544   -9.547  1.00 15.20 ? 21   GLN A C   1 
ATOM   62   O O   . GLN A 1 22  ? 9.565   2.580   -9.420  1.00 17.17 ? 21   GLN A O   1 
ATOM   63   C CB  . GLN A 1 22  ? 9.519   0.002   -11.371 1.00 17.97 ? 21   GLN A CB  1 
ATOM   64   C CG  . GLN A 1 22  ? 9.558   -0.452  -12.827 1.00 30.04 ? 21   GLN A CG  1 
ATOM   65   C CD  . GLN A 1 22  ? 8.667   -1.686  -13.030 1.00 39.70 ? 21   GLN A CD  1 
ATOM   66   O OE1 . GLN A 1 22  ? 7.558   -1.753  -12.471 1.00 31.08 ? 21   GLN A OE1 1 
ATOM   67   N NE2 . GLN A 1 22  ? 9.163   -2.675  -13.793 1.00 32.26 ? 21   GLN A NE2 1 
ATOM   68   N N   . PHE A 1 23  ? 10.566  0.800   -8.507  1.00 14.44 ? 22   PHE A N   1 
ATOM   69   C CA  . PHE A 1 23  ? 10.238  1.216   -7.143  1.00 11.68 ? 22   PHE A CA  1 
ATOM   70   C C   . PHE A 1 23  ? 10.920  2.536   -6.797  1.00 12.04 ? 22   PHE A C   1 
ATOM   71   O O   . PHE A 1 23  ? 10.272  3.463   -6.247  1.00 17.37 ? 22   PHE A O   1 
ATOM   72   C CB  . PHE A 1 23  ? 10.607  0.095   -6.138  1.00 16.16 ? 22   PHE A CB  1 
ATOM   73   C CG  . PHE A 1 23  ? 10.149  0.368   -4.742  1.00 14.20 ? 22   PHE A CG  1 
ATOM   74   C CD1 . PHE A 1 23  ? 8.834   0.225   -4.430  1.00 20.71 ? 22   PHE A CD1 1 
ATOM   75   C CD2 . PHE A 1 23  ? 11.036  0.793   -3.752  1.00 17.26 ? 22   PHE A CD2 1 
ATOM   76   C CE1 . PHE A 1 23  ? 8.381   0.472   -3.158  1.00 41.72 ? 22   PHE A CE1 1 
ATOM   77   C CE2 . PHE A 1 23  ? 10.576  1.047   -2.473  1.00 16.41 ? 22   PHE A CE2 1 
ATOM   78   C CZ  . PHE A 1 23  ? 9.264   0.871   -2.180  1.00 18.83 ? 22   PHE A CZ  1 
ATOM   79   N N   . GLU A 1 24  ? 12.196  2.633   -7.122  1.00 16.02 ? 23   GLU A N   1 
ATOM   80   C CA  . GLU A 1 24  ? 12.972  3.847   -6.876  1.00 19.66 ? 23   GLU A CA  1 
ATOM   81   C C   . GLU A 1 24  ? 12.340  5.044   -7.571  1.00 14.12 ? 23   GLU A C   1 
ATOM   82   O O   . GLU A 1 24  ? 12.228  6.143   -6.988  1.00 15.34 ? 23   GLU A O   1 
ATOM   83   C CB  . GLU A 1 24  ? 14.428  3.654   -7.329  1.00 17.88 ? 23   GLU A CB  1 
ATOM   84   C CG  . GLU A 1 24  ? 15.269  2.650   -6.495  1.00 22.65 ? 23   GLU A CG  1 
ATOM   85   C CD  . GLU A 1 24  ? 16.459  2.026   -7.291  1.00 36.19 ? 23   GLU A CD  1 
ATOM   86   O OE1 . GLU A 1 24  ? 16.793  2.488   -8.406  1.00 31.45 ? 23   GLU A OE1 1 
ATOM   87   O OE2 . GLU A 1 24  ? 17.062  1.040   -6.820  1.00 31.18 ? 23   GLU A OE2 1 
ATOM   88   N N   . GLU A 1 25  ? 11.918  4.842   -8.812  1.00 14.91 ? 24   GLU A N   1 
ATOM   89   C CA  . GLU A 1 25  ? 11.289  5.912   -9.588  1.00 19.27 ? 24   GLU A CA  1 
ATOM   90   C C   . GLU A 1 25  ? 9.940   6.315   -8.989  1.00 19.60 ? 24   GLU A C   1 
ATOM   91   O O   . GLU A 1 25  ? 9.617   7.496   -8.912  1.00 16.54 ? 24   GLU A O   1 
ATOM   92   C CB  . GLU A 1 25  ? 11.082  5.465   -11.029 1.00 19.93 ? 24   GLU A CB  1 
ATOM   93   C CG  . GLU A 1 25  ? 10.593  6.549   -11.973 1.00 36.45 ? 24   GLU A CG  1 
ATOM   94   C CD  . GLU A 1 25  ? 11.513  7.789   -11.990 1.00 37.32 ? 24   GLU A CD  1 
ATOM   95   O OE1 . GLU A 1 25  ? 12.740  7.658   -11.767 1.00 35.93 ? 24   GLU A OE1 1 
ATOM   96   O OE2 . GLU A 1 25  ? 10.994  8.899   -12.220 1.00 61.39 ? 24   GLU A OE2 1 
ATOM   97   N N   . LEU A 1 26  ? 9.163   5.315   -8.567  1.00 18.42 ? 25   LEU A N   1 
ATOM   98   C CA  . LEU A 1 26  ? 7.895   5.566   -7.922  1.00 15.98 ? 25   LEU A CA  1 
ATOM   99   C C   . LEU A 1 26  ? 7.999   6.422   -6.670  1.00 16.61 ? 25   LEU A C   1 
ATOM   100  O O   . LEU A 1 26  ? 7.201   7.337   -6.486  1.00 17.24 ? 25   LEU A O   1 
ATOM   101  C CB  . LEU A 1 26  ? 7.224   4.232   -7.564  1.00 19.10 ? 25   LEU A CB  1 
ATOM   102  C CG  . LEU A 1 26  ? 5.786   4.344   -7.022  1.00 20.87 ? 25   LEU A CG  1 
ATOM   103  C CD1 . LEU A 1 26  ? 4.828   4.871   -8.079  1.00 26.85 ? 25   LEU A CD1 1 
ATOM   104  C CD2 . LEU A 1 26  ? 5.345   2.971   -6.508  1.00 22.33 ? 25   LEU A CD2 1 
ATOM   105  N N   . LEU A 1 27  ? 8.957   6.106   -5.810  1.00 16.77 ? 26   LEU A N   1 
ATOM   106  C CA  . LEU A 1 27  ? 9.170   6.853   -4.606  1.00 14.93 ? 26   LEU A CA  1 
ATOM   107  C C   . LEU A 1 27  ? 9.446   8.319   -4.950  1.00 19.19 ? 26   LEU A C   1 
ATOM   108  O O   . LEU A 1 27  ? 8.966   9.223   -4.267  1.00 16.30 ? 26   LEU A O   1 
ATOM   109  C CB  . LEU A 1 27  ? 10.348  6.271   -3.805  1.00 15.87 ? 26   LEU A CB  1 
ATOM   110  C CG  . LEU A 1 27  ? 10.170  5.040   -2.921  1.00 27.13 ? 26   LEU A CG  1 
ATOM   111  C CD1 . LEU A 1 27  ? 11.442  4.773   -2.075  1.00 18.64 ? 26   LEU A CD1 1 
ATOM   112  C CD2 . LEU A 1 27  ? 9.005   5.208   -2.014  1.00 21.51 ? 26   LEU A CD2 1 
ATOM   113  N N   . ARG A 1 28  ? 10.256  8.532   -5.995  1.00 14.82 ? 27   ARG A N   1 
ATOM   114  C CA  . ARG A 1 28  ? 10.582  9.890   -6.451  1.00 20.08 ? 27   ARG A CA  1 
ATOM   115  C C   . ARG A 1 28  ? 9.342   10.569  -6.990  1.00 14.99 ? 27   ARG A C   1 
ATOM   116  O O   . ARG A 1 28  ? 9.080   11.722  -6.609  1.00 19.81 ? 27   ARG A O   1 
ATOM   117  C CB  . ARG A 1 28  ? 11.691  9.870   -7.536  1.00 23.92 ? 27   ARG A CB  1 
ATOM   118  C CG  . ARG A 1 28  ? 12.143  11.265  -8.019  1.00 29.25 ? 27   ARG A CG  1 
ATOM   119  C CD  . ARG A 1 28  ? 13.084  11.175  -9.235  1.00 32.21 ? 27   ARG A CD  1 
ATOM   120  N NE  . ARG A 1 28  ? 12.389  10.881  -10.484 1.00 52.39 ? 27   ARG A NE  1 
ATOM   121  C CZ  . ARG A 1 28  ? 11.670  11.762  -11.180 1.00 62.63 ? 27   ARG A CZ  1 
ATOM   122  N NH1 . ARG A 1 28  ? 11.525  13.014  -10.757 1.00 73.89 ? 27   ARG A NH1 1 
ATOM   123  N NH2 . ARG A 1 28  ? 11.082  11.389  -12.310 1.00 77.82 ? 27   ARG A NH2 1 
ATOM   124  N N   . LEU A 1 29  ? 8.602   9.902   -7.880  1.00 18.41 ? 28   LEU A N   1 
ATOM   125  C CA  . LEU A 1 29  ? 7.395   10.463  -8.527  1.00 21.77 ? 28   LEU A CA  1 
ATOM   126  C C   . LEU A 1 29  ? 6.324   10.859  -7.508  1.00 20.12 ? 28   LEU A C   1 
ATOM   127  O O   . LEU A 1 29  ? 5.686   11.892  -7.644  1.00 20.81 ? 28   LEU A O   1 
ATOM   128  C CB  . LEU A 1 29  ? 6.749   9.471   -9.500  1.00 24.93 ? 28   LEU A CB  1 
ATOM   129  C CG  A LEU A 1 29  ? 7.045   9.622   -10.990 0.50 53.92 ? 28   LEU A CG  1 
ATOM   130  C CG  B LEU A 1 29  ? 7.172   9.653   -10.963 0.50 48.22 ? 28   LEU A CG  1 
ATOM   131  C CD1 A LEU A 1 29  ? 8.513   9.439   -11.274 0.50 56.25 ? 28   LEU A CD1 1 
ATOM   132  C CD1 B LEU A 1 29  ? 7.039   8.350   -11.762 0.50 42.99 ? 28   LEU A CD1 1 
ATOM   133  C CD2 A LEU A 1 29  ? 6.195   8.641   -11.801 0.50 68.71 ? 28   LEU A CD2 1 
ATOM   134  C CD2 B LEU A 1 29  ? 6.374   10.795  -11.609 0.50 45.75 ? 28   LEU A CD2 1 
ATOM   135  N N   . LYS A 1 30  ? 6.175   10.038  -6.464  1.00 18.69 ? 29   LYS A N   1 
ATOM   136  C CA  . LYS A 1 30  ? 5.110   10.218  -5.475  1.00 20.72 ? 29   LYS A CA  1 
ATOM   137  C C   . LYS A 1 30  ? 5.578   10.926  -4.211  1.00 20.79 ? 29   LYS A C   1 
ATOM   138  O O   . LYS A 1 30  ? 4.866   10.962  -3.209  1.00 20.77 ? 29   LYS A O   1 
ATOM   139  C CB  . LYS A 1 30  ? 4.507   8.819   -5.136  1.00 18.42 ? 29   LYS A CB  1 
ATOM   140  C CG  . LYS A 1 30  ? 3.902   8.063   -6.318  1.00 25.62 ? 29   LYS A CG  1 
ATOM   141  C CD  . LYS A 1 30  ? 2.805   8.886   -6.989  1.00 27.54 ? 29   LYS A CD  1 
ATOM   142  C CE  . LYS A 1 30  ? 2.132   8.116   -8.100  1.00 36.56 ? 29   LYS A CE  1 
ATOM   143  N NZ  . LYS A 1 30  ? 1.145   9.000   -8.771  1.00 51.67 ? 29   LYS A NZ  1 
ATOM   144  N N   . ALA A 1 31  ? 6.762   11.528  -4.245  1.00 16.33 ? 30   ALA A N   1 
ATOM   145  C CA  . ALA A 1 31  ? 7.343   12.147  -3.067  1.00 16.26 ? 30   ALA A CA  1 
ATOM   146  C C   . ALA A 1 31  ? 6.438   13.088  -2.278  1.00 19.89 ? 30   ALA A C   1 
ATOM   147  O O   . ALA A 1 31  ? 6.513   13.115  -1.050  1.00 21.69 ? 30   ALA A O   1 
ATOM   148  C CB  . ALA A 1 31  ? 8.655   12.864  -3.409  1.00 23.99 ? 30   ALA A CB  1 
ATOM   149  N N   . LYS A 1 32  ? 5.599   13.859  -2.977  1.00 20.77 ? 31   LYS A N   1 
ATOM   150  C CA  . LYS A 1 32  ? 4.802   14.897  -2.331  1.00 25.95 ? 31   LYS A CA  1 
ATOM   151  C C   . LYS A 1 32  ? 3.424   14.411  -1.870  1.00 26.13 ? 31   LYS A C   1 
ATOM   152  O O   . LYS A 1 32  ? 2.606   15.182  -1.369  1.00 28.90 ? 31   LYS A O   1 
ATOM   153  C CB  . LYS A 1 32  ? 4.700   16.098  -3.268  1.00 24.99 ? 31   LYS A CB  1 
ATOM   154  C CG  . LYS A 1 32  ? 6.073   16.798  -3.439  1.00 27.12 ? 31   LYS A CG  1 
ATOM   155  N N   . SER A 1 33  ? 3.177   13.111  -1.979  1.00 18.88 ? 32   SER A N   1 
ATOM   156  C CA  . SER A 1 33  ? 1.939   12.568  -1.444  1.00 19.92 ? 32   SER A CA  1 
ATOM   157  C C   . SER A 1 33  ? 2.223   11.253  -0.679  1.00 15.86 ? 32   SER A C   1 
ATOM   158  O O   . SER A 1 33  ? 3.358   10.792  -0.627  1.00 16.86 ? 32   SER A O   1 
ATOM   159  C CB  . SER A 1 33  ? 0.958   12.361  -2.575  1.00 21.92 ? 32   SER A CB  1 
ATOM   160  O OG  . SER A 1 33  ? 1.480   11.479  -3.533  1.00 35.57 ? 32   SER A OG  1 
ATOM   161  N N   . LEU A 1 34  ? 1.189   10.707  -0.057  1.00 12.50 ? 33   LEU A N   1 
ATOM   162  C CA  . LEU A 1 34  ? 1.300   9.396   0.591   1.00 9.00  ? 33   LEU A CA  1 
ATOM   163  C C   . LEU A 1 34  ? 1.264   8.257   -0.433  1.00 9.55  ? 33   LEU A C   1 
ATOM   164  O O   . LEU A 1 34  ? 0.403   8.184   -1.305  1.00 9.98  ? 33   LEU A O   1 
ATOM   165  C CB  . LEU A 1 34  ? 0.174   9.234   1.590   1.00 9.88  ? 33   LEU A CB  1 
ATOM   166  C CG  . LEU A 1 34  ? 0.151   7.960   2.435   1.00 9.57  ? 33   LEU A CG  1 
ATOM   167  C CD1 . LEU A 1 34  ? 1.397   7.815   3.364   1.00 11.30 ? 33   LEU A CD1 1 
ATOM   168  C CD2 . LEU A 1 34  ? -1.152  7.863   3.232   1.00 10.88 ? 33   LEU A CD2 1 
ATOM   169  N N   . LEU A 1 35  ? 2.205   7.338   -0.247  1.00 9.19  ? 34   LEU A N   1 
ATOM   170  C CA  . LEU A 1 35  ? 2.309   6.102   -0.994  1.00 8.62  ? 34   LEU A CA  1 
ATOM   171  C C   . LEU A 1 35  ? 2.255   4.934   -0.017  1.00 8.56  ? 34   LEU A C   1 
ATOM   172  O O   . LEU A 1 35  ? 2.950   4.914   0.989   1.00 10.09 ? 34   LEU A O   1 
ATOM   173  C CB  . LEU A 1 35  ? 3.620   6.090   -1.773  1.00 8.57  ? 34   LEU A CB  1 
ATOM   174  C CG  . LEU A 1 35  ? 3.971   4.746   -2.421  1.00 11.16 ? 34   LEU A CG  1 
ATOM   175  C CD1 . LEU A 1 35  ? 3.132   4.470   -3.585  1.00 11.38 ? 34   LEU A CD1 1 
ATOM   176  C CD2 . LEU A 1 35  ? 5.457   4.798   -2.885  1.00 14.73 ? 34   LEU A CD2 1 
ATOM   177  N N   . VAL A 1 36  ? 1.345   3.995   -0.308  1.00 8.61  ? 35   VAL A N   1 
ATOM   178  C CA  . VAL A 1 36  ? 1.161   2.772   0.475   1.00 5.84  ? 35   VAL A CA  1 
ATOM   179  C C   . VAL A 1 36  ? 1.547   1.588   -0.424  1.00 6.84  ? 35   VAL A C   1 
ATOM   180  O O   . VAL A 1 36  ? 0.927   1.404   -1.478  1.00 9.02  ? 35   VAL A O   1 
ATOM   181  C CB  . VAL A 1 36  ? -0.297  2.634   0.979   1.00 6.68  ? 35   VAL A CB  1 
ATOM   182  C CG1 . VAL A 1 36  ? -0.496  1.358   1.793   1.00 11.12 ? 35   VAL A CG1 1 
ATOM   183  C CG2 . VAL A 1 36  ? -0.668  3.900   1.799   1.00 7.45  ? 35   VAL A CG2 1 
ATOM   184  N N   . VAL A 1 37  ? 2.516   0.791   0.036   1.00 8.48  ? 36   VAL A N   1 
ATOM   185  C CA  . VAL A 1 37  ? 3.042   -0.332  -0.691  1.00 7.60  ? 36   VAL A CA  1 
ATOM   186  C C   . VAL A 1 37  ? 2.695   -1.630  0.036   1.00 7.33  ? 36   VAL A C   1 
ATOM   187  O O   . VAL A 1 37  ? 3.065   -1.829  1.172   1.00 7.62  ? 36   VAL A O   1 
ATOM   188  C CB  . VAL A 1 37  ? 4.569   -0.256  -0.902  1.00 8.02  ? 36   VAL A CB  1 
ATOM   189  C CG1 . VAL A 1 37  ? 5.012   -1.465  -1.757  1.00 10.40 ? 36   VAL A CG1 1 
ATOM   190  C CG2 . VAL A 1 37  ? 4.949   1.073   -1.585  1.00 12.46 ? 36   VAL A CG2 1 
ATOM   191  N N   . HIS A 1 38  ? 1.902   -2.476  -0.636  1.00 8.05  ? 37   HIS A N   1 
ATOM   192  C CA  . HIS A 1 38  ? 1.590   -3.824  -0.176  1.00 7.58  ? 37   HIS A CA  1 
ATOM   193  C C   . HIS A 1 38  ? 2.660   -4.764  -0.747  1.00 5.73  ? 37   HIS A C   1 
ATOM   194  O O   . HIS A 1 38  ? 2.646   -5.112  -1.942  1.00 7.37  ? 37   HIS A O   1 
ATOM   195  C CB  . HIS A 1 38  ? 0.212   -4.201  -0.669  1.00 7.20  ? 37   HIS A CB  1 
ATOM   196  C CG  . HIS A 1 38  ? -0.229  -5.608  -0.361  1.00 5.48  ? 37   HIS A CG  1 
ATOM   197  N ND1 . HIS A 1 38  ? -1.312  -6.178  -1.010  1.00 7.38  ? 37   HIS A ND1 1 
ATOM   198  C CD2 . HIS A 1 38  ? 0.159   -6.500  0.583   1.00 6.82  ? 37   HIS A CD2 1 
ATOM   199  C CE1 . HIS A 1 38  ? -1.518  -7.381  -0.510  1.00 7.70  ? 37   HIS A CE1 1 
ATOM   200  N NE2 . HIS A 1 38  ? -0.635  -7.615  0.445   1.00 6.65  ? 37   HIS A NE2 1 
ATOM   201  N N   . PHE A 1 39  ? 3.519   -5.253  0.130   1.00 6.56  ? 38   PHE A N   1 
ATOM   202  C CA  . PHE A 1 39  ? 4.437   -6.323  -0.187  1.00 7.29  ? 38   PHE A CA  1 
ATOM   203  C C   . PHE A 1 39  ? 3.602   -7.613  -0.081  1.00 7.26  ? 38   PHE A C   1 
ATOM   204  O O   . PHE A 1 39  ? 3.058   -7.950  1.011   1.00 6.68  ? 38   PHE A O   1 
ATOM   205  C CB  . PHE A 1 39  ? 5.652   -6.327  0.764   1.00 6.85  ? 38   PHE A CB  1 
ATOM   206  C CG  . PHE A 1 39  ? 6.624   -5.240  0.516   1.00 8.62  ? 38   PHE A CG  1 
ATOM   207  C CD1 . PHE A 1 39  ? 7.753   -5.497  -0.224  1.00 10.82 ? 38   PHE A CD1 1 
ATOM   208  C CD2 . PHE A 1 39  ? 6.398   -3.958  0.950   1.00 10.89 ? 38   PHE A CD2 1 
ATOM   209  C CE1 . PHE A 1 39  ? 8.683   -4.500  -0.494  1.00 11.10 ? 38   PHE A CE1 1 
ATOM   210  C CE2 . PHE A 1 39  ? 7.351   -2.942  0.701   1.00 11.62 ? 38   PHE A CE2 1 
ATOM   211  C CZ  . PHE A 1 39  ? 8.464   -3.224  -0.041  1.00 11.73 ? 38   PHE A CZ  1 
ATOM   212  N N   . TRP A 1 40  ? 3.480   -8.317  -1.199  1.00 8.38  ? 39   TRP A N   1 
ATOM   213  C CA  . TRP A 1 40  ? 2.494   -9.374  -1.361  1.00 7.05  ? 39   TRP A CA  1 
ATOM   214  C C   . TRP A 1 40  ? 3.107   -10.608 -2.012  1.00 6.39  ? 39   TRP A C   1 
ATOM   215  O O   . TRP A 1 40  ? 4.229   -10.587 -2.489  1.00 7.49  ? 39   TRP A O   1 
ATOM   216  C CB  . TRP A 1 40  ? 1.279   -8.939  -2.167  1.00 7.55  ? 39   TRP A CB  1 
ATOM   217  C CG  . TRP A 1 40  ? 1.388   -8.940  -3.660  1.00 9.65  ? 39   TRP A CG  1 
ATOM   218  C CD1 . TRP A 1 40  ? 2.319   -8.304  -4.422  1.00 11.32 ? 39   TRP A CD1 1 
ATOM   219  C CD2 . TRP A 1 40  ? 0.519   -9.621  -4.589  1.00 6.87  ? 39   TRP A CD2 1 
ATOM   220  N NE1 . TRP A 1 40  ? 2.098   -8.556  -5.769  1.00 11.02 ? 39   TRP A NE1 1 
ATOM   221  C CE2 . TRP A 1 40  ? 0.978   -9.335  -5.889  1.00 9.02  ? 39   TRP A CE2 1 
ATOM   222  C CE3 . TRP A 1 40  ? -0.626  -10.419 -4.452  1.00 9.48  ? 39   TRP A CE3 1 
ATOM   223  C CZ2 . TRP A 1 40  ? 0.332   -9.814  -7.026  1.00 9.94  ? 39   TRP A CZ2 1 
ATOM   224  C CZ3 . TRP A 1 40  ? -1.224  -10.905 -5.558  1.00 8.63  ? 39   TRP A CZ3 1 
ATOM   225  C CH2 . TRP A 1 40  ? -0.776  -10.597 -6.847  1.00 9.65  ? 39   TRP A CH2 1 
ATOM   226  N N   . ALA A 1 41  ? 2.343   -11.679 -1.977  1.00 6.20  ? 40   ALA A N   1 
ATOM   227  C CA  . ALA A 1 41  ? 2.616   -12.899 -2.729  1.00 6.49  ? 40   ALA A CA  1 
ATOM   228  C C   . ALA A 1 41  ? 1.330   -13.355 -3.395  1.00 5.90  ? 40   ALA A C   1 
ATOM   229  O O   . ALA A 1 41  ? 0.279   -13.352 -2.767  1.00 7.59  ? 40   ALA A O   1 
ATOM   230  C CB  . ALA A 1 41  ? 3.118   -14.001 -1.820  1.00 7.53  ? 40   ALA A CB  1 
ATOM   231  N N   . PRO A 1 42  ? 1.410   -13.775 -4.660  1.00 6.60  ? 41   PRO A N   1 
ATOM   232  C CA  . PRO A 1 42  ? 0.204   -14.237 -5.345  1.00 9.00  ? 41   PRO A CA  1 
ATOM   233  C C   . PRO A 1 42  ? -0.360  -15.531 -4.857  1.00 8.12  ? 41   PRO A C   1 
ATOM   234  O O   . PRO A 1 42  ? -1.486  -15.823 -5.236  1.00 8.99  ? 41   PRO A O   1 
ATOM   235  C CB  . PRO A 1 42  ? 0.647   -14.361 -6.818  1.00 11.59 ? 41   PRO A CB  1 
ATOM   236  C CG  . PRO A 1 42  ? 2.069   -14.292 -6.817  1.00 18.70 ? 41   PRO A CG  1 
ATOM   237  C CD  . PRO A 1 42  ? 2.544   -13.595 -5.583  1.00 9.00  ? 41   PRO A CD  1 
ATOM   238  N N   . TRP A 1 43  ? 0.358   -16.250 -4.004  1.00 8.28  ? 42   TRP A N   1 
ATOM   239  C CA  . TRP A 1 43  ? -0.099  -17.510 -3.434  1.00 9.34  ? 42   TRP A CA  1 
ATOM   240  C C   . TRP A 1 43  ? -0.695  -17.350 -2.043  1.00 8.41  ? 42   TRP A C   1 
ATOM   241  O O   . TRP A 1 43  ? -1.183  -18.305 -1.482  1.00 9.45  ? 42   TRP A O   1 
ATOM   242  C CB  . TRP A 1 43  ? 1.030   -18.506 -3.406  1.00 9.36  ? 42   TRP A CB  1 
ATOM   243  C CG  . TRP A 1 43  ? 2.314   -17.989 -2.806  1.00 9.16  ? 42   TRP A CG  1 
ATOM   244  C CD1 . TRP A 1 43  ? 3.446   -17.636 -3.481  1.00 10.50 ? 42   TRP A CD1 1 
ATOM   245  C CD2 . TRP A 1 43  ? 2.633   -17.884 -1.408  1.00 6.11  ? 42   TRP A CD2 1 
ATOM   246  N NE1 . TRP A 1 43  ? 4.432   -17.243 -2.581  1.00 9.48  ? 42   TRP A NE1 1 
ATOM   247  C CE2 . TRP A 1 43  ? 3.962   -17.385 -1.312  1.00 8.91  ? 42   TRP A CE2 1 
ATOM   248  C CE3 . TRP A 1 43  ? 1.916   -18.106 -0.221  1.00 8.35  ? 42   TRP A CE3 1 
ATOM   249  C CZ2 . TRP A 1 43  ? 4.587   -17.142 -0.087  1.00 11.51 ? 42   TRP A CZ2 1 
ATOM   250  C CZ3 . TRP A 1 43  ? 2.536   -17.867 1.024   1.00 11.01 ? 42   TRP A CZ3 1 
ATOM   251  C CH2 . TRP A 1 43  ? 3.865   -17.374 1.070   1.00 10.42 ? 42   TRP A CH2 1 
ATOM   252  N N   . ALA A 1 44  ? -0.615  -16.140 -1.458  1.00 6.98  ? 43   ALA A N   1 
ATOM   253  C CA  . ALA A 1 44  ? -0.977  -15.909 -0.048  1.00 5.41  ? 43   ALA A CA  1 
ATOM   254  C C   . ALA A 1 44  ? -2.410  -15.473 0.061   1.00 6.57  ? 43   ALA A C   1 
ATOM   255  O O   . ALA A 1 44  ? -2.780  -14.397 -0.457  1.00 6.00  ? 43   ALA A O   1 
ATOM   256  C CB  . ALA A 1 44  ? -0.055  -14.871 0.590   1.00 6.70  ? 43   ALA A CB  1 
ATOM   257  N N   . PRO A 1 45  ? -3.282  -16.273 0.735   1.00 6.52  ? 44   PRO A N   1 
ATOM   258  C CA  . PRO A 1 45  ? -4.687  -15.871 0.820   1.00 6.29  ? 44   PRO A CA  1 
ATOM   259  C C   . PRO A 1 45  ? -4.846  -14.545 1.613   1.00 6.89  ? 44   PRO A C   1 
ATOM   260  O O   . PRO A 1 45  ? -5.771  -13.778 1.348   1.00 6.89  ? 44   PRO A O   1 
ATOM   261  C CB  . PRO A 1 45  ? -5.336  -17.037 1.559   1.00 8.91  ? 44   PRO A CB  1 
ATOM   262  C CG  . PRO A 1 45  ? -4.227  -17.692 2.292   1.00 9.13  ? 44   PRO A CG  1 
ATOM   263  C CD  . PRO A 1 45  ? -3.017  -17.545 1.449   1.00 9.72  ? 44   PRO A CD  1 
ATOM   264  N N   . GLN A 1 46  ? -3.929  -14.295 2.538   1.00 6.91  ? 45   GLN A N   1 
ATOM   265  C CA  . GLN A 1 46  ? -3.851  -13.038 3.271   1.00 6.36  ? 45   GLN A CA  1 
ATOM   266  C C   . GLN A 1 46  ? -3.842  -11.835 2.322   1.00 7.23  ? 45   GLN A C   1 
ATOM   267  O O   . GLN A 1 46  ? -4.463  -10.784 2.564   1.00 7.45  ? 45   GLN A O   1 
ATOM   268  C CB  . GLN A 1 46  ? -2.595  -12.978 4.136   1.00 6.76  ? 45   GLN A CB  1 
ATOM   269  C CG  . GLN A 1 46  ? -2.523  -14.103 5.216   1.00 9.00  ? 45   GLN A CG  1 
ATOM   270  C CD  . GLN A 1 46  ? -1.831  -15.368 4.742   1.00 7.17  ? 45   GLN A CD  1 
ATOM   271  O OE1 . GLN A 1 46  ? -1.668  -15.599 3.537   1.00 7.47  ? 45   GLN A OE1 1 
ATOM   272  N NE2 . GLN A 1 46  ? -1.451  -16.246 5.713   1.00 6.52  ? 45   GLN A NE2 1 
ATOM   273  N N   . CYS A 1 47  ? -3.054  -11.965 1.263   1.00 6.78  ? 46   CYS A N   1 
ATOM   274  C CA  . CYS A 1 47  ? -2.878  -10.901 0.316   1.00 4.91  ? 46   CYS A CA  1 
ATOM   275  C C   . CYS A 1 47  ? -4.037  -10.736 -0.610  1.00 8.00  ? 46   CYS A C   1 
ATOM   276  O O   . CYS A 1 47  ? -4.271  -9.630  -1.119  1.00 7.00  ? 46   CYS A O   1 
ATOM   277  C CB  . CYS A 1 47  ? -1.564  -11.131 -0.458  1.00 7.82  ? 46   CYS A CB  1 
ATOM   278  S SG  . CYS A 1 47  ? -0.068  -11.047 0.560   1.00 8.38  ? 46   CYS A SG  1 
ATOM   279  N N   . ALA A 1 48  ? -4.783  -11.793 -0.884  1.00 8.31  ? 47   ALA A N   1 
ATOM   280  C CA  . ALA A 1 48  ? -5.996  -11.664 -1.660  1.00 6.62  ? 47   ALA A CA  1 
ATOM   281  C C   . ALA A 1 48  ? -7.020  -10.859 -0.884  1.00 5.94  ? 47   ALA A C   1 
ATOM   282  O O   . ALA A 1 48  ? -7.631  -9.928  -1.429  1.00 8.41  ? 47   ALA A O   1 
ATOM   283  C CB  . ALA A 1 48  ? -6.579  -13.054 -2.013  1.00 7.24  ? 47   ALA A CB  1 
ATOM   284  N N   . GLN A 1 49  ? -7.160  -11.169 0.403   1.00 8.47  ? 48   GLN A N   1 
ATOM   285  C CA  . GLN A 1 49  ? -8.028  -10.400 1.276   1.00 6.22  ? 48   GLN A CA  1 
ATOM   286  C C   . GLN A 1 49  ? -7.603  -8.914  1.262   1.00 9.55  ? 48   GLN A C   1 
ATOM   287  O O   . GLN A 1 49  ? -8.394  -7.990  1.087   1.00 8.87  ? 48   GLN A O   1 
ATOM   288  C CB  . GLN A 1 49  ? -7.911  -10.922 2.724   1.00 5.85  ? 48   GLN A CB  1 
ATOM   289  C CG  . GLN A 1 49  ? -8.820  -10.153 3.662   1.00 12.10 ? 48   GLN A CG  1 
ATOM   290  C CD  . GLN A 1 49  ? -8.490  -10.294 5.133   1.00 23.62 ? 48   GLN A CD  1 
ATOM   291  O OE1 . GLN A 1 49  ? -7.661  -11.082 5.528   1.00 16.18 ? 48   GLN A OE1 1 
ATOM   292  N NE2 . GLN A 1 49  ? -9.123  -9.456  5.953   1.00 31.06 ? 48   GLN A NE2 1 
ATOM   293  N N   . MET A 1 50  ? -6.316  -8.682  1.440   1.00 6.63  ? 49   MET A N   1 
ATOM   294  C CA  . MET A 1 50  ? -5.859  -7.287  1.622   1.00 7.54  ? 49   MET A CA  1 
ATOM   295  C C   . MET A 1 50  ? -5.810  -6.465  0.334   1.00 8.95  ? 49   MET A C   1 
ATOM   296  O O   . MET A 1 50  ? -5.940  -5.251  0.379   1.00 8.05  ? 49   MET A O   1 
ATOM   297  C CB  . MET A 1 50  ? -4.524  -7.258  2.316   1.00 6.40  ? 49   MET A CB  1 
ATOM   298  C CG  . MET A 1 50  ? -4.546  -7.749  3.734   1.00 9.48  ? 49   MET A CG  1 
ATOM   299  S SD  . MET A 1 50  ? -5.760  -7.020  4.845   1.00 9.33  ? 49   MET A SD  1 
ATOM   300  C CE  . MET A 1 50  ? -5.053  -5.413  5.044   1.00 11.55 ? 49   MET A CE  1 
ATOM   301  N N   . ASN A 1 51  ? -5.644  -7.116  -0.815  1.00 7.33  ? 50   ASN A N   1 
ATOM   302  C CA  . ASN A 1 51  ? -5.761  -6.429  -2.089  1.00 8.32  ? 50   ASN A CA  1 
ATOM   303  C C   . ASN A 1 51  ? -7.146  -5.904  -2.318  1.00 8.48  ? 50   ASN A C   1 
ATOM   304  O O   . ASN A 1 51  ? -7.313  -4.877  -2.981  1.00 9.91  ? 50   ASN A O   1 
ATOM   305  C CB  . ASN A 1 51  ? -5.290  -7.288  -3.277  1.00 6.11  ? 50   ASN A CB  1 
ATOM   306  C CG  . ASN A 1 51  ? -3.764  -7.250  -3.448  1.00 7.58  ? 50   ASN A CG  1 
ATOM   307  O OD1 . ASN A 1 51  ? -3.112  -6.233  -3.160  1.00 11.26 ? 50   ASN A OD1 1 
ATOM   308  N ND2 . ASN A 1 51  ? -3.202  -8.340  -4.022  1.00 11.55 ? 50   ASN A ND2 1 
ATOM   309  N N   . GLU A 1 52  ? -8.142  -6.608  -1.826  1.00 8.44  ? 51   GLU A N   1 
ATOM   310  C CA  . GLU A 1 52  ? -9.523  -6.150  -1.957  1.00 10.62 ? 51   GLU A CA  1 
ATOM   311  C C   . GLU A 1 52  ? -9.696  -4.904  -1.089  1.00 11.19 ? 51   GLU A C   1 
ATOM   312  O O   . GLU A 1 52  ? -10.308 -3.948  -1.502  1.00 10.38 ? 51   GLU A O   1 
ATOM   313  C CB  . GLU A 1 52  ? -10.495 -7.200  -1.498  1.00 13.15 ? 51   GLU A CB  1 
ATOM   314  C CG  A GLU A 1 52  ? -10.653 -8.407  -2.433  0.25 8.19  ? 51   GLU A CG  1 
ATOM   315  C CG  B GLU A 1 52  ? -11.021 -8.194  -2.466  0.75 50.03 ? 51   GLU A CG  1 
ATOM   316  C CD  A GLU A 1 52  ? -11.097 -8.082  -3.863  0.25 16.30 ? 51   GLU A CD  1 
ATOM   317  C CD  B GLU A 1 52  ? -12.347 -8.750  -1.944  0.75 40.36 ? 51   GLU A CD  1 
ATOM   318  O OE1 A GLU A 1 52  ? -11.882 -7.135  -4.070  0.25 20.63 ? 51   GLU A OE1 1 
ATOM   319  O OE1 B GLU A 1 52  ? -12.313 -9.826  -1.331  0.75 48.85 ? 51   GLU A OE1 1 
ATOM   320  O OE2 A GLU A 1 52  ? -10.662 -8.803  -4.785  0.25 25.78 ? 51   GLU A OE2 1 
ATOM   321  O OE2 B GLU A 1 52  ? -13.396 -8.077  -2.082  0.75 60.88 ? 51   GLU A OE2 1 
ATOM   322  N N   . VAL A 1 53  ? -9.147  -4.922  0.124   1.00 9.40  ? 52   VAL A N   1 
ATOM   323  C CA  . VAL A 1 53  ? -9.153  -3.750  1.008   1.00 10.34 ? 52   VAL A CA  1 
ATOM   324  C C   . VAL A 1 53  ? -8.434  -2.564  0.366   1.00 13.76 ? 52   VAL A C   1 
ATOM   325  O O   . VAL A 1 53  ? -8.936  -1.441  0.362   1.00 11.78 ? 52   VAL A O   1 
ATOM   326  C CB  . VAL A 1 53  ? -8.546  -4.091  2.389   1.00 10.30 ? 52   VAL A CB  1 
ATOM   327  C CG1 . VAL A 1 53  ? -8.457  -2.849  3.298   1.00 12.89 ? 52   VAL A CG1 1 
ATOM   328  C CG2 . VAL A 1 53  ? -9.382  -5.139  3.058   1.00 14.51 ? 52   VAL A CG2 1 
ATOM   329  N N   . MET A 1 54  ? -7.252  -2.811  -0.201  1.00 10.11 ? 53   MET A N   1 
ATOM   330  C CA  . MET A 1 54  ? -6.482  -1.771  -0.860  1.00 11.40 ? 53   MET A CA  1 
ATOM   331  C C   . MET A 1 54  ? -7.266  -1.168  -2.017  1.00 9.27  ? 53   MET A C   1 
ATOM   332  O O   . MET A 1 54  ? -7.211  0.044   -2.222  1.00 10.00 ? 53   MET A O   1 
ATOM   333  C CB  . MET A 1 54  ? -5.162  -2.321  -1.411  1.00 12.88 ? 53   MET A CB  1 
ATOM   334  C CG  . MET A 1 54  ? -4.197  -2.708  -0.297  1.00 20.34 ? 53   MET A CG  1 
ATOM   335  S SD  A MET A 1 54  ? -2.915  -1.458  0.124   0.70 12.02 ? 53   MET A SD  1 
ATOM   336  S SD  B MET A 1 54  ? -2.497  -2.241  -0.494  0.30 32.45 ? 53   MET A SD  1 
ATOM   337  C CE  A MET A 1 54  ? -2.044  -1.322  -1.414  0.70 7.50  ? 53   MET A CE  1 
ATOM   338  C CE  B MET A 1 54  ? -2.568  -0.835  -1.581  0.30 25.47 ? 53   MET A CE  1 
ATOM   339  N N   . ALA A 1 55  ? -8.027  -1.981  -2.753  1.00 7.51  ? 54   ALA A N   1 
ATOM   340  C CA  . ALA A 1 55  ? -8.792  -1.445  -3.906  1.00 8.80  ? 54   ALA A CA  1 
ATOM   341  C C   . ALA A 1 55  ? -9.908  -0.509  -3.428  1.00 11.56 ? 54   ALA A C   1 
ATOM   342  O O   . ALA A 1 55  ? -10.160 0.534   -4.032  1.00 10.53 ? 54   ALA A O   1 
ATOM   343  C CB  . ALA A 1 55  ? -9.345  -2.579  -4.766  1.00 10.66 ? 54   ALA A CB  1 
ATOM   344  N N   . GLU A 1 56  ? -10.553 -0.863  -2.318  1.00 8.85  ? 55   GLU A N   1 
ATOM   345  C CA  . GLU A 1 56  ? -11.615 -0.014  -1.741  1.00 12.04 ? 55   GLU A CA  1 
ATOM   346  C C   . GLU A 1 56  ? -11.001 1.272   -1.220  1.00 13.02 ? 55   GLU A C   1 
ATOM   347  O O   . GLU A 1 56  ? -11.542 2.360   -1.422  1.00 11.34 ? 55   GLU A O   1 
ATOM   348  C CB  . GLU A 1 56  ? -12.312 -0.729  -0.595  1.00 15.28 ? 55   GLU A CB  1 
ATOM   349  C CG  . GLU A 1 56  ? -13.015 -1.983  -1.004  1.00 16.17 ? 55   GLU A CG  1 
ATOM   350  C CD  . GLU A 1 56  ? -14.397 -1.768  -1.564  1.00 27.59 ? 55   GLU A CD  1 
ATOM   351  O OE1 . GLU A 1 56  ? -14.725 -0.649  -1.990  1.00 24.64 ? 55   GLU A OE1 1 
ATOM   352  O OE2 . GLU A 1 56  ? -15.170 -2.747  -1.553  1.00 33.03 ? 55   GLU A OE2 1 
ATOM   353  N N   . LEU A 1 57  ? -9.861  1.174   -0.548  1.00 11.18 ? 56   LEU A N   1 
ATOM   354  C CA  . LEU A 1 57  ? -9.148  2.398   -0.066  1.00 12.71 ? 56   LEU A CA  1 
ATOM   355  C C   . LEU A 1 57  ? -8.795  3.310   -1.211  1.00 14.68 ? 56   LEU A C   1 
ATOM   356  O O   . LEU A 1 57  ? -8.865  4.546   -1.090  1.00 13.10 ? 56   LEU A O   1 
ATOM   357  C CB  . LEU A 1 57  ? -7.839  2.067   0.647   1.00 12.36 ? 56   LEU A CB  1 
ATOM   358  C CG  . LEU A 1 57  ? -8.085  1.549   2.041   1.00 10.41 ? 56   LEU A CG  1 
ATOM   359  C CD1 . LEU A 1 57  ? -6.839  0.808   2.550   1.00 11.71 ? 56   LEU A CD1 1 
ATOM   360  C CD2 . LEU A 1 57  ? -8.491  2.701   2.949   1.00 11.28 ? 56   LEU A CD2 1 
ATOM   361  N N   . ALA A 1 58  ? -8.289  2.705   -2.276  1.00 11.11 ? 57   ALA A N   1 
ATOM   362  C CA  . ALA A 1 58  ? -7.841  3.454   -3.427  1.00 12.47 ? 57   ALA A CA  1 
ATOM   363  C C   . ALA A 1 58  ? -8.970  4.285   -4.006  1.00 9.18  ? 57   ALA A C   1 
ATOM   364  O O   . ALA A 1 58  ? -8.720  5.416   -4.418  1.00 13.06 ? 57   ALA A O   1 
ATOM   365  C CB  . ALA A 1 58  ? -7.227  2.490   -4.522  1.00 12.10 ? 57   ALA A CB  1 
ATOM   366  N N   . LYS A 1 59  ? -10.186 3.754   -4.006  1.00 9.11  ? 58   LYS A N   1 
ATOM   367  C CA  . LYS A 1 59  ? -11.331 4.515   -4.524  1.00 10.42 ? 58   LYS A CA  1 
ATOM   368  C C   . LYS A 1 59  ? -11.727 5.670   -3.582  1.00 9.65  ? 58   LYS A C   1 
ATOM   369  O O   . LYS A 1 59  ? -12.151 6.752   -4.027  1.00 11.68 ? 58   LYS A O   1 
ATOM   370  C CB  A LYS A 1 59  ? -12.499 3.646   -4.971  0.70 15.93 ? 58   LYS A CB  1 
ATOM   371  C CB  B LYS A 1 59  ? -12.577 3.627   -4.702  0.30 8.33  ? 58   LYS A CB  1 
ATOM   372  C CG  A LYS A 1 59  ? -13.397 3.190   -3.935  0.70 18.40 ? 58   LYS A CG  1 
ATOM   373  C CG  B LYS A 1 59  ? -12.442 2.341   -5.549  0.30 14.80 ? 58   LYS A CG  1 
ATOM   374  C CD  A LYS A 1 59  ? -14.534 2.338   -4.531  0.70 32.55 ? 58   LYS A CD  1 
ATOM   375  C CD  B LYS A 1 59  ? -13.747 1.554   -5.383  0.30 8.47  ? 58   LYS A CD  1 
ATOM   376  C CE  A LYS A 1 59  ? -15.565 2.017   -3.483  0.70 41.20 ? 58   LYS A CE  1 
ATOM   377  C CE  B LYS A 1 59  ? -13.733 0.105   -5.826  0.30 15.91 ? 58   LYS A CE  1 
ATOM   378  N NZ  A LYS A 1 59  ? -15.032 2.201   -2.109  0.70 13.78 ? 58   LYS A NZ  1 
ATOM   379  N NZ  B LYS A 1 59  ? -14.965 -0.604  -5.366  0.30 17.45 ? 58   LYS A NZ  1 
ATOM   380  N N   . GLU A 1 60  ? -11.596 5.452   -2.275  1.00 7.78  ? 59   GLU A N   1 
ATOM   381  C CA  . GLU A 1 60  ? -11.968 6.450   -1.297  1.00 6.69  ? 59   GLU A CA  1 
ATOM   382  C C   . GLU A 1 60  ? -10.929 7.547   -1.154  1.00 6.61  ? 59   GLU A C   1 
ATOM   383  O O   . GLU A 1 60  ? -11.274 8.673   -0.755  1.00 8.59  ? 59   GLU A O   1 
ATOM   384  C CB  . GLU A 1 60  ? -12.240 5.815   0.077   1.00 7.46  ? 59   GLU A CB  1 
ATOM   385  C CG  . GLU A 1 60  ? -13.432 4.887   0.056   1.00 10.42 ? 59   GLU A CG  1 
ATOM   386  C CD  . GLU A 1 60  ? -14.676 5.540   -0.472  1.00 9.16  ? 59   GLU A CD  1 
ATOM   387  O OE1 . GLU A 1 60  ? -15.000 6.677   -0.052  1.00 9.16  ? 59   GLU A OE1 1 
ATOM   388  O OE2 . GLU A 1 60  ? -15.358 4.901   -1.345  1.00 13.47 ? 59   GLU A OE2 1 
ATOM   389  N N   . LEU A 1 61  ? -9.696  7.263   -1.560  1.00 9.19  ? 60   LEU A N   1 
ATOM   390  C CA  . LEU A 1 61  ? -8.558  8.171   -1.361  1.00 9.88  ? 60   LEU A CA  1 
ATOM   391  C C   . LEU A 1 61  ? -7.697  8.291   -2.610  1.00 9.99  ? 60   LEU A C   1 
ATOM   392  O O   . LEU A 1 61  ? -6.543  7.860   -2.606  1.00 11.27 ? 60   LEU A O   1 
ATOM   393  C CB  . LEU A 1 61  ? -7.699  7.661   -0.215  1.00 8.74  ? 60   LEU A CB  1 
ATOM   394  C CG  . LEU A 1 61  ? -8.398  7.701   1.117   1.00 9.55  ? 60   LEU A CG  1 
ATOM   395  C CD1 . LEU A 1 61  ? -7.639  6.765   2.084   1.00 16.35 ? 60   LEU A CD1 1 
ATOM   396  C CD2 . LEU A 1 61  ? -8.506  9.096   1.682   1.00 13.84 ? 60   LEU A CD2 1 
ATOM   397  N N   . PRO A 1 62  ? -8.249  8.907   -3.676  1.00 8.99  ? 61   PRO A N   1 
ATOM   398  C CA  . PRO A 1 62  ? -7.463  9.061   -4.902  1.00 10.53 ? 61   PRO A CA  1 
ATOM   399  C C   . PRO A 1 62  ? -6.205  9.901   -4.733  1.00 8.79  ? 61   PRO A C   1 
ATOM   400  O O   . PRO A 1 62  ? -5.268  9.803   -5.567  1.00 12.68 ? 61   PRO A O   1 
ATOM   401  C CB  . PRO A 1 62  ? -8.461  9.720   -5.881  1.00 10.50 ? 61   PRO A CB  1 
ATOM   402  C CG  . PRO A 1 62  ? -9.621  10.160  -5.079  1.00 12.64 ? 61   PRO A CG  1 
ATOM   403  C CD  . PRO A 1 62  ? -9.628  9.327   -3.815  1.00 10.32 ? 61   PRO A CD  1 
ATOM   404  N N   . GLN A 1 63  ? -6.124  10.736  -3.693  1.00 8.07  ? 62   GLN A N   1 
ATOM   405  C CA  . GLN A 1 63  ? -4.868  11.470  -3.416  1.00 8.54  ? 62   GLN A CA  1 
ATOM   406  C C   . GLN A 1 63  ? -3.675  10.569  -3.061  1.00 10.86 ? 62   GLN A C   1 
ATOM   407  O O   . GLN A 1 63  ? -2.515  10.993  -3.160  1.00 12.86 ? 62   GLN A O   1 
ATOM   408  C CB  . GLN A 1 63  ? -5.073  12.445  -2.260  1.00 11.69 ? 62   GLN A CB  1 
ATOM   409  C CG  . GLN A 1 63  ? -5.831  13.726  -2.636  1.00 13.55 ? 62   GLN A CG  1 
ATOM   410  C CD  . GLN A 1 63  ? -6.060  14.635  -1.415  1.00 15.17 ? 62   GLN A CD  1 
ATOM   411  O OE1 . GLN A 1 63  ? -5.284  14.590  -0.457  1.00 14.78 ? 62   GLN A OE1 1 
ATOM   412  N NE2 . GLN A 1 63  ? -7.155  15.417  -1.423  1.00 12.90 ? 62   GLN A NE2 1 
ATOM   413  N N   . VAL A 1 64  ? -3.986  9.391   -2.534  1.00 11.00 ? 63   VAL A N   1 
ATOM   414  C CA  . VAL A 1 64  ? -3.017  8.437   -2.010  1.00 8.54  ? 63   VAL A CA  1 
ATOM   415  C C   . VAL A 1 64  ? -2.737  7.428   -3.120  1.00 8.83  ? 63   VAL A C   1 
ATOM   416  O O   . VAL A 1 64  ? -3.638  7.012   -3.825  1.00 11.26 ? 63   VAL A O   1 
ATOM   417  C CB  . VAL A 1 64  ? -3.558  7.741   -0.771  1.00 9.03  ? 63   VAL A CB  1 
ATOM   418  C CG1 . VAL A 1 64  ? -2.569  6.659   -0.257  1.00 10.05 ? 63   VAL A CG1 1 
ATOM   419  C CG2 . VAL A 1 64  ? -3.892  8.749   0.337   1.00 11.64 ? 63   VAL A CG2 1 
ATOM   420  N N   . SER A 1 65  ? -1.478  7.036   -3.272  1.00 9.38  ? 64   SER A N   1 
ATOM   421  C CA  . SER A 1 65  ? -1.082  5.972   -4.195  1.00 8.73  ? 64   SER A CA  1 
ATOM   422  C C   . SER A 1 65  ? -0.965  4.631   -3.492  1.00 7.03  ? 64   SER A C   1 
ATOM   423  O O   . SER A 1 65  ? -0.299  4.507   -2.472  1.00 11.23 ? 64   SER A O   1 
ATOM   424  C CB  A SER A 1 65  ? 0.226   6.341   -4.933  0.70 11.06 ? 64   SER A CB  1 
ATOM   425  C CB  B SER A 1 65  ? 0.266   6.302   -4.864  0.30 10.23 ? 64   SER A CB  1 
ATOM   426  O OG  A SER A 1 65  ? 0.010   7.468   -5.794  0.70 14.71 ? 64   SER A OG  1 
ATOM   427  O OG  B SER A 1 65  ? 0.663   5.278   -5.766  0.30 12.15 ? 64   SER A OG  1 
ATOM   428  N N   . PHE A 1 66  ? -1.691  3.659   -4.026  1.00 10.66 ? 65   PHE A N   1 
ATOM   429  C CA  . PHE A 1 66  ? -1.692  2.289   -3.520  1.00 11.22 ? 65   PHE A CA  1 
ATOM   430  C C   . PHE A 1 66  ? -1.090  1.401   -4.573  1.00 12.92 ? 65   PHE A C   1 
ATOM   431  O O   . PHE A 1 66  ? -1.575  1.387   -5.703  1.00 13.01 ? 65   PHE A O   1 
ATOM   432  C CB  . PHE A 1 66  ? -3.109  1.853   -3.218  1.00 11.57 ? 65   PHE A CB  1 
ATOM   433  C CG  . PHE A 1 66  ? -3.764  2.658   -2.119  1.00 8.86  ? 65   PHE A CG  1 
ATOM   434  C CD1 . PHE A 1 66  ? -3.647  2.303   -0.797  1.00 8.93  ? 65   PHE A CD1 1 
ATOM   435  C CD2 . PHE A 1 66  ? -4.479  3.808   -2.421  1.00 10.78 ? 65   PHE A CD2 1 
ATOM   436  C CE1 . PHE A 1 66  ? -4.226  3.107   0.208   1.00 9.56  ? 65   PHE A CE1 1 
ATOM   437  C CE2 . PHE A 1 66  ? -5.088  4.558   -1.419  1.00 10.21 ? 65   PHE A CE2 1 
ATOM   438  C CZ  . PHE A 1 66  ? -4.938  4.215   -0.115  1.00 10.22 ? 65   PHE A CZ  1 
ATOM   439  N N   . VAL A 1 67  ? -0.028  0.678   -4.214  1.00 9.71  ? 66   VAL A N   1 
ATOM   440  C CA  . VAL A 1 67  ? 0.650   -0.187  -5.161  1.00 7.86  ? 66   VAL A CA  1 
ATOM   441  C C   . VAL A 1 67  ? 0.969   -1.511  -4.460  1.00 10.92 ? 66   VAL A C   1 
ATOM   442  O O   . VAL A 1 67  ? 0.918   -1.609  -3.234  1.00 10.56 ? 66   VAL A O   1 
ATOM   443  C CB  . VAL A 1 67  ? 1.953   0.494   -5.690  1.00 11.12 ? 66   VAL A CB  1 
ATOM   444  C CG1 . VAL A 1 67  ? 1.617   1.816   -6.428  1.00 12.58 ? 66   VAL A CG1 1 
ATOM   445  C CG2 . VAL A 1 67  ? 2.953   0.742   -4.626  1.00 13.15 ? 66   VAL A CG2 1 
ATOM   446  N N   . LYS A 1 68  ? 1.277   -2.528  -5.246  1.00 9.63  ? 67   LYS A N   1 
ATOM   447  C CA  . LYS A 1 68  ? 1.781   -3.779  -4.694  1.00 7.16  ? 67   LYS A CA  1 
ATOM   448  C C   . LYS A 1 68  ? 3.098   -4.163  -5.334  1.00 10.53 ? 67   LYS A C   1 
ATOM   449  O O   . LYS A 1 68  ? 3.423   -3.779  -6.457  1.00 10.31 ? 67   LYS A O   1 
ATOM   450  C CB  . LYS A 1 68  ? 0.723   -4.903  -4.818  1.00 12.62 ? 67   LYS A CB  1 
ATOM   451  C CG  . LYS A 1 68  ? 0.291   -5.293  -6.220  1.00 11.57 ? 67   LYS A CG  1 
ATOM   452  C CD  . LYS A 1 68  ? -0.933  -6.260  -6.177  1.00 12.78 ? 67   LYS A CD  1 
ATOM   453  C CE  . LYS A 1 68  ? -1.381  -6.686  -7.575  1.00 22.69 ? 67   LYS A CE  1 
ATOM   454  N NZ  . LYS A 1 68  ? -2.308  -5.705  -8.183  1.00 28.77 ? 67   LYS A NZ  1 
ATOM   455  N N   . LEU A 1 69  ? 3.865   -4.917  -4.583  1.00 8.96  ? 68   LEU A N   1 
ATOM   456  C CA  . LEU A 1 69  ? 5.193   -5.317  -4.977  1.00 5.67  ? 68   LEU A CA  1 
ATOM   457  C C   . LEU A 1 69  ? 5.344   -6.740  -4.451  1.00 7.09  ? 68   LEU A C   1 
ATOM   458  O O   . LEU A 1 69  ? 5.211   -7.006  -3.235  1.00 8.36  ? 68   LEU A O   1 
ATOM   459  C CB  . LEU A 1 69  ? 6.207   -4.361  -4.370  1.00 9.66  ? 68   LEU A CB  1 
ATOM   460  C CG  . LEU A 1 69  ? 7.692   -4.598  -4.737  1.00 12.72 ? 68   LEU A CG  1 
ATOM   461  C CD1 . LEU A 1 69  ? 8.433   -3.285  -4.531  1.00 19.16 ? 68   LEU A CD1 1 
ATOM   462  C CD2 . LEU A 1 69  ? 8.348   -5.706  -3.902  1.00 10.72 ? 68   LEU A CD2 1 
ATOM   463  N N   . GLU A 1 70  ? 5.690   -7.645  -5.356  1.00 7.81  ? 69   GLU A N   1 
ATOM   464  C CA  . GLU A 1 70  ? 5.825   -9.040  -5.014  1.00 8.60  ? 69   GLU A CA  1 
ATOM   465  C C   . GLU A 1 70  ? 7.120   -9.238  -4.254  1.00 9.15  ? 69   GLU A C   1 
ATOM   466  O O   . GLU A 1 70  ? 8.212   -9.142  -4.837  1.00 9.49  ? 69   GLU A O   1 
ATOM   467  C CB  . GLU A 1 70  ? 5.791   -9.927  -6.262  1.00 8.43  ? 69   GLU A CB  1 
ATOM   468  C CG  . GLU A 1 70  ? 5.828   -11.417 -5.899  1.00 11.86 ? 69   GLU A CG  1 
ATOM   469  C CD  . GLU A 1 70  ? 5.860   -12.383 -7.086  1.00 17.71 ? 69   GLU A CD  1 
ATOM   470  O OE1 . GLU A 1 70  ? 5.578   -11.930 -8.217  1.00 19.59 ? 69   GLU A OE1 1 
ATOM   471  O OE2 . GLU A 1 70  ? 6.147   -13.580 -6.851  1.00 16.58 ? 69   GLU A OE2 1 
ATOM   472  N N   . ALA A 1 71  ? 7.021   -9.534  -2.955  1.00 8.62  ? 70   ALA A N   1 
ATOM   473  C CA  . ALA A 1 71  ? 8.199   -9.597  -2.081  1.00 6.75  ? 70   ALA A CA  1 
ATOM   474  C C   . ALA A 1 71  ? 9.255   -10.538 -2.630  1.00 9.82  ? 70   ALA A C   1 
ATOM   475  O O   . ALA A 1 71  ? 10.428  -10.219 -2.654  1.00 9.63  ? 70   ALA A O   1 
ATOM   476  C CB  . ALA A 1 71  ? 7.816   -10.037 -0.656  1.00 8.98  ? 70   ALA A CB  1 
ATOM   477  N N   . GLU A 1 72  ? 8.821   -11.702 -3.091  1.00 7.79  ? 71   GLU A N   1 
ATOM   478  C CA  . GLU A 1 72  ? 9.785   -12.723 -3.609  1.00 8.64  ? 71   GLU A CA  1 
ATOM   479  C C   . GLU A 1 72  ? 10.301  -12.407 -4.990  1.00 12.21 ? 71   GLU A C   1 
ATOM   480  O O   . GLU A 1 72  ? 11.339  -12.956 -5.417  1.00 14.34 ? 71   GLU A O   1 
ATOM   481  C CB  . GLU A 1 72  ? 9.115   -14.132 -3.583  1.00 9.04  ? 71   GLU A CB  1 
ATOM   482  C CG  . GLU A 1 72  ? 8.772   -14.642 -2.171  1.00 9.46  ? 71   GLU A CG  1 
ATOM   483  C CD  . GLU A 1 72  ? 8.001   -15.995 -2.126  1.00 12.29 ? 71   GLU A CD  1 
ATOM   484  O OE1 . GLU A 1 72  ? 7.287   -16.301 -3.110  1.00 13.46 ? 71   GLU A OE1 1 
ATOM   485  O OE2 . GLU A 1 72  ? 8.168   -16.719 -1.101  1.00 14.36 ? 71   GLU A OE2 1 
ATOM   486  N N   . GLY A 1 73  ? 9.570   -11.564 -5.707  1.00 10.91 ? 72   GLY A N   1 
ATOM   487  C CA  . GLY A 1 73  ? 9.897   -11.202 -7.094  1.00 13.31 ? 72   GLY A CA  1 
ATOM   488  C C   . GLY A 1 73  ? 10.878  -10.036 -7.197  1.00 11.86 ? 72   GLY A C   1 
ATOM   489  O O   . GLY A 1 73  ? 11.547  -9.902  -8.232  1.00 13.28 ? 72   GLY A O   1 
ATOM   490  N N   . VAL A 1 74  ? 10.938  -9.197  -6.153  1.00 11.57 ? 73   VAL A N   1 
ATOM   491  C CA  . VAL A 1 74  ? 11.869  -8.063  -6.074  1.00 10.91 ? 73   VAL A CA  1 
ATOM   492  C C   . VAL A 1 74  ? 12.639  -8.169  -4.747  1.00 12.56 ? 73   VAL A C   1 
ATOM   493  O O   . VAL A 1 74  ? 12.503  -7.345  -3.852  1.00 11.37 ? 73   VAL A O   1 
ATOM   494  C CB  . VAL A 1 74  ? 11.162  -6.708  -6.314  1.00 12.31 ? 73   VAL A CB  1 
ATOM   495  C CG1 . VAL A 1 74  ? 12.208  -5.574  -6.624  1.00 13.42 ? 73   VAL A CG1 1 
ATOM   496  C CG2 . VAL A 1 74  ? 10.098  -6.811  -7.438  1.00 17.11 ? 73   VAL A CG2 1 
ATOM   497  N N   . PRO A 1 75  ? 13.432  -9.226  -4.600  1.00 11.20 ? 74   PRO A N   1 
ATOM   498  C CA  . PRO A 1 75  ? 13.980  -9.537  -3.294  1.00 10.52 ? 74   PRO A CA  1 
ATOM   499  C C   . PRO A 1 75  ? 14.976  -8.477  -2.764  1.00 10.38 ? 74   PRO A C   1 
ATOM   500  O O   . PRO A 1 75  ? 15.134  -8.371  -1.541  1.00 12.41 ? 74   PRO A O   1 
ATOM   501  C CB  . PRO A 1 75  ? 14.728  -10.876 -3.530  1.00 15.83 ? 74   PRO A CB  1 
ATOM   502  C CG  . PRO A 1 75  ? 14.941  -10.953 -5.021  1.00 15.75 ? 74   PRO A CG  1 
ATOM   503  C CD  . PRO A 1 75  ? 13.771  -10.274 -5.598  1.00 12.45 ? 74   PRO A CD  1 
ATOM   504  N N   . GLU A 1 76  ? 15.600  -7.711  -3.662  1.00 14.08 ? 75   GLU A N   1 
ATOM   505  C CA  . GLU A 1 76  ? 16.528  -6.685  -3.170  1.00 15.23 ? 75   GLU A CA  1 
ATOM   506  C C   . GLU A 1 76  ? 15.795  -5.569  -2.416  1.00 10.53 ? 75   GLU A C   1 
ATOM   507  O O   . GLU A 1 76  ? 16.314  -5.027  -1.418  1.00 11.08 ? 75   GLU A O   1 
ATOM   508  C CB  . GLU A 1 76  ? 17.509  -6.181  -4.249  1.00 18.60 ? 75   GLU A CB  1 
ATOM   509  C CG  A GLU A 1 76  ? 16.767  -5.487  -5.379  0.70 21.38 ? 75   GLU A CG  1 
ATOM   510  C CG  B GLU A 1 76  ? 17.089  -5.605  -5.604  0.30 34.32 ? 75   GLU A CG  1 
ATOM   511  C CD  A GLU A 1 76  ? 16.304  -6.389  -6.569  0.70 29.18 ? 75   GLU A CD  1 
ATOM   512  C CD  B GLU A 1 76  ? 18.334  -5.363  -6.552  0.30 21.70 ? 75   GLU A CD  1 
ATOM   513  O OE1 A GLU A 1 76  ? 15.658  -7.453  -6.387  0.70 14.77 ? 75   GLU A OE1 1 
ATOM   514  O OE1 B GLU A 1 76  ? 18.211  -4.632  -7.563  0.30 16.50 ? 75   GLU A OE1 1 
ATOM   515  O OE2 A GLU A 1 76  ? 16.573  -5.972  -7.720  0.70 23.39 ? 75   GLU A OE2 1 
ATOM   516  O OE2 B GLU A 1 76  ? 19.455  -5.878  -6.284  0.30 20.84 ? 75   GLU A OE2 1 
ATOM   517  N N   . VAL A 1 77  ? 14.596  -5.241  -2.878  1.00 11.62 ? 76   VAL A N   1 
ATOM   518  C CA  . VAL A 1 77  ? 13.738  -4.283  -2.186  1.00 10.19 ? 76   VAL A CA  1 
ATOM   519  C C   . VAL A 1 77  ? 13.256  -4.879  -0.847  1.00 8.82  ? 76   VAL A C   1 
ATOM   520  O O   . VAL A 1 77  ? 13.334  -4.242  0.217   1.00 9.73  ? 76   VAL A O   1 
ATOM   521  C CB  . VAL A 1 77  ? 12.576  -3.812  -3.050  1.00 10.84 ? 76   VAL A CB  1 
ATOM   522  C CG1 . VAL A 1 77  ? 11.647  -2.891  -2.270  1.00 11.81 ? 76   VAL A CG1 1 
ATOM   523  C CG2 . VAL A 1 77  ? 13.084  -3.082  -4.321  1.00 11.78 ? 76   VAL A CG2 1 
ATOM   524  N N   . SER A 1 78  ? 12.742  -6.123  -0.885  1.00 8.03  ? 77   SER A N   1 
ATOM   525  C CA  . SER A 1 78  ? 12.337  -6.809  0.337   1.00 9.50  ? 77   SER A CA  1 
ATOM   526  C C   . SER A 1 78  ? 13.459  -6.847  1.370   1.00 8.02  ? 77   SER A C   1 
ATOM   527  O O   . SER A 1 78  ? 13.221  -6.596  2.523   1.00 9.26  ? 77   SER A O   1 
ATOM   528  C CB  . SER A 1 78  ? 11.838  -8.232  0.047   1.00 11.91 ? 77   SER A CB  1 
ATOM   529  O OG  . SER A 1 78  ? 10.726  -8.168  -0.813  1.00 10.18 ? 77   SER A OG  1 
ATOM   530  N N   . GLU A 1 79  ? 14.692  -7.157  0.937   1.00 8.47  ? 78   GLU A N   1 
ATOM   531  C CA  . GLU A 1 79  ? 15.791  -7.254  1.863   1.00 12.31 ? 78   GLU A CA  1 
ATOM   532  C C   . GLU A 1 79  ? 16.113  -5.883  2.500   1.00 7.77  ? 78   GLU A C   1 
ATOM   533  O O   . GLU A 1 79  ? 16.294  -5.803  3.726   1.00 8.61  ? 78   GLU A O   1 
ATOM   534  C CB  . GLU A 1 79  ? 17.037  -7.802  1.165   1.00 14.17 ? 78   GLU A CB  1 
ATOM   535  C CG  A GLU A 1 79  ? 18.154  -7.924  2.203   0.60 13.47 ? 78   GLU A CG  1 
ATOM   536  C CG  B GLU A 1 79  ? 18.264  -7.952  2.048   0.40 24.46 ? 78   GLU A CG  1 
ATOM   537  C CD  A GLU A 1 79  ? 19.332  -8.770  1.790   0.60 22.60 ? 78   GLU A CD  1 
ATOM   538  C CD  B GLU A 1 79  ? 18.289  -9.245  2.834   0.40 24.09 ? 78   GLU A CD  1 
ATOM   539  O OE1 A GLU A 1 79  ? 19.399  -9.193  0.622   0.60 18.28 ? 78   GLU A OE1 1 
ATOM   540  O OE1 B GLU A 1 79  ? 18.869  -9.229  3.935   0.40 22.06 ? 78   GLU A OE1 1 
ATOM   541  O OE2 A GLU A 1 79  ? 20.200  -8.986  2.662   0.60 18.85 ? 78   GLU A OE2 1 
ATOM   542  O OE2 B GLU A 1 79  ? 17.758  -10.273 2.349   0.40 21.05 ? 78   GLU A OE2 1 
ATOM   543  N N   . LYS A 1 80  ? 16.133  -4.857  1.665   1.00 9.23  ? 79   LYS A N   1 
ATOM   544  C CA  . LYS A 1 80  ? 16.388  -3.486  2.145   1.00 8.54  ? 79   LYS A CA  1 
ATOM   545  C C   . LYS A 1 80  ? 15.421  -3.137  3.249   1.00 11.06 ? 79   LYS A C   1 
ATOM   546  O O   . LYS A 1 80  ? 15.798  -2.558  4.273   1.00 9.81  ? 79   LYS A O   1 
ATOM   547  C CB  . LYS A 1 80  ? 16.284  -2.470  1.010   1.00 8.27  ? 79   LYS A CB  1 
ATOM   548  C CG  . LYS A 1 80  ? 16.343  -1.006  1.440   1.00 7.87  ? 79   LYS A CG  1 
ATOM   549  C CD  . LYS A 1 80  ? 16.315  -0.052  0.297   1.00 7.74  ? 79   LYS A CD  1 
ATOM   550  C CE  . LYS A 1 80  ? 16.232  1.385   0.769   1.00 9.56  ? 79   LYS A CE  1 
ATOM   551  N NZ  . LYS A 1 80  ? 16.188  2.341   -0.387  1.00 10.19 ? 79   LYS A NZ  1 
ATOM   552  N N   . TYR A 1 81  ? 14.147  -3.460  3.032   1.00 7.82  ? 80   TYR A N   1 
ATOM   553  C CA  . TYR A 1 81  ? 13.119  -3.028  3.956   1.00 8.10  ? 80   TYR A CA  1 
ATOM   554  C C   . TYR A 1 81  ? 12.721  -4.068  5.011   1.00 9.55  ? 80   TYR A C   1 
ATOM   555  O O   . TYR A 1 81  ? 11.721  -3.875  5.729   1.00 10.92 ? 80   TYR A O   1 
ATOM   556  C CB  . TYR A 1 81  ? 11.900  -2.543  3.179   1.00 9.10  ? 80   TYR A CB  1 
ATOM   557  C CG  . TYR A 1 81  ? 12.085  -1.209  2.451   1.00 7.91  ? 80   TYR A CG  1 
ATOM   558  C CD1 . TYR A 1 81  ? 12.048  -0.020  3.148   1.00 9.55  ? 80   TYR A CD1 1 
ATOM   559  C CD2 . TYR A 1 81  ? 12.353  -1.177  1.108   1.00 10.95 ? 80   TYR A CD2 1 
ATOM   560  C CE1 . TYR A 1 81  ? 12.217  1.192   2.473   1.00 6.43  ? 80   TYR A CE1 1 
ATOM   561  C CE2 . TYR A 1 81  ? 12.551  0.017   0.425   1.00 11.72 ? 80   TYR A CE2 1 
ATOM   562  C CZ  . TYR A 1 81  ? 12.501  1.202   1.137   1.00 9.30  ? 80   TYR A CZ  1 
ATOM   563  O OH  . TYR A 1 81  ? 12.675  2.401   0.452   1.00 12.08 ? 80   TYR A OH  1 
ATOM   564  N N   . GLU A 1 82  ? 13.484  -5.147  5.130   1.00 8.96  ? 81   GLU A N   1 
ATOM   565  C CA  . GLU A 1 82  ? 13.261  -6.131  6.145   1.00 10.53 ? 81   GLU A CA  1 
ATOM   566  C C   . GLU A 1 82  ? 11.863  -6.736  6.030   1.00 8.21  ? 81   GLU A C   1 
ATOM   567  O O   . GLU A 1 82  ? 11.107  -6.804  7.011   1.00 11.10 ? 81   GLU A O   1 
ATOM   568  C CB  . GLU A 1 82  ? 13.489  -5.563  7.565   1.00 15.06 ? 81   GLU A CB  1 
ATOM   569  C CG  . GLU A 1 82  ? 14.896  -5.058  7.780   1.00 17.10 ? 81   GLU A CG  1 
ATOM   570  C CD  . GLU A 1 82  ? 15.066  -4.429  9.175   1.00 19.23 ? 81   GLU A CD  1 
ATOM   571  O OE1 . GLU A 1 82  ? 14.603  -3.297  9.356   1.00 22.82 ? 81   GLU A OE1 1 
ATOM   572  O OE2 . GLU A 1 82  ? 15.642  -5.098  10.035  1.00 25.49 ? 81   GLU A OE2 1 
ATOM   573  N N   . ILE A 1 83  ? 11.518  -7.126  4.812   1.00 8.89  ? 82   ILE A N   1 
ATOM   574  C CA  . ILE A 1 83  ? 10.268  -7.822  4.506   1.00 7.78  ? 82   ILE A CA  1 
ATOM   575  C C   . ILE A 1 83  ? 10.578  -9.327  4.523   1.00 11.56 ? 82   ILE A C   1 
ATOM   576  O O   . ILE A 1 83  ? 11.243  -9.857  3.620   1.00 10.93 ? 82   ILE A O   1 
ATOM   577  C CB  . ILE A 1 83  ? 9.675   -7.384  3.166   1.00 9.68  ? 82   ILE A CB  1 
ATOM   578  C CG1 . ILE A 1 83  ? 9.565   -5.858  2.985   1.00 12.16 ? 82   ILE A CG1 1 
ATOM   579  C CG2 . ILE A 1 83  ? 8.269   -8.074  2.885   1.00 12.59 ? 82   ILE A CG2 1 
ATOM   580  C CD1 . ILE A 1 83  ? 8.762   -5.135  4.006   1.00 11.42 ? 82   ILE A CD1 1 
ATOM   581  N N   . SER A 1 84  ? 10.110  -9.989  5.566   1.00 10.66 ? 83   SER A N   1 
ATOM   582  C CA  . SER A 1 84  ? 10.277  -11.436 5.709   1.00 13.72 ? 83   SER A CA  1 
ATOM   583  C C   . SER A 1 84  ? 8.946   -12.193 5.645   1.00 9.82  ? 83   SER A C   1 
ATOM   584  O O   . SER A 1 84  ? 8.944   -13.445 5.611   1.00 11.04 ? 83   SER A O   1 
ATOM   585  C CB  . SER A 1 84  ? 10.949  -11.743 7.054   1.00 12.90 ? 83   SER A CB  1 
ATOM   586  O OG  . SER A 1 84  ? 10.196  -11.135 8.094   1.00 19.83 ? 83   SER A OG  1 
ATOM   587  N N   . SER A 1 85  ? 7.833   -11.467 5.641   1.00 9.42  ? 84   SER A N   1 
ATOM   588  C CA  . SER A 1 85  ? 6.478   -12.052 5.530   1.00 8.83  ? 84   SER A CA  1 
ATOM   589  C C   . SER A 1 85  ? 5.568   -11.132 4.759   1.00 7.47  ? 84   SER A C   1 
ATOM   590  O O   . SER A 1 85  ? 5.853   -9.950  4.644   1.00 8.43  ? 84   SER A O   1 
ATOM   591  C CB  . SER A 1 85  ? 5.805   -12.320 6.852   1.00 10.51 ? 84   SER A CB  1 
ATOM   592  O OG  A SER A 1 85  ? 6.536   -13.152 7.760   0.50 8.77  ? 84   SER A OG  1 
ATOM   593  O OG  B SER A 1 85  ? 6.127   -11.415 7.863   0.50 13.19 ? 84   SER A OG  1 
ATOM   594  N N   . VAL A 1 86  ? 4.450   -11.687 4.290   1.00 7.75  ? 85   VAL A N   1 
ATOM   595  C CA  . VAL A 1 86  ? 3.441   -10.946 3.589   1.00 6.52  ? 85   VAL A CA  1 
ATOM   596  C C   . VAL A 1 86  ? 2.078   -11.229 4.215   1.00 11.09 ? 85   VAL A C   1 
ATOM   597  O O   . VAL A 1 86  ? 1.874   -12.294 4.792   1.00 11.15 ? 85   VAL A O   1 
ATOM   598  C CB  . VAL A 1 86  ? 3.430   -11.280 2.124   1.00 7.26  ? 85   VAL A CB  1 
ATOM   599  C CG1 . VAL A 1 86  ? 4.756   -10.865 1.432   1.00 9.08  ? 85   VAL A CG1 1 
ATOM   600  C CG2 . VAL A 1 86  ? 3.082   -12.777 1.868   1.00 8.57  ? 85   VAL A CG2 1 
ATOM   601  N N   . PRO A 1 87  ? 1.160   -10.262 4.148   1.00 8.47  ? 86   PRO A N   1 
ATOM   602  C CA  . PRO A 1 87  ? 1.347   -8.873  3.697   1.00 6.89  ? 86   PRO A CA  1 
ATOM   603  C C   . PRO A 1 87  ? 2.174   -8.060  4.689   1.00 8.18  ? 86   PRO A C   1 
ATOM   604  O O   . PRO A 1 87  ? 2.047   -8.240  5.917   1.00 7.43  ? 86   PRO A O   1 
ATOM   605  C CB  . PRO A 1 87  ? -0.072  -8.341  3.617   1.00 9.18  ? 86   PRO A CB  1 
ATOM   606  C CG  . PRO A 1 87  ? -0.837  -9.165  4.545   1.00 13.46 ? 86   PRO A CG  1 
ATOM   607  C CD  . PRO A 1 87  ? -0.191  -10.484 4.689   1.00 8.48  ? 86   PRO A CD  1 
ATOM   608  N N   . THR A 1 88  ? 3.025   -7.207  4.147   1.00 7.54  ? 87   THR A N   1 
ATOM   609  C CA  . THR A 1 88  ? 3.607   -6.087  4.879   1.00 5.32  ? 87   THR A CA  1 
ATOM   610  C C   . THR A 1 88  ? 3.266   -4.829  4.083   1.00 5.17  ? 87   THR A C   1 
ATOM   611  O O   . THR A 1 88  ? 3.465   -4.777  2.874   1.00 6.79  ? 87   THR A O   1 
ATOM   612  C CB  . THR A 1 88  ? 5.095   -6.212  5.048   1.00 6.98  ? 87   THR A CB  1 
ATOM   613  O OG1 . THR A 1 88  ? 5.412   -7.451  5.715   1.00 9.04  ? 87   THR A OG1 1 
ATOM   614  C CG2 . THR A 1 88  ? 5.664   -5.051  5.915   1.00 9.44  ? 87   THR A CG2 1 
ATOM   615  N N   . PHE A 1 89  ? 2.785   -3.814  4.796   1.00 6.72  ? 88   PHE A N   1 
ATOM   616  C CA  . PHE A 1 89  ? 2.493   -2.516  4.207   1.00 5.14  ? 88   PHE A CA  1 
ATOM   617  C C   . PHE A 1 89  ? 3.512   -1.503  4.707   1.00 6.53  ? 88   PHE A C   1 
ATOM   618  O O   . PHE A 1 89  ? 3.630   -1.323  5.910   1.00 7.12  ? 88   PHE A O   1 
ATOM   619  C CB  . PHE A 1 89  ? 1.107   -2.059  4.581   1.00 6.86  ? 88   PHE A CB  1 
ATOM   620  C CG  . PHE A 1 89  ? 0.054   -3.072  4.256   1.00 7.60  ? 88   PHE A CG  1 
ATOM   621  C CD1 . PHE A 1 89  ? -0.519  -3.091  3.010   1.00 6.92  ? 88   PHE A CD1 1 
ATOM   622  C CD2 . PHE A 1 89  ? -0.270  -4.063  5.172   1.00 6.68  ? 88   PHE A CD2 1 
ATOM   623  C CE1 . PHE A 1 89  ? -1.480  -4.082  2.690   1.00 9.11  ? 88   PHE A CE1 1 
ATOM   624  C CE2 . PHE A 1 89  ? -1.239  -5.048  4.850   1.00 9.59  ? 88   PHE A CE2 1 
ATOM   625  C CZ  . PHE A 1 89  ? -1.787  -5.066  3.615   1.00 9.82  ? 88   PHE A CZ  1 
ATOM   626  N N   . LEU A 1 90  ? 4.152   -0.817  3.758   1.00 7.53  ? 89   LEU A N   1 
ATOM   627  C CA  . LEU A 1 90  ? 4.995   0.332   4.067   1.00 5.72  ? 89   LEU A CA  1 
ATOM   628  C C   . LEU A 1 90  ? 4.370   1.594   3.538   1.00 8.30  ? 89   LEU A C   1 
ATOM   629  O O   . LEU A 1 90  ? 3.751   1.628   2.488   1.00 7.22  ? 89   LEU A O   1 
ATOM   630  C CB  . LEU A 1 90  ? 6.403   0.176   3.522   1.00 7.16  ? 89   LEU A CB  1 
ATOM   631  C CG  . LEU A 1 90  ? 7.184   -1.050  4.002   1.00 11.68 ? 89   LEU A CG  1 
ATOM   632  C CD1 . LEU A 1 90  ? 8.648   -0.976  3.445   1.00 13.44 ? 89   LEU A CD1 1 
ATOM   633  C CD2 . LEU A 1 90  ? 7.181   -1.226  5.463   1.00 12.94 ? 89   LEU A CD2 1 
ATOM   634  N N   . PHE A 1 91  ? 4.544   2.660   4.332   1.00 6.61  ? 90   PHE A N   1 
ATOM   635  C CA  . PHE A 1 91  ? 3.970   3.960   4.067   1.00 6.42  ? 90   PHE A CA  1 
ATOM   636  C C   . PHE A 1 91  ? 5.119   4.933   3.826   1.00 6.80  ? 90   PHE A C   1 
ATOM   637  O O   . PHE A 1 91  ? 6.016   4.984   4.655   1.00 8.66  ? 90   PHE A O   1 
ATOM   638  C CB  . PHE A 1 91  ? 3.177   4.408   5.300   1.00 8.07  ? 90   PHE A CB  1 
ATOM   639  C CG  . PHE A 1 91  ? 1.955   3.549   5.613   1.00 11.69 ? 90   PHE A CG  1 
ATOM   640  C CD1 . PHE A 1 91  ? 0.671   4.038   5.432   1.00 11.73 ? 90   PHE A CD1 1 
ATOM   641  C CD2 . PHE A 1 91  ? 2.103   2.301   6.125   1.00 11.52 ? 90   PHE A CD2 1 
ATOM   642  C CE1 . PHE A 1 91  ? -0.461  3.216   5.767   1.00 11.70 ? 90   PHE A CE1 1 
ATOM   643  C CE2 . PHE A 1 91  ? 1.012   1.495   6.458   1.00 14.33 ? 90   PHE A CE2 1 
ATOM   644  C CZ  . PHE A 1 91  ? -0.250  1.956   6.275   1.00 11.61 ? 90   PHE A CZ  1 
ATOM   645  N N   . PHE A 1 92  ? 5.043   5.695   2.731   1.00 9.29  ? 91   PHE A N   1 
ATOM   646  C CA  . PHE A 1 92  ? 6.138   6.589   2.328   1.00 9.76  ? 91   PHE A CA  1 
ATOM   647  C C   . PHE A 1 92  ? 5.615   7.995   2.055   1.00 11.50 ? 91   PHE A C   1 
ATOM   648  O O   . PHE A 1 92  ? 4.553   8.195   1.485   1.00 10.33 ? 91   PHE A O   1 
ATOM   649  C CB  . PHE A 1 92  ? 6.771   6.112   1.033   1.00 11.32 ? 91   PHE A CB  1 
ATOM   650  C CG  . PHE A 1 92  ? 7.544   4.813   1.167   1.00 9.57  ? 91   PHE A CG  1 
ATOM   651  C CD1 . PHE A 1 92  ? 8.876   4.798   1.604   1.00 12.18 ? 91   PHE A CD1 1 
ATOM   652  C CD2 . PHE A 1 92  ? 6.941   3.603   0.887   1.00 9.44  ? 91   PHE A CD2 1 
ATOM   653  C CE1 . PHE A 1 92  ? 9.566   3.577   1.726   1.00 12.57 ? 91   PHE A CE1 1 
ATOM   654  C CE2 . PHE A 1 92  ? 7.607   2.397   1.009   1.00 11.57 ? 91   PHE A CE2 1 
ATOM   655  C CZ  . PHE A 1 92  ? 8.922   2.367   1.431   1.00 10.72 ? 91   PHE A CZ  1 
ATOM   656  N N   . LYS A 1 93  ? 6.410   8.973   2.471   1.00 12.78 ? 92   LYS A N   1 
ATOM   657  C CA  . LYS A 1 93  ? 6.254   10.362  2.050   1.00 14.78 ? 92   LYS A CA  1 
ATOM   658  C C   . LYS A 1 93  ? 7.684   10.893  1.896   1.00 13.54 ? 92   LYS A C   1 
ATOM   659  O O   . LYS A 1 93  ? 8.515   10.590  2.715   1.00 16.14 ? 92   LYS A O   1 
ATOM   660  C CB  . LYS A 1 93  ? 5.555   11.177  3.120   1.00 14.52 ? 92   LYS A CB  1 
ATOM   661  C CG  . LYS A 1 93  ? 4.049   10.991  3.218   1.00 23.14 ? 92   LYS A CG  1 
ATOM   662  C CD  . LYS A 1 93  ? 3.459   11.912  4.330   1.00 22.12 ? 92   LYS A CD  1 
ATOM   663  C CE  . LYS A 1 93  ? 1.911   11.860  4.383   1.00 29.47 ? 92   LYS A CE  1 
ATOM   664  N NZ  . LYS A 1 93  ? 1.329   12.608  5.576   1.00 25.68 ? 92   LYS A NZ  1 
ATOM   665  N N   . ASN A 1 94  ? 7.950   11.576  0.778   1.00 17.92 ? 93   ASN A N   1 
ATOM   666  C CA  . ASN A 1 94  ? 9.292   12.121  0.471   1.00 21.01 ? 93   ASN A CA  1 
ATOM   667  C C   . ASN A 1 94  ? 10.406  11.066  0.516   1.00 26.53 ? 93   ASN A C   1 
ATOM   668  O O   . ASN A 1 94  ? 11.486  11.304  1.082   1.00 22.04 ? 93   ASN A O   1 
ATOM   669  C CB  A ASN A 1 94  ? 9.623   13.294  1.404   0.50 23.66 ? 93   ASN A CB  1 
ATOM   670  C CB  B ASN A 1 94  ? 9.584   13.299  1.410   0.50 24.69 ? 93   ASN A CB  1 
ATOM   671  C CG  A ASN A 1 94  ? 10.737  14.197  0.847   0.50 23.82 ? 93   ASN A CG  1 
ATOM   672  C CG  B ASN A 1 94  ? 8.753   14.530  1.069   0.50 26.54 ? 93   ASN A CG  1 
ATOM   673  O OD1 A ASN A 1 94  ? 11.003  14.217  -0.363  0.50 17.83 ? 93   ASN A OD1 1 
ATOM   674  O OD1 B ASN A 1 94  ? 7.990   15.029  1.893   0.50 56.76 ? 93   ASN A OD1 1 
ATOM   675  N ND2 A ASN A 1 94  ? 11.386  14.942  1.735   0.50 28.82 ? 93   ASN A ND2 1 
ATOM   676  N ND2 B ASN A 1 94  ? 8.891   15.013  -0.163  0.50 40.96 ? 93   ASN A ND2 1 
ATOM   677  N N   . SER A 1 95  ? 10.130  9.898   -0.079  1.00 20.10 ? 94   SER A N   1 
ATOM   678  C CA  . SER A 1 95  ? 11.044  8.752   -0.120  1.00 19.20 ? 94   SER A CA  1 
ATOM   679  C C   . SER A 1 95  ? 11.467  8.158   1.233   1.00 14.98 ? 94   SER A C   1 
ATOM   680  O O   . SER A 1 95  ? 12.308  7.255   1.286   1.00 21.42 ? 94   SER A O   1 
ATOM   681  C CB  . SER A 1 95  ? 12.292  9.054   -1.015  1.00 21.95 ? 94   SER A CB  1 
ATOM   682  O OG  . SER A 1 95  ? 11.902  9.706   -2.215  1.00 25.14 ? 94   SER A OG  1 
ATOM   683  N N   . GLN A 1 96  ? 10.796  8.587   2.314   1.00 15.16 ? 95   GLN A N   1 
ATOM   684  C CA  A GLN A 1 96  ? 11.047  8.089   3.652   0.70 13.93 ? 95   GLN A CA  1 
ATOM   685  C CA  B GLN A 1 96  ? 11.059  8.057   3.643   0.30 14.57 ? 95   GLN A CA  1 
ATOM   686  C C   . GLN A 1 96  ? 9.907   7.164   4.098   1.00 12.60 ? 95   GLN A C   1 
ATOM   687  O O   . GLN A 1 96  ? 8.722   7.523   3.937   1.00 13.62 ? 95   GLN A O   1 
ATOM   688  C CB  A GLN A 1 96  ? 11.095  9.271   4.642   0.70 19.53 ? 95   GLN A CB  1 
ATOM   689  C CB  B GLN A 1 96  ? 11.243  9.209   4.638   0.30 18.32 ? 95   GLN A CB  1 
ATOM   690  C CG  A GLN A 1 96  ? 12.218  10.314  4.398   0.70 17.30 ? 95   GLN A CG  1 
ATOM   691  C CG  B GLN A 1 96  ? 11.478  8.788   6.092   0.30 13.21 ? 95   GLN A CG  1 
ATOM   692  C CD  A GLN A 1 96  ? 13.608  9.826   4.811   0.70 19.21 ? 95   GLN A CD  1 
ATOM   693  C CD  B GLN A 1 96  ? 12.691  7.900   6.289   0.30 15.07 ? 95   GLN A CD  1 
ATOM   694  O OE1 A GLN A 1 96  ? 13.766  8.727   5.367   0.70 24.10 ? 95   GLN A OE1 1 
ATOM   695  O OE1 B GLN A 1 96  ? 12.603  6.838   6.908   0.30 17.01 ? 95   GLN A OE1 1 
ATOM   696  N NE2 A GLN A 1 96  ? 14.623  10.647  4.547   0.70 15.94 ? 95   GLN A NE2 1 
ATOM   697  N NE2 B GLN A 1 96  ? 13.834  8.338   5.775   0.30 11.73 ? 95   GLN A NE2 1 
ATOM   698  N N   . LYS A 1 97  ? 10.260  6.032   4.683   1.00 16.65 ? 96   LYS A N   1 
ATOM   699  C CA  . LYS A 1 97  ? 9.302   5.179   5.368   1.00 13.50 ? 96   LYS A CA  1 
ATOM   700  C C   . LYS A 1 97  ? 8.788   5.904   6.609   1.00 14.77 ? 96   LYS A C   1 
ATOM   701  O O   . LYS A 1 97  ? 9.552   6.278   7.499   1.00 16.50 ? 96   LYS A O   1 
ATOM   702  C CB  . LYS A 1 97  ? 9.938   3.837   5.735   1.00 15.74 ? 96   LYS A CB  1 
ATOM   703  C CG  . LYS A 1 97  ? 9.028   2.893   6.497   1.00 14.53 ? 96   LYS A CG  1 
ATOM   704  C CD  . LYS A 1 97  ? 9.736   1.633   6.963   1.00 16.23 ? 96   LYS A CD  1 
ATOM   705  C CE  . LYS A 1 97  ? 10.778  1.916   7.992   1.00 25.30 ? 96   LYS A CE  1 
ATOM   706  N NZ  . LYS A 1 97  ? 11.017  0.681   8.779   1.00 34.56 ? 96   LYS A NZ  1 
ATOM   707  N N   . ILE A 1 98  ? 7.480   6.116   6.678   1.00 11.57 ? 97   ILE A N   1 
ATOM   708  C CA  . ILE A 1 98  ? 6.899   6.792   7.841   1.00 12.74 ? 97   ILE A CA  1 
ATOM   709  C C   . ILE A 1 98  ? 5.998   5.887   8.709   1.00 13.97 ? 97   ILE A C   1 
ATOM   710  O O   . ILE A 1 98  ? 5.615   6.260   9.815   1.00 13.86 ? 97   ILE A O   1 
ATOM   711  C CB  . ILE A 1 98  ? 6.138   8.057   7.426   1.00 14.67 ? 97   ILE A CB  1 
ATOM   712  C CG1 . ILE A 1 98  ? 4.946   7.732   6.509   1.00 11.88 ? 97   ILE A CG1 1 
ATOM   713  C CG2 . ILE A 1 98  ? 7.057   9.049   6.763   1.00 13.24 ? 97   ILE A CG2 1 
ATOM   714  C CD1 . ILE A 1 98  ? 3.941   8.881   6.298   1.00 17.36 ? 97   ILE A CD1 1 
ATOM   715  N N   . ASP A 1 99  ? 5.654   4.695   8.206   1.00 9.95  ? 98   ASP A N   1 
ATOM   716  C CA  . ASP A 1 99  ? 4.868   3.784   8.985   1.00 10.25 ? 98   ASP A CA  1 
ATOM   717  C C   . ASP A 1 99  ? 4.996   2.394   8.365   1.00 10.16 ? 98   ASP A C   1 
ATOM   718  O O   . ASP A 1 99  ? 5.516   2.248   7.265   1.00 9.15  ? 98   ASP A O   1 
ATOM   719  C CB  . ASP A 1 99  ? 3.408   4.237   9.012   1.00 12.83 ? 98   ASP A CB  1 
ATOM   720  C CG  . ASP A 1 99  ? 2.671   3.866   10.307  1.00 14.57 ? 98   ASP A CG  1 
ATOM   721  O OD1 . ASP A 1 99  ? 3.072   2.898   11.003  1.00 13.37 ? 98   ASP A OD1 1 
ATOM   722  O OD2 . ASP A 1 99  ? 1.638   4.531   10.608  1.00 16.51 ? 98   ASP A OD2 1 
ATOM   723  N N   . ARG A 1 100 ? 4.551   1.399   9.118   1.00 11.32 ? 99   ARG A N   1 
ATOM   724  C CA  . ARG A 1 100 ? 4.589   0.005   8.712   1.00 7.98  ? 99   ARG A CA  1 
ATOM   725  C C   . ARG A 1 100 ? 3.449   -0.735  9.395   1.00 7.13  ? 99   ARG A C   1 
ATOM   726  O O   . ARG A 1 100 ? 3.158   -0.514  10.571  1.00 10.07 ? 99   ARG A O   1 
ATOM   727  C CB  . ARG A 1 100 ? 5.929   -0.610  9.104   1.00 9.19  ? 99   ARG A CB  1 
ATOM   728  C CG  . ARG A 1 100 ? 6.038   -2.107  8.895   1.00 10.20 ? 99   ARG A CG  1 
ATOM   729  C CD  . ARG A 1 100 ? 7.485   -2.547  9.086   1.00 9.82  ? 99   ARG A CD  1 
ATOM   730  N NE  . ARG A 1 100 ? 7.567   -3.990  8.877   1.00 10.56 ? 99   ARG A NE  1 
ATOM   731  C CZ  . ARG A 1 100 ? 8.566   -4.635  8.287   1.00 12.91 ? 99   ARG A CZ  1 
ATOM   732  N NH1 . ARG A 1 100 ? 9.674   -4.027  7.891   1.00 13.33 ? 99   ARG A NH1 1 
ATOM   733  N NH2 . ARG A 1 100 ? 8.451   -5.941  8.126   1.00 12.47 ? 99   ARG A NH2 1 
ATOM   734  N N   . LEU A 1 101 ? 2.848   -1.682  8.681   1.00 8.39  ? 100  LEU A N   1 
ATOM   735  C CA  . LEU A 1 101 ? 1.897   -2.636  9.237   1.00 8.77  ? 100  LEU A CA  1 
ATOM   736  C C   . LEU A 1 101 ? 2.261   -4.024  8.764   1.00 8.69  ? 100  LEU A C   1 
ATOM   737  O O   . LEU A 1 101 ? 2.364   -4.247  7.568   1.00 8.81  ? 100  LEU A O   1 
ATOM   738  C CB  . LEU A 1 101 ? 0.476   -2.323  8.787   1.00 8.59  ? 100  LEU A CB  1 
ATOM   739  C CG  . LEU A 1 101 ? -0.609  -3.328  9.223   1.00 9.86  ? 100  LEU A CG  1 
ATOM   740  C CD1 . LEU A 1 101 ? -0.738  -3.390  10.739  1.00 10.33 ? 100  LEU A CD1 1 
ATOM   741  C CD2 . LEU A 1 101 ? -1.934  -2.925  8.545   1.00 9.61  ? 100  LEU A CD2 1 
ATOM   742  N N   . ASP A 1 102 ? 2.419   -4.949  9.699   1.00 9.33  ? 101  ASP A N   1 
ATOM   743  C CA  . ASP A 1 102 ? 2.638   -6.368  9.414   1.00 9.87  ? 101  ASP A CA  1 
ATOM   744  C C   . ASP A 1 102 ? 1.350   -7.158  9.610   1.00 9.52  ? 101  ASP A C   1 
ATOM   745  O O   . ASP A 1 102 ? 0.722   -7.098  10.685  1.00 9.73  ? 101  ASP A O   1 
ATOM   746  C CB  . ASP A 1 102 ? 3.764   -6.892  10.317  1.00 10.00 ? 101  ASP A CB  1 
ATOM   747  C CG  . ASP A 1 102 ? 5.113   -6.269  9.961   1.00 16.16 ? 101  ASP A CG  1 
ATOM   748  O OD1 . ASP A 1 102 ? 5.735   -6.704  9.003   1.00 26.19 ? 101  ASP A OD1 1 
ATOM   749  O OD2 . ASP A 1 102 ? 5.546   -5.332  10.630  1.00 30.64 ? 101  ASP A OD2 1 
ATOM   750  N N   . GLY A 1 103 ? 0.976   -7.878  8.570   1.00 8.40  ? 102  GLY A N   1 
ATOM   751  C CA  . GLY A 1 103 ? -0.166  -8.783  8.593   1.00 9.98  ? 102  GLY A CA  1 
ATOM   752  C C   . GLY A 1 103 ? -1.480  -8.277  8.046   1.00 8.05  ? 102  GLY A C   1 
ATOM   753  O O   . GLY A 1 103 ? -1.686  -7.055  7.838   1.00 7.73  ? 102  GLY A O   1 
ATOM   754  N N   . ALA A 1 104 ? -2.380  -9.216  7.777   1.00 8.81  ? 103  ALA A N   1 
ATOM   755  C CA  . ALA A 1 104 ? -3.684  -8.934  7.164   1.00 8.02  ? 103  ALA A CA  1 
ATOM   756  C C   . ALA A 1 104 ? -4.660  -8.416  8.218   1.00 9.76  ? 103  ALA A C   1 
ATOM   757  O O   . ALA A 1 104 ? -5.534  -9.143  8.714   1.00 12.51 ? 103  ALA A O   1 
ATOM   758  C CB  . ALA A 1 104 ? -4.254  -10.166 6.493   1.00 8.79  ? 103  ALA A CB  1 
ATOM   759  N N   . HIS A 1 105 ? -4.487  -7.159  8.558   1.00 7.73  ? 104  HIS A N   1 
ATOM   760  C CA  . HIS A 1 105 ? -5.300  -6.496  9.580   1.00 8.46  ? 104  HIS A CA  1 
ATOM   761  C C   . HIS A 1 105 ? -5.993  -5.325  8.861   1.00 6.98  ? 104  HIS A C   1 
ATOM   762  O O   . HIS A 1 105 ? -5.508  -4.196  8.849   1.00 9.39  ? 104  HIS A O   1 
ATOM   763  C CB  . HIS A 1 105 ? -4.407  -6.032  10.742  1.00 8.83  ? 104  HIS A CB  1 
ATOM   764  C CG  . HIS A 1 105 ? -3.696  -7.151  11.442  1.00 10.28 ? 104  HIS A CG  1 
ATOM   765  N ND1 . HIS A 1 105 ? -4.356  -8.158  12.120  1.00 13.85 ? 104  HIS A ND1 1 
ATOM   766  C CD2 . HIS A 1 105 ? -2.382  -7.438  11.523  1.00 9.60  ? 104  HIS A CD2 1 
ATOM   767  C CE1 . HIS A 1 105 ? -3.467  -9.001  12.614  1.00 14.12 ? 104  HIS A CE1 1 
ATOM   768  N NE2 . HIS A 1 105 ? -2.262  -8.601  12.252  1.00 8.91  ? 104  HIS A NE2 1 
ATOM   769  N N   . ALA A 1 106 ? -7.171  -5.589  8.321   1.00 7.90  ? 105  ALA A N   1 
ATOM   770  C CA  . ALA A 1 106 ? -7.860  -4.584  7.520   1.00 8.30  ? 105  ALA A CA  1 
ATOM   771  C C   . ALA A 1 106 ? -8.193  -3.286  8.254   1.00 8.43  ? 105  ALA A C   1 
ATOM   772  O O   . ALA A 1 106 ? -7.852  -2.188  7.800   1.00 8.68  ? 105  ALA A O   1 
ATOM   773  C CB  . ALA A 1 106 ? -9.125  -5.185  6.809   1.00 10.50 ? 105  ALA A CB  1 
ATOM   774  N N   . PRO A 1 107 ? -8.853  -3.380  9.417   1.00 9.64  ? 106  PRO A N   1 
ATOM   775  C CA  . PRO A 1 107 ? -9.161  -2.104  10.083  1.00 8.95  ? 106  PRO A CA  1 
ATOM   776  C C   . PRO A 1 107 ? -7.923  -1.267  10.410  1.00 7.34  ? 106  PRO A C   1 
ATOM   777  O O   . PRO A 1 107 ? -7.969  -0.034  10.372  1.00 7.99  ? 106  PRO A O   1 
ATOM   778  C CB  . PRO A 1 107 ? -9.839  -2.561  11.379  1.00 10.77 ? 106  PRO A CB  1 
ATOM   779  C CG  . PRO A 1 107 ? -10.273 -3.965  11.174  1.00 9.72  ? 106  PRO A CG  1 
ATOM   780  C CD  . PRO A 1 107 ? -9.296  -4.553  10.183  1.00 11.26 ? 106  PRO A CD  1 
ATOM   781  N N   . GLU A 1 108 ? -6.845  -1.927  10.811  1.00 6.77  ? 107  GLU A N   1 
ATOM   782  C CA  . GLU A 1 108 ? -5.625  -1.226  11.154  1.00 8.34  ? 107  GLU A CA  1 
ATOM   783  C C   . GLU A 1 108 ? -4.950  -0.588  9.942   1.00 9.52  ? 107  GLU A C   1 
ATOM   784  O O   . GLU A 1 108 ? -4.394  0.500   10.039  1.00 8.48  ? 107  GLU A O   1 
ATOM   785  C CB  . GLU A 1 108 ? -4.703  -2.170  11.856  1.00 8.39  ? 107  GLU A CB  1 
ATOM   786  C CG  A GLU A 1 108 ? -5.128  -2.597  13.287  0.50 8.57  ? 107  GLU A CG  1 
ATOM   787  C CG  B GLU A 1 108 ? -3.616  -1.520  12.617  0.50 8.56  ? 107  GLU A CG  1 
ATOM   788  C CD  A GLU A 1 108 ? -6.442  -3.513  13.375  0.50 29.54 ? 107  GLU A CD  1 
ATOM   789  C CD  B GLU A 1 108 ? -4.078  -0.693  13.814  0.50 27.89 ? 107  GLU A CD  1 
ATOM   790  O OE1 A GLU A 1 108 ? -6.752  -4.426  12.524  0.50 9.36  ? 107  GLU A OE1 1 
ATOM   791  O OE1 B GLU A 1 108 ? -5.196  -0.919  14.333  0.50 34.83 ? 107  GLU A OE1 1 
ATOM   792  O OE2 A GLU A 1 108 ? -7.197  -3.297  14.353  0.50 30.40 ? 107  GLU A OE2 1 
ATOM   793  O OE2 B GLU A 1 108 ? -3.283  0.173   14.241  0.50 30.95 ? 107  GLU A OE2 1 
ATOM   794  N N   . LEU A 1 109 ? -5.014  -1.244  8.795   1.00 8.30  ? 108  LEU A N   1 
ATOM   795  C CA  . LEU A 1 109 ? -4.473  -0.665  7.564   1.00 7.45  ? 108  LEU A CA  1 
ATOM   796  C C   . LEU A 1 109 ? -5.216  0.631   7.310   1.00 8.40  ? 108  LEU A C   1 
ATOM   797  O O   . LEU A 1 109 ? -4.620  1.684   7.083   1.00 7.89  ? 108  LEU A O   1 
ATOM   798  C CB  . LEU A 1 109 ? -4.578  -1.594  6.380   1.00 7.22  ? 108  LEU A CB  1 
ATOM   799  C CG  . LEU A 1 109 ? -4.231  -1.028  5.013   1.00 8.28  ? 108  LEU A CG  1 
ATOM   800  C CD1 . LEU A 1 109 ? -2.751  -0.580  5.019   1.00 10.61 ? 108  LEU A CD1 1 
ATOM   801  C CD2 . LEU A 1 109 ? -4.517  -2.032  3.930   1.00 7.93  ? 108  LEU A CD2 1 
ATOM   802  N N   . THR A 1 110 ? -6.532  0.537   7.379   1.00 7.86  ? 109  THR A N   1 
ATOM   803  C CA  . THR A 1 110 ? -7.366  1.684   7.095   1.00 7.41  ? 109  THR A CA  1 
ATOM   804  C C   . THR A 1 110 ? -7.136  2.819   8.099   1.00 8.67  ? 109  THR A C   1 
ATOM   805  O O   . THR A 1 110 ? -7.110  4.000   7.697   1.00 9.60  ? 109  THR A O   1 
ATOM   806  C CB  . THR A 1 110 ? -8.808  1.251   7.044   1.00 5.82  ? 109  THR A CB  1 
ATOM   807  O OG1 . THR A 1 110 ? -8.950  0.307   5.984   1.00 7.61  ? 109  THR A OG1 1 
ATOM   808  C CG2 . THR A 1 110 ? -9.768  2.460   6.821   1.00 8.74  ? 109  THR A CG2 1 
ATOM   809  N N   . LYS A 1 111 ? -6.930  2.478   9.369   1.00 8.31  ? 110  LYS A N   1 
ATOM   810  C CA  . LYS A 1 111 ? -6.670  3.472   10.392  1.00 7.63  ? 110  LYS A CA  1 
ATOM   811  C C   . LYS A 1 111 ? -5.378  4.187   10.100  1.00 9.04  ? 110  LYS A C   1 
ATOM   812  O O   . LYS A 1 111 ? -5.319  5.418   10.186  1.00 9.69  ? 110  LYS A O   1 
ATOM   813  C CB  . LYS A 1 111 ? -6.591  2.838   11.804  1.00 11.34 ? 110  LYS A CB  1 
ATOM   814  C CG  . LYS A 1 111 ? -7.899  2.486   12.445  0.50 10.13 ? 110  LYS A CG  1 
ATOM   815  C CD  . LYS A 1 111 ? -7.677  1.661   13.757  1.00 31.69 ? 110  LYS A CD  1 
ATOM   816  C CE  . LYS A 1 111 ? -6.842  2.422   14.803  1.00 49.60 ? 110  LYS A CE  1 
ATOM   817  N NZ  . LYS A 1 111 ? -6.893  1.767   16.162  1.00 61.33 ? 110  LYS A NZ  1 
ATOM   818  N N   . LYS A 1 112 ? -4.329  3.444   9.769   1.00 8.73  ? 111  LYS A N   1 
ATOM   819  C CA  . LYS A 1 112 ? -3.031  4.103   9.494   1.00 7.97  ? 111  LYS A CA  1 
ATOM   820  C C   . LYS A 1 112 ? -3.159  4.975   8.231   1.00 8.61  ? 111  LYS A C   1 
ATOM   821  O O   . LYS A 1 112 ? -2.642  6.086   8.182   1.00 10.18 ? 111  LYS A O   1 
ATOM   822  C CB  . LYS A 1 112 ? -1.927  3.072   9.287   1.00 8.24  ? 111  LYS A CB  1 
ATOM   823  C CG  . LYS A 1 112 ? -1.464  2.420   10.599  1.00 9.56  ? 111  LYS A CG  1 
ATOM   824  C CD  . LYS A 1 112 ? -0.362  1.403   10.306  1.00 13.86 ? 111  LYS A CD  1 
ATOM   825  C CE  . LYS A 1 112 ? 0.136   0.719   11.546  1.00 15.87 ? 111  LYS A CE  1 
ATOM   826  N NZ  . LYS A 1 112 ? 0.904   1.670   12.394  1.00 14.48 ? 111  LYS A NZ  1 
ATOM   827  N N   . VAL A 1 113 ? -3.867  4.493   7.220   1.00 8.58  ? 112  VAL A N   1 
ATOM   828  C CA  . VAL A 1 113 ? -4.043  5.288   5.999   1.00 7.13  ? 112  VAL A CA  1 
ATOM   829  C C   . VAL A 1 113 ? -4.777  6.596   6.301   1.00 12.12 ? 112  VAL A C   1 
ATOM   830  O O   . VAL A 1 113 ? -4.346  7.697   5.889   1.00 10.19 ? 112  VAL A O   1 
ATOM   831  C CB  . VAL A 1 113 ? -4.742  4.494   4.869   1.00 8.85  ? 112  VAL A CB  1 
ATOM   832  C CG1 . VAL A 1 113 ? -5.049  5.420   3.702   1.00 9.99  ? 112  VAL A CG1 1 
ATOM   833  C CG2 . VAL A 1 113 ? -3.874  3.338   4.402   1.00 8.57  ? 112  VAL A CG2 1 
ATOM   834  N N   . GLN A 1 114 ? -5.842  6.501   7.091   1.00 9.42  ? 113  GLN A N   1 
ATOM   835  C CA  . GLN A 1 114 ? -6.589  7.703   7.463   1.00 8.85  ? 113  GLN A CA  1 
ATOM   836  C C   . GLN A 1 114 ? -5.756  8.708   8.255   1.00 12.64 ? 113  GLN A C   1 
ATOM   837  O O   . GLN A 1 114 ? -5.859  9.909   8.038   1.00 17.02 ? 113  GLN A O   1 
ATOM   838  C CB  . GLN A 1 114 ? -7.896  7.350   8.181   1.00 10.34 ? 113  GLN A CB  1 
ATOM   839  C CG  . GLN A 1 114 ? -8.845  8.553   8.394   1.00 10.48 ? 113  GLN A CG  1 
ATOM   840  C CD  . GLN A 1 114 ? -8.619  9.322   9.633   1.00 19.48 ? 113  GLN A CD  1 
ATOM   841  O OE1 . GLN A 1 114 ? -8.267  8.773   10.656  1.00 20.52 ? 113  GLN A OE1 1 
ATOM   842  N NE2 . GLN A 1 114 ? -8.867  10.608  9.557   1.00 22.93 ? 113  GLN A NE2 1 
ATOM   843  N N   . ARG A 1 115 ? -4.940  8.225   9.161   1.00 11.39 ? 114  ARG A N   1 
ATOM   844  C CA  . ARG A 1 115 ? -4.044  9.044   9.980   1.00 14.44 ? 114  ARG A CA  1 
ATOM   845  C C   . ARG A 1 115 ? -3.099  9.858   9.066   1.00 12.66 ? 114  ARG A C   1 
ATOM   846  O O   . ARG A 1 115 ? -2.877  11.060  9.276   1.00 16.30 ? 114  ARG A O   1 
ATOM   847  C CB  . ARG A 1 115 ? -3.226  8.152   10.927  1.00 16.49 ? 114  ARG A CB  1 
ATOM   848  C CG  A ARG A 1 115 ? -2.402  8.838   12.013  0.50 26.85 ? 114  ARG A CG  1 
ATOM   849  C CG  B ARG A 1 115 ? -2.213  8.929   11.841  0.50 23.13 ? 114  ARG A CG  1 
ATOM   850  C CD  A ARG A 1 115 ? -2.002  7.813   13.138  0.50 23.79 ? 114  ARG A CD  1 
ATOM   851  C CD  B ARG A 1 115 ? -1.201  7.970   12.541  0.50 36.51 ? 114  ARG A CD  1 
ATOM   852  N NE  A ARG A 1 115 ? -3.150  7.094   13.710  0.50 30.09 ? 114  ARG A NE  1 
ATOM   853  N NE  B ARG A 1 115 ? 0.052   8.599   12.982  0.50 41.41 ? 114  ARG A NE  1 
ATOM   854  C CZ  A ARG A 1 115 ? -3.228  5.771   13.857  0.50 38.93 ? 114  ARG A CZ  1 
ATOM   855  C CZ  B ARG A 1 115 ? 0.436   9.839   12.679  0.50 61.74 ? 114  ARG A CZ  1 
ATOM   856  N NH1 A ARG A 1 115 ? -2.227  4.980   13.487  0.50 30.33 ? 114  ARG A NH1 1 
ATOM   857  N NH1 B ARG A 1 115 ? -0.328  10.619  11.926  0.50 54.86 ? 114  ARG A NH1 1 
ATOM   858  N NH2 A ARG A 1 115 ? -4.316  5.233   14.388  0.50 34.45 ? 114  ARG A NH2 1 
ATOM   859  N NH2 B ARG A 1 115 ? 1.595   10.302  13.132  0.50 57.89 ? 114  ARG A NH2 1 
ATOM   860  N N   . HIS A 1 116 ? -2.543  9.219   8.047   1.00 9.70  ? 115  HIS A N   1 
ATOM   861  C CA  . HIS A 1 116 ? -1.513  9.839   7.189   1.00 11.36 ? 115  HIS A CA  1 
ATOM   862  C C   . HIS A 1 116 ? -2.044  10.608  5.989   1.00 13.88 ? 115  HIS A C   1 
ATOM   863  O O   . HIS A 1 116 ? -1.361  11.464  5.436   1.00 17.20 ? 115  HIS A O   1 
ATOM   864  C CB  . HIS A 1 116 ? -0.501  8.790   6.726   1.00 11.24 ? 115  HIS A CB  1 
ATOM   865  C CG  . HIS A 1 116 ? 0.285   8.183   7.844   1.00 15.18 ? 115  HIS A CG  1 
ATOM   866  N ND1 . HIS A 1 116 ? 1.076   8.926   8.697   1.00 17.27 ? 115  HIS A ND1 1 
ATOM   867  C CD2 . HIS A 1 116 ? 0.389   6.901   8.252   1.00 12.13 ? 115  HIS A CD2 1 
ATOM   868  C CE1 . HIS A 1 116 ? 1.591   8.117   9.610   1.00 18.85 ? 115  HIS A CE1 1 
ATOM   869  N NE2 . HIS A 1 116 ? 1.182   6.885   9.356   1.00 12.35 ? 115  HIS A NE2 1 
ATOM   870  N N   . ALA A 1 117 ? -3.263  10.314  5.594   1.00 11.39 ? 116  ALA A N   1 
ATOM   871  C CA  . ALA A 1 117 ? -3.886  10.976  4.449   1.00 14.83 ? 116  ALA A CA  1 
ATOM   872  C C   . ALA A 1 117 ? -4.244  12.381  4.862   1.00 18.34 ? 116  ALA A C   1 
ATOM   873  O O   . ALA A 1 117 ? -4.468  12.675  6.018   1.00 16.91 ? 116  ALA A O   1 
ATOM   874  C CB  . ALA A 1 117 ? -5.135  10.230  4.002   1.00 14.28 ? 116  ALA A CB  1 
ATOM   875  N N   . SER A 1 118 ? -4.287  13.268  3.890   1.00 15.41 ? 117  SER A N   1 
ATOM   876  C CA  . SER A 1 118 ? -4.685  14.625  4.181   1.00 17.35 ? 117  SER A CA  1 
ATOM   877  C C   . SER A 1 118 ? -6.122  14.776  4.626   1.00 21.27 ? 117  SER A C   1 
ATOM   878  O O   . SER A 1 118 ? -7.027  14.039  4.223   1.00 17.83 ? 117  SER A O   1 
ATOM   879  C CB  . SER A 1 118 ? -4.473  15.505  2.946   1.00 20.19 ? 117  SER A CB  1 
ATOM   880  O OG  . SER A 1 118 ? -3.132  15.384  2.472   1.00 28.68 ? 117  SER A OG  1 
ATOM   881  N N   . SER A 1 119 ? -6.355  15.819  5.414   1.00 23.15 ? 118  SER A N   1 
ATOM   882  C CA  . SER A 1 119 ? -7.724  16.260  5.685   1.00 26.55 ? 118  SER A CA  1 
ATOM   883  C C   . SER A 1 119 ? -8.412  16.596  4.356   1.00 24.83 ? 118  SER A C   1 
ATOM   884  O O   . SER A 1 119 ? -7.790  17.204  3.470   1.00 22.48 ? 118  SER A O   1 
ATOM   885  C CB  . SER A 1 119 ? -7.710  17.510  6.585   1.00 31.55 ? 118  SER A CB  1 
ATOM   886  O OG  . SER A 1 119 ? -6.967  17.236  7.770   1.00 42.74 ? 118  SER A OG  1 
ATOM   887  N N   . GLY A 1 120 ? -9.674  16.181  4.204   1.00 15.82 ? 119  GLY A N   1 
ATOM   888  C CA  . GLY A 1 120 ? -10.441 16.457  2.969   1.00 17.71 ? 119  GLY A CA  1 
ATOM   889  C C   . GLY A 1 120 ? -10.201 15.478  1.820   1.00 13.24 ? 119  GLY A C   1 
ATOM   890  O O   . GLY A 1 120 ? -10.727 15.634  0.715   1.00 16.44 ? 119  GLY A O   1 
ATOM   891  N N   . SER A 1 121 ? -9.403  14.452  2.060   1.00 12.55 ? 120  SER A N   1 
ATOM   892  C CA  . SER A 1 121 ? -9.054  13.499  1.014   1.00 11.15 ? 120  SER A CA  1 
ATOM   893  C C   . SER A 1 121 ? -10.189 12.511  0.736   1.00 8.01  ? 120  SER A C   1 
ATOM   894  O O   . SER A 1 121 ? -10.142 11.777  -0.240  1.00 11.44 ? 120  SER A O   1 
ATOM   895  C CB  . SER A 1 121 ? -7.778  12.747  1.355   1.00 15.25 ? 120  SER A CB  1 
ATOM   896  O OG  . SER A 1 121 ? -7.907  12.065  2.604   1.00 13.97 ? 120  SER A OG  1 
ATOM   897  N N   . PHE A 1 122 ? -11.159 12.414  1.645   1.00 9.37  ? 121  PHE A N   1 
ATOM   898  C CA  . PHE A 1 122 ? -12.307 11.515  1.459   1.00 9.29  ? 121  PHE A CA  1 
ATOM   899  C C   . PHE A 1 122 ? -13.648 12.217  1.682   1.00 8.17  ? 121  PHE A C   1 
ATOM   900  O O   . PHE A 1 122 ? -13.735 13.176  2.474   1.00 11.66 ? 121  PHE A O   1 
ATOM   901  C CB  . PHE A 1 122 ? -12.165 10.252  2.366   1.00 10.00 ? 121  PHE A CB  1 
ATOM   902  C CG  . PHE A 1 122 ? -11.996 10.541  3.829   1.00 10.37 ? 121  PHE A CG  1 
ATOM   903  C CD1 . PHE A 1 122 ? -13.089 10.752  4.636   1.00 11.64 ? 121  PHE A CD1 1 
ATOM   904  C CD2 . PHE A 1 122 ? -10.714 10.628  4.391   1.00 13.44 ? 121  PHE A CD2 1 
ATOM   905  C CE1 . PHE A 1 122 ? -12.922 10.996  6.035   1.00 15.15 ? 121  PHE A CE1 1 
ATOM   906  C CE2 . PHE A 1 122 ? -10.543 10.885  5.767   1.00 15.08 ? 121  PHE A CE2 1 
ATOM   907  C CZ  . PHE A 1 122 ? -11.638 11.064  6.577   1.00 12.77 ? 121  PHE A CZ  1 
ATOM   908  N N   . LEU A 1 123 ? -14.693 11.754  0.993   1.00 8.92  ? 122  LEU A N   1 
ATOM   909  C CA  . LEU A 1 123 ? -16.046 12.214  1.193   1.00 7.64  ? 122  LEU A CA  1 
ATOM   910  C C   . LEU A 1 123 ? -16.598 11.657  2.491   1.00 8.57  ? 122  LEU A C   1 
ATOM   911  O O   . LEU A 1 123 ? -16.072 10.676  2.998   1.00 7.19  ? 122  LEU A O   1 
ATOM   912  C CB  . LEU A 1 123 ? -16.943 11.812  0.030   1.00 9.93  ? 122  LEU A CB  1 
ATOM   913  C CG  . LEU A 1 123 ? -16.565 12.468  -1.314  1.00 16.93 ? 122  LEU A CG  1 
ATOM   914  C CD1 . LEU A 1 123 ? -17.390 11.881  -2.466  1.00 16.84 ? 122  LEU A CD1 1 
ATOM   915  C CD2 . LEU A 1 123 ? -16.704 13.957  -1.255  1.00 15.83 ? 122  LEU A CD2 1 
ATOM   916  N N   . PRO A 1 124 ? -17.683 12.258  3.000   1.00 10.25 ? 123  PRO A N   1 
ATOM   917  C CA  . PRO A 1 124 ? -18.135 11.852  4.351   1.00 8.30  ? 123  PRO A CA  1 
ATOM   918  C C   . PRO A 1 124 ? -18.718 10.418  4.404   1.00 7.77  ? 123  PRO A C   1 
ATOM   919  O O   . PRO A 1 124 ? -18.761 9.843   5.497   1.00 9.70  ? 123  PRO A O   1 
ATOM   920  C CB  . PRO A 1 124 ? -19.231 12.860  4.667   1.00 11.75 ? 123  PRO A CB  1 
ATOM   921  C CG  . PRO A 1 124 ? -18.893 14.092  3.810   1.00 13.56 ? 123  PRO A CG  1 
ATOM   922  C CD  . PRO A 1 124 ? -18.256 13.564  2.581   1.00 12.20 ? 123  PRO A CD  1 
ATOM   923  N N   . SER A 1 125 ? -19.084 9.854   3.255   1.00 9.04  ? 124  SER A N   1 
ATOM   924  C CA  . SER A 1 125 ? -19.615 8.510   3.207   1.00 9.78  ? 124  SER A CA  1 
ATOM   925  C C   . SER A 1 125 ? -19.070 7.776   1.999   1.00 8.66  ? 124  SER A C   1 
ATOM   926  O O   . SER A 1 125 ? -18.702 8.371   0.973   1.00 11.44 ? 124  SER A O   1 
ATOM   927  C CB  A SER A 1 125 ? -21.168 8.517   3.090   0.50 11.69 ? 124  SER A CB  1 
ATOM   928  C CB  B SER A 1 125 ? -21.133 8.465   3.221   0.50 14.47 ? 124  SER A CB  1 
ATOM   929  O OG  A SER A 1 125 ? -21.857 9.242   4.133   0.50 10.71 ? 124  SER A OG  1 
ATOM   930  O OG  B SER A 1 125 ? -21.643 9.109   2.096   0.50 17.68 ? 124  SER A OG  1 
ATOM   931  N N   . ALA A 1 126 ? -19.144 6.455   2.119   1.00 9.11  ? 125  ALA A N   1 
ATOM   932  C CA  . ALA A 1 126 ? -18.732 5.512   1.065   1.00 8.98  ? 125  ALA A CA  1 
ATOM   933  C C   . ALA A 1 126 ? -19.902 4.553   0.865   1.00 10.42 ? 125  ALA A C   1 
ATOM   934  O O   . ALA A 1 126 ? -20.449 4.026   1.832   1.00 10.35 ? 125  ALA A O   1 
ATOM   935  C CB  . ALA A 1 126 ? -17.487 4.726   1.475   1.00 9.96  ? 125  ALA A CB  1 
ATOM   936  N N   . LYS A 1 127 ? -20.208 4.247   -0.391  1.00 12.21 ? 126  LYS A N   1 
ATOM   937  C CA  . LYS A 1 127 ? -21.215 3.259   -0.714  1.00 10.99 ? 126  LYS A CA  1 
ATOM   938  C C   . LYS A 1 127 ? -20.768 1.864   -0.344  1.00 12.93 ? 126  LYS A C   1 
ATOM   939  O O   . LYS A 1 127 ? -19.612 1.506   -0.527  1.00 14.47 ? 126  LYS A O   1 
ATOM   940  C CB  . LYS A 1 127 ? -21.524 3.317   -2.225  1.00 15.07 ? 126  LYS A CB  1 
ATOM   941  C CG  . LYS A 1 127 ? -22.188 4.579   -2.664  1.00 18.39 ? 126  LYS A CG  1 
ATOM   942  C CD  . LYS A 1 127 ? -23.682 4.641   -2.274  1.00 23.51 ? 126  LYS A CD  1 
ATOM   943  C CE  . LYS A 1 127 ? -24.220 6.064   -2.517  1.00 44.88 ? 126  LYS A CE  1 
ATOM   944  N NZ  . LYS A 1 127 ? -25.704 6.173   -2.626  1.00 40.33 ? 126  LYS A NZ  1 
ATOM   945  N N   . VAL A 1 128 ? -21.698 1.067   0.170   1.00 11.35 ? 127  VAL A N   1 
ATOM   946  C CA  . VAL A 1 128 ? -21.435 -0.312  0.498   1.00 10.95 ? 127  VAL A CA  1 
ATOM   947  C C   . VAL A 1 128 ? -22.247 -1.219  -0.422  1.00 15.46 ? 127  VAL A C   1 
ATOM   948  O O   . VAL A 1 128 ? -23.270 -0.803  -0.926  1.00 16.15 ? 127  VAL A O   1 
ATOM   949  C CB  . VAL A 1 128 ? -21.710 -0.636  1.978   1.00 13.21 ? 127  VAL A CB  1 
ATOM   950  C CG1 . VAL A 1 128 ? -20.585 -0.037  2.847   1.00 18.53 ? 127  VAL A CG1 1 
ATOM   951  C CG2 . VAL A 1 128 ? -23.069 -0.188  2.413   1.00 13.39 ? 127  VAL A CG2 1 
ATOM   952  N N   . LYS A 1 129 ? -21.762 -2.438  -0.627  1.00 16.21 ? 128  LYS A N   1 
ATOM   953  C CA  . LYS A 1 129 ? -22.540 -3.466  -1.349  1.00 21.86 ? 128  LYS A CA  1 
ATOM   954  C C   . LYS A 1 129 ? -23.282 -4.354  -0.365  1.00 19.29 ? 128  LYS A C   1 
ATOM   955  O O   . LYS A 1 129 ? -22.667 -5.180  0.335   1.00 23.73 ? 128  LYS A O   1 
ATOM   956  C CB  . LYS A 1 129 ? -21.616 -4.323  -2.216  1.00 26.06 ? 128  LYS A CB  1 
ATOM   957  C CG  . LYS A 1 129 ? -22.347 -5.445  -2.981  1.00 37.95 ? 128  LYS A CG  1 
ATOM   958  N N   . VAL A 1 130 ? -24.600 -4.182  -0.302  1.00 21.93 ? 129  VAL A N   1 
ATOM   959  C CA  . VAL A 1 130 ? -25.453 -4.970  0.587   1.00 21.27 ? 129  VAL A CA  1 
ATOM   960  C C   . VAL A 1 130 ? -26.209 -6.053  -0.230  1.00 28.07 ? 129  VAL A C   1 
ATOM   961  O O   . VAL A 1 130 ? -27.083 -5.735  -1.034  1.00 32.86 ? 129  VAL A O   1 
ATOM   962  C CB  . VAL A 1 130 ? -26.383 -4.059  1.420   1.00 24.96 ? 129  VAL A CB  1 
ATOM   963  C CG1 . VAL A 1 130 ? -27.346 -4.881  2.277   1.00 23.39 ? 129  VAL A CG1 1 
ATOM   964  C CG2 . VAL A 1 130 ? -25.530 -3.147  2.336   1.00 25.48 ? 129  VAL A CG2 1 
ATOM   965  N N   . ASP A 1 131 ? -25.806 -7.310  -0.032  1.00 40.12 ? 130  ASP A N   1 
ATOM   966  C CA  . ASP A 1 131 ? -26.373 -8.468  -0.734  1.00 48.25 ? 130  ASP A CA  1 
ATOM   967  C C   . ASP A 1 131 ? -26.703 -9.592  0.260   1.00 45.63 ? 130  ASP A C   1 
ATOM   968  O O   . ASP A 1 131 ? -27.848 -9.712  0.710   1.00 45.81 ? 130  ASP A O   1 
ATOM   969  C CB  . ASP A 1 131 ? -25.390 -8.969  -1.807  1.00 50.08 ? 130  ASP A CB  1 
ATOM   970  C CG  . ASP A 1 131 ? -25.943 -10.149 -2.613  1.00 75.55 ? 130  ASP A CG  1 
ATOM   971  O OD1 . ASP A 1 131 ? -27.185 -10.289 -2.713  1.00 88.67 ? 130  ASP A OD1 1 
ATOM   972  O OD2 . ASP A 1 131 ? -25.129 -10.936 -3.150  1.00 84.25 ? 130  ASP A OD2 1 
HETATM 973  O O   . HOH B 2 .   ? -9.070  0.150   -11.744 1.00 39.08 ? 2001 HOH A O   1 
HETATM 974  O O   . HOH B 2 .   ? 0.233   -7.259  -11.483 1.00 47.71 ? 2002 HOH A O   1 
HETATM 975  O O   . HOH B 2 .   ? -0.377  -9.931  -10.555 1.00 25.07 ? 2003 HOH A O   1 
HETATM 976  O O   . HOH B 2 .   ? 0.043   -3.116  -12.468 1.00 32.94 ? 2004 HOH A O   1 
HETATM 977  O O   . HOH B 2 .   ? -7.629  -0.948  -14.142 1.00 50.70 ? 2005 HOH A O   1 
HETATM 978  O O   . HOH B 2 .   ? 6.110   -7.244  -8.155  1.00 14.20 ? 2006 HOH A O   1 
HETATM 979  O O   . HOH B 2 .   ? 4.946   -5.709  -12.397 1.00 46.46 ? 2007 HOH A O   1 
HETATM 980  O O   . HOH B 2 .   ? 9.444   -8.844  -11.120 1.00 41.38 ? 2008 HOH A O   1 
HETATM 981  O O   . HOH B 2 .   ? 1.291   -12.184 -9.803  1.00 28.60 ? 2009 HOH A O   1 
HETATM 982  O O   . HOH B 2 .   ? -3.072  -9.520  -9.771  1.00 23.83 ? 2010 HOH A O   1 
HETATM 983  O O   . HOH B 2 .   ? 12.452  -1.946  -14.620 1.00 50.27 ? 2011 HOH A O   1 
HETATM 984  O O   . HOH B 2 .   ? 15.495  -2.655  -11.711 1.00 28.43 ? 2012 HOH A O   1 
HETATM 985  O O   . HOH B 2 .   ? 14.742  3.989   -11.554 1.00 37.20 ? 2013 HOH A O   1 
HETATM 986  O O   . HOH B 2 .   ? 7.704   3.897   -11.530 1.00 42.35 ? 2014 HOH A O   1 
HETATM 987  O O   . HOH B 2 .   ? 18.966  0.277   -7.868  1.00 24.34 ? 2015 HOH A O   1 
HETATM 988  O O   . HOH B 2 .   ? 14.040  6.683   -4.865  1.00 23.26 ? 2016 HOH A O   1 
HETATM 989  O O   . HOH B 2 .   ? 17.988  4.743   -8.118  1.00 34.18 ? 2017 HOH A O   1 
HETATM 990  O O   . HOH B 2 .   ? -1.560  14.461  -0.997  1.00 29.52 ? 2018 HOH A O   1 
HETATM 991  O O   . HOH B 2 .   ? 12.752  14.384  -8.162  1.00 53.73 ? 2019 HOH A O   1 
HETATM 992  O O   . HOH B 2 .   ? 5.199   13.948  -5.857  1.00 29.96 ? 2020 HOH A O   1 
HETATM 993  O O   . HOH B 2 .   ? -4.662  -9.172  -7.463  1.00 21.20 ? 2021 HOH A O   1 
HETATM 994  O O   . HOH B 2 .   ? -12.906 -5.365  4.191   1.00 29.50 ? 2022 HOH A O   1 
HETATM 995  O O   . HOH B 2 .   ? 3.556   17.462  0.437   1.00 45.83 ? 2023 HOH A O   1 
HETATM 996  O O   . HOH B 2 .   ? 5.381   8.999   -1.176  1.00 14.03 ? 2024 HOH A O   1 
HETATM 997  O O   . HOH B 2 .   ? 2.550   13.273  -5.698  1.00 28.71 ? 2025 HOH A O   1 
HETATM 998  O O   . HOH B 2 .   ? -1.472  11.969  -0.146  1.00 24.02 ? 2026 HOH A O   1 
HETATM 999  O O   . HOH B 2 .   ? 6.963   -17.646 -7.741  1.00 50.25 ? 2027 HOH A O   1 
HETATM 1000 O O   . HOH B 2 .   ? 6.177   -12.599 -2.537  1.00 9.82  ? 2028 HOH A O   1 
HETATM 1001 O O   . HOH B 2 .   ? -2.493  -13.310 -3.113  1.00 8.32  ? 2029 HOH A O   1 
HETATM 1002 O O   . HOH B 2 .   ? 14.855  4.163   -3.461  1.00 19.55 ? 2030 HOH A O   1 
HETATM 1003 O O   . HOH B 2 .   ? 14.317  -9.336  6.440   1.00 37.29 ? 2031 HOH A O   1 
HETATM 1004 O O   . HOH B 2 .   ? -7.701  -9.701  -4.237  1.00 13.93 ? 2032 HOH A O   1 
HETATM 1005 O O   . HOH B 2 .   ? 15.160  11.296  -3.569  1.00 34.30 ? 2033 HOH A O   1 
HETATM 1006 O O   . HOH B 2 .   ? -7.106  -11.611 8.129   1.00 27.74 ? 2034 HOH A O   1 
HETATM 1007 O O   . HOH B 2 .   ? -11.123 -8.143  1.848   1.00 22.04 ? 2035 HOH A O   1 
HETATM 1008 O O   . HOH B 2 .   ? -11.246 -7.625  4.891   1.00 31.82 ? 2036 HOH A O   1 
HETATM 1009 O O   . HOH B 2 .   ? 9.938   -3.669  11.664  1.00 46.36 ? 2037 HOH A O   1 
HETATM 1010 O O   . HOH B 2 .   ? -5.118  -10.286 -5.087  1.00 14.11 ? 2038 HOH A O   1 
HETATM 1011 O O   . HOH B 2 .   ? -7.035  -5.209  -5.953  1.00 29.96 ? 2039 HOH A O   1 
HETATM 1012 O O   . HOH B 2 .   ? 1.190   -1.946  13.778  1.00 39.25 ? 2040 HOH A O   1 
HETATM 1013 O O   . HOH B 2 .   ? -1.407  -5.112  14.267  1.00 39.32 ? 2041 HOH A O   1 
HETATM 1014 O O   . HOH B 2 .   ? -12.105 -4.313  -3.596  1.00 26.60 ? 2042 HOH A O   1 
HETATM 1015 O O   . HOH B 2 .   ? -11.298 -11.082 -3.585  1.00 42.17 ? 2043 HOH A O   1 
HETATM 1016 O O   . HOH B 2 .   ? -8.937  -7.699  -5.592  1.00 41.44 ? 2044 HOH A O   1 
HETATM 1017 O O   . HOH B 2 .   ? -10.684 -5.898  -5.795  1.00 45.08 ? 2045 HOH A O   1 
HETATM 1018 O O   . HOH B 2 .   ? -11.550 -6.995  9.016   1.00 25.71 ? 2046 HOH A O   1 
HETATM 1019 O O   . HOH B 2 .   ? -9.414  -7.814  11.924  1.00 46.22 ? 2047 HOH A O   1 
HETATM 1020 O O   . HOH B 2 .   ? -12.398 -5.375  1.593   1.00 28.85 ? 2048 HOH A O   1 
HETATM 1021 O O   . HOH B 2 .   ? -14.551 -5.187  0.078   1.00 27.99 ? 2049 HOH A O   1 
HETATM 1022 O O   . HOH B 2 .   ? -13.392 16.722  5.291   1.00 31.12 ? 2050 HOH A O   1 
HETATM 1023 O O   . HOH B 2 .   ? -6.011  5.868   -4.968  1.00 12.70 ? 2051 HOH A O   1 
HETATM 1024 O O   . HOH B 2 .   ? -18.031 4.967   -2.336  1.00 22.66 ? 2052 HOH A O   1 
HETATM 1025 O O   . HOH B 2 .   ? -13.935 9.167   -0.403  1.00 8.73  ? 2053 HOH A O   1 
HETATM 1026 O O   . HOH B 2 .   ? -3.381  8.090   -6.629  1.00 34.71 ? 2054 HOH A O   1 
HETATM 1027 O O   . HOH B 2 .   ? -1.736  13.501  -3.874  1.00 30.80 ? 2055 HOH A O   1 
HETATM 1028 O O   . HOH B 2 .   ? -4.823  17.623  0.353   1.00 37.41 ? 2056 HOH A O   1 
HETATM 1029 O O   . HOH B 2 .   ? -3.215  16.057  -0.144  1.00 29.77 ? 2057 HOH A O   1 
HETATM 1030 O O   . HOH B 2 .   ? -0.667  6.465   -7.964  1.00 43.95 ? 2058 HOH A O   1 
HETATM 1031 O O   . HOH B 2 .   ? -0.482  10.037  -5.076  1.00 35.45 ? 2059 HOH A O   1 
HETATM 1032 O O   . HOH B 2 .   ? -2.291  2.004   -8.182  1.00 31.71 ? 2060 HOH A O   1 
HETATM 1033 O O   . HOH B 2 .   ? -3.837  4.303   -5.990  1.00 17.78 ? 2061 HOH A O   1 
HETATM 1034 O O   . HOH B 2 .   ? -4.596  -6.399  -6.861  1.00 23.24 ? 2062 HOH A O   1 
HETATM 1035 O O   . HOH B 2 .   ? 3.370   -10.712 -9.182  1.00 22.46 ? 2063 HOH A O   1 
HETATM 1036 O O   . HOH B 2 .   ? 8.165   -12.881 -10.136 1.00 47.83 ? 2064 HOH A O   1 
HETATM 1037 O O   . HOH B 2 .   ? 5.405   -15.888 -7.992  1.00 34.76 ? 2065 HOH A O   1 
HETATM 1038 O O   . HOH B 2 .   ? 8.632   -14.693 -7.494  1.00 33.59 ? 2066 HOH A O   1 
HETATM 1039 O O   . HOH B 2 .   ? 5.592   -14.569 -4.374  1.00 12.14 ? 2067 HOH A O   1 
HETATM 1040 O O   . HOH B 2 .   ? 7.442   -9.355  -9.328  1.00 25.58 ? 2068 HOH A O   1 
HETATM 1041 O O   . HOH B 2 .   ? 7.689   -19.162 -0.916  1.00 28.16 ? 2069 HOH A O   1 
HETATM 1042 O O   . HOH B 2 .   ? 7.585   -17.912 -5.164  1.00 43.26 ? 2070 HOH A O   1 
HETATM 1043 O O   . HOH B 2 .   ? 12.812  -7.960  -10.180 1.00 39.05 ? 2071 HOH A O   1 
HETATM 1044 O O   . HOH B 2 .   ? 15.437  -9.039  -8.406  1.00 29.70 ? 2072 HOH A O   1 
HETATM 1045 O O   . HOH B 2 .   ? 14.596  -5.525  -9.616  1.00 25.08 ? 2073 HOH A O   1 
HETATM 1046 O O   . HOH B 2 .   ? 18.695  -2.364  -9.088  1.00 42.64 ? 2074 HOH A O   1 
HETATM 1047 O O   . HOH B 2 .   ? 23.336  -5.928  -6.576  1.00 51.28 ? 2075 HOH A O   1 
HETATM 1048 O O   . HOH B 2 .   ? 20.421  -7.138  4.611   1.00 17.99 ? 2076 HOH A O   1 
HETATM 1049 O O   . HOH B 2 .   ? 19.858  -7.730  -1.567  1.00 35.27 ? 2077 HOH A O   1 
HETATM 1050 O O   . HOH B 2 .   ? 16.335  -7.869  5.506   1.00 20.16 ? 2078 HOH A O   1 
HETATM 1051 O O   . HOH B 2 .   ? 21.847  -9.765  -0.026  1.00 48.02 ? 2079 HOH A O   1 
HETATM 1052 O O   . HOH B 2 .   ? 13.968  2.040   -2.089  1.00 16.80 ? 2080 HOH A O   1 
HETATM 1053 O O   . HOH B 2 .   ? 15.824  5.075   -0.927  1.00 17.37 ? 2081 HOH A O   1 
HETATM 1054 O O   . HOH B 2 .   ? 11.755  -1.191  6.622   1.00 20.91 ? 2082 HOH A O   1 
HETATM 1055 O O   . HOH B 2 .   ? 13.427  4.499   1.871   1.00 16.47 ? 2083 HOH A O   1 
HETATM 1056 O O   . HOH B 2 .   ? 14.356  -1.899  6.788   1.00 31.39 ? 2084 HOH A O   1 
HETATM 1057 O O   . HOH B 2 .   ? 13.604  -1.325  8.852   1.00 43.90 ? 2085 HOH A O   1 
HETATM 1058 O O   . HOH B 2 .   ? 11.455  -8.752  8.907   1.00 31.92 ? 2086 HOH A O   1 
HETATM 1059 O O   . HOH B 2 .   ? 13.853  -10.271 4.039   1.00 37.02 ? 2087 HOH A O   1 
HETATM 1060 O O   . HOH B 2 .   ? 11.106  -15.194 5.775   1.00 31.56 ? 2088 HOH A O   1 
HETATM 1061 O O   . HOH B 2 .   ? 8.431   -12.445 9.420   1.00 26.70 ? 2089 HOH A O   1 
HETATM 1062 O O   . HOH B 2 .   ? 6.471   -9.456  9.566   1.00 42.43 ? 2090 HOH A O   1 
HETATM 1063 O O   . HOH B 2 .   ? 3.819   -9.601  7.637   1.00 17.34 ? 2091 HOH A O   1 
HETATM 1064 O O   . HOH B 2 .   ? 7.765   -8.703  7.011   1.00 12.96 ? 2092 HOH A O   1 
HETATM 1065 O O   . HOH B 2 .   ? 8.805   12.145  5.020   1.00 32.90 ? 2093 HOH A O   1 
HETATM 1066 O O   . HOH B 2 .   ? 1.997   11.662  8.120   1.00 29.76 ? 2094 HOH A O   1 
HETATM 1067 O O   . HOH B 2 .   ? 13.726  15.538  0.639   1.00 51.94 ? 2095 HOH A O   1 
HETATM 1068 O O   . HOH B 2 .   ? 11.808  12.440  -2.022  1.00 31.97 ? 2096 HOH A O   1 
HETATM 1069 O O   . HOH B 2 .   ? 13.956  9.199   -4.113  1.00 31.76 ? 2097 HOH A O   1 
HETATM 1070 O O   . HOH B 2 .   ? 8.082   8.947   -1.585  1.00 14.76 ? 2098 HOH A O   1 
HETATM 1071 O O   . HOH B 2 .   ? 13.091  5.174   4.597   1.00 37.42 ? 2099 HOH A O   1 
HETATM 1072 O O   . HOH B 2 .   ? 13.640  4.405   8.179   1.00 33.36 ? 2100 HOH A O   1 
HETATM 1073 O O   . HOH B 2 .   ? 10.837  -1.849  9.380   1.00 30.21 ? 2101 HOH A O   1 
HETATM 1074 O O   . HOH B 2 .   ? 9.569   4.807   9.913   1.00 37.12 ? 2102 HOH A O   1 
HETATM 1075 O O   . HOH B 2 .   ? 9.166   0.298   10.722  1.00 30.63 ? 2103 HOH A O   1 
HETATM 1076 O O   . HOH B 2 .   ? 10.781  -5.795  10.794  1.00 44.14 ? 2104 HOH A O   1 
HETATM 1077 O O   . HOH B 2 .   ? 7.788   2.590   10.298  1.00 26.54 ? 2105 HOH A O   1 
HETATM 1078 O O   . HOH B 2 .   ? 4.619   0.227   12.677  1.00 25.89 ? 2106 HOH A O   1 
HETATM 1079 O O   . HOH B 2 .   ? 5.065   -4.116  12.574  1.00 32.87 ? 2107 HOH A O   1 
HETATM 1080 O O   . HOH B 2 .   ? 8.333   -5.914  11.767  1.00 38.94 ? 2108 HOH A O   1 
HETATM 1081 O O   . HOH B 2 .   ? 2.427   -4.048  12.489  1.00 15.71 ? 2109 HOH A O   1 
HETATM 1082 O O   . HOH B 2 .   ? 0.792   -6.240  13.330  1.00 25.70 ? 2110 HOH A O   1 
HETATM 1083 O O   . HOH B 2 .   ? -7.201  -7.410  12.451  1.00 27.44 ? 2111 HOH A O   1 
HETATM 1084 O O   . HOH B 2 .   ? 0.028   -9.850  13.009  1.00 24.79 ? 2112 HOH A O   1 
HETATM 1085 O O   . HOH B 2 .   ? -8.536  -8.040  8.753   1.00 19.65 ? 2113 HOH A O   1 
HETATM 1086 O O   . HOH B 2 .   ? -10.574 1.090   10.538  1.00 9.14  ? 2114 HOH A O   1 
HETATM 1087 O O   . HOH B 2 .   ? -4.174  -5.209  14.535  1.00 54.54 ? 2115 HOH A O   1 
HETATM 1088 O O   . HOH B 2 .   ? -1.477  -1.650  13.993  1.00 32.90 ? 2116 HOH A O   1 
HETATM 1089 O O   . HOH B 2 .   ? -9.166  -4.698  14.828  1.00 45.30 ? 2117 HOH A O   1 
HETATM 1090 O O   . HOH B 2 .   ? 2.175   0.205   14.325  1.00 45.16 ? 2118 HOH A O   1 
HETATM 1091 O O   . HOH B 2 .   ? -5.737  12.299  8.474   1.00 36.89 ? 2119 HOH A O   1 
HETATM 1092 O O   . HOH B 2 .   ? -8.957  13.029  8.090   1.00 42.20 ? 2120 HOH A O   1 
HETATM 1093 O O   . HOH B 2 .   ? -7.364  6.555   11.656  1.00 26.08 ? 2121 HOH A O   1 
HETATM 1094 O O   . HOH B 2 .   ? -7.364  11.865  6.619   1.00 35.73 ? 2122 HOH A O   1 
HETATM 1095 O O   . HOH B 2 .   ? 0.353   4.919   12.971  1.00 33.88 ? 2123 HOH A O   1 
HETATM 1096 O O   . HOH B 2 .   ? -1.368  2.478   14.002  1.00 36.28 ? 2124 HOH A O   1 
HETATM 1097 O O   . HOH B 2 .   ? -1.575  13.881  7.134   1.00 43.42 ? 2125 HOH A O   1 
HETATM 1098 O O   . HOH B 2 .   ? -0.758  12.977  3.075   1.00 28.14 ? 2126 HOH A O   1 
HETATM 1099 O O   . HOH B 2 .   ? -3.999  12.420  1.122   1.00 17.83 ? 2127 HOH A O   1 
HETATM 1100 O O   . HOH B 2 .   ? -4.093  17.532  6.316   1.00 38.24 ? 2128 HOH A O   1 
HETATM 1101 O O   . HOH B 2 .   ? -13.292 16.314  0.373   1.00 19.80 ? 2129 HOH A O   1 
HETATM 1102 O O   . HOH B 2 .   ? -11.796 14.225  4.364   1.00 21.46 ? 2130 HOH A O   1 
HETATM 1103 O O   . HOH B 2 .   ? -10.705 14.789  6.645   1.00 34.44 ? 2131 HOH A O   1 
HETATM 1104 O O   . HOH B 2 .   ? -8.332  11.794  -2.129  1.00 10.87 ? 2132 HOH A O   1 
HETATM 1105 O O   . HOH B 2 .   ? -15.115 15.681  2.357   1.00 21.95 ? 2133 HOH A O   1 
HETATM 1106 O O   . HOH B 2 .   ? -15.407 13.697  5.107   1.00 28.20 ? 2134 HOH A O   1 
HETATM 1107 O O   . HOH B 2 .   ? -22.881 11.559  3.411   1.00 37.49 ? 2135 HOH A O   1 
HETATM 1108 O O   . HOH B 2 .   ? -17.098 8.065   -1.321  1.00 13.43 ? 2136 HOH A O   1 
HETATM 1109 O O   . HOH B 2 .   ? -17.836 0.459   -1.937  1.00 43.04 ? 2137 HOH A O   1 
HETATM 1110 O O   . HOH B 2 .   ? -23.383 -0.231  -3.935  1.00 38.46 ? 2138 HOH A O   1 
HETATM 1111 O O   . HOH B 2 .   ? -20.398 -6.872  -0.025  1.00 30.51 ? 2139 HOH A O   1 
HETATM 1112 O O   . HOH B 2 .   ? -23.157 -7.624  1.632   1.00 26.04 ? 2140 HOH A O   1 
HETATM 1113 O O   . HOH B 2 .   ? -25.957 -2.593  -2.129  1.00 37.30 ? 2141 HOH A O   1 
HETATM 1114 O O   . HOH B 2 .   ? -29.856 -8.615  2.557   1.00 46.08 ? 2142 HOH A O   1 
# 
loop_
_pdbx_poly_seq_scheme.asym_id 
_pdbx_poly_seq_scheme.entity_id 
_pdbx_poly_seq_scheme.seq_id 
_pdbx_poly_seq_scheme.mon_id 
_pdbx_poly_seq_scheme.ndb_seq_num 
_pdbx_poly_seq_scheme.pdb_seq_num 
_pdbx_poly_seq_scheme.auth_seq_num 
_pdbx_poly_seq_scheme.pdb_mon_id 
_pdbx_poly_seq_scheme.auth_mon_id 
_pdbx_poly_seq_scheme.pdb_strand_id 
_pdbx_poly_seq_scheme.pdb_ins_code 
_pdbx_poly_seq_scheme.hetero 
A 1 1   SER 1   0   ?   ?   ?   A . n 
A 1 2   MET 2   1   ?   ?   ?   A . n 
A 1 3   ALA 3   2   ?   ?   ?   A . n 
A 1 4   ALA 4   3   ?   ?   ?   A . n 
A 1 5   GLY 5   4   ?   ?   ?   A . n 
A 1 6   ALA 6   5   ?   ?   ?   A . n 
A 1 7   ALA 7   6   ?   ?   ?   A . n 
A 1 8   GLU 8   7   ?   ?   ?   A . n 
A 1 9   ALA 9   8   ?   ?   ?   A . n 
A 1 10  ALA 10  9   ?   ?   ?   A . n 
A 1 11  VAL 11  10  ?   ?   ?   A . n 
A 1 12  ALA 12  11  11  ALA ALA A . n 
A 1 13  ALA 13  12  12  ALA ALA A . n 
A 1 14  VAL 14  13  13  VAL VAL A . n 
A 1 15  GLU 15  14  14  GLU GLU A . n 
A 1 16  GLU 16  15  15  GLU GLU A . n 
A 1 17  VAL 17  16  16  VAL VAL A . n 
A 1 18  GLY 18  17  17  GLY GLY A . n 
A 1 19  SER 19  18  18  SER SER A . n 
A 1 20  ALA 20  19  19  ALA ALA A . n 
A 1 21  GLY 21  20  20  GLY GLY A . n 
A 1 22  GLN 22  21  21  GLN GLN A . n 
A 1 23  PHE 23  22  22  PHE PHE A . n 
A 1 24  GLU 24  23  23  GLU GLU A . n 
A 1 25  GLU 25  24  24  GLU GLU A . n 
A 1 26  LEU 26  25  25  LEU LEU A . n 
A 1 27  LEU 27  26  26  LEU LEU A . n 
A 1 28  ARG 28  27  27  ARG ARG A . n 
A 1 29  LEU 29  28  28  LEU LEU A . n 
A 1 30  LYS 30  29  29  LYS LYS A . n 
A 1 31  ALA 31  30  30  ALA ALA A . n 
A 1 32  LYS 32  31  31  LYS LYS A . n 
A 1 33  SER 33  32  32  SER SER A . n 
A 1 34  LEU 34  33  33  LEU LEU A . n 
A 1 35  LEU 35  34  34  LEU LEU A . n 
A 1 36  VAL 36  35  35  VAL VAL A . n 
A 1 37  VAL 37  36  36  VAL VAL A . n 
A 1 38  HIS 38  37  37  HIS HIS A . n 
A 1 39  PHE 39  38  38  PHE PHE A . n 
A 1 40  TRP 40  39  39  TRP TRP A . n 
A 1 41  ALA 41  40  40  ALA ALA A . n 
A 1 42  PRO 42  41  41  PRO PRO A . n 
A 1 43  TRP 43  42  42  TRP TRP A . n 
A 1 44  ALA 44  43  43  ALA ALA A . n 
A 1 45  PRO 45  44  44  PRO PRO A . n 
A 1 46  GLN 46  45  45  GLN GLN A . n 
A 1 47  CYS 47  46  46  CYS CYS A . n 
A 1 48  ALA 48  47  47  ALA ALA A . n 
A 1 49  GLN 49  48  48  GLN GLN A . n 
A 1 50  MET 50  49  49  MET MET A . n 
A 1 51  ASN 51  50  50  ASN ASN A . n 
A 1 52  GLU 52  51  51  GLU GLU A . n 
A 1 53  VAL 53  52  52  VAL VAL A . n 
A 1 54  MET 54  53  53  MET MET A . n 
A 1 55  ALA 55  54  54  ALA ALA A . n 
A 1 56  GLU 56  55  55  GLU GLU A . n 
A 1 57  LEU 57  56  56  LEU LEU A . n 
A 1 58  ALA 58  57  57  ALA ALA A . n 
A 1 59  LYS 59  58  58  LYS LYS A . n 
A 1 60  GLU 60  59  59  GLU GLU A . n 
A 1 61  LEU 61  60  60  LEU LEU A . n 
A 1 62  PRO 62  61  61  PRO PRO A . n 
A 1 63  GLN 63  62  62  GLN GLN A . n 
A 1 64  VAL 64  63  63  VAL VAL A . n 
A 1 65  SER 65  64  64  SER SER A . n 
A 1 66  PHE 66  65  65  PHE PHE A . n 
A 1 67  VAL 67  66  66  VAL VAL A . n 
A 1 68  LYS 68  67  67  LYS LYS A . n 
A 1 69  LEU 69  68  68  LEU LEU A . n 
A 1 70  GLU 70  69  69  GLU GLU A . n 
A 1 71  ALA 71  70  70  ALA ALA A . n 
A 1 72  GLU 72  71  71  GLU GLU A . n 
A 1 73  GLY 73  72  72  GLY GLY A . n 
A 1 74  VAL 74  73  73  VAL VAL A . n 
A 1 75  PRO 75  74  74  PRO PRO A . n 
A 1 76  GLU 76  75  75  GLU GLU A . n 
A 1 77  VAL 77  76  76  VAL VAL A . n 
A 1 78  SER 78  77  77  SER SER A . n 
A 1 79  GLU 79  78  78  GLU GLU A . n 
A 1 80  LYS 80  79  79  LYS LYS A . n 
A 1 81  TYR 81  80  80  TYR TYR A . n 
A 1 82  GLU 82  81  81  GLU GLU A . n 
A 1 83  ILE 83  82  82  ILE ILE A . n 
A 1 84  SER 84  83  83  SER SER A . n 
A 1 85  SER 85  84  84  SER SER A . n 
A 1 86  VAL 86  85  85  VAL VAL A . n 
A 1 87  PRO 87  86  86  PRO PRO A . n 
A 1 88  THR 88  87  87  THR THR A . n 
A 1 89  PHE 89  88  88  PHE PHE A . n 
A 1 90  LEU 90  89  89  LEU LEU A . n 
A 1 91  PHE 91  90  90  PHE PHE A . n 
A 1 92  PHE 92  91  91  PHE PHE A . n 
A 1 93  LYS 93  92  92  LYS LYS A . n 
A 1 94  ASN 94  93  93  ASN ASN A . n 
A 1 95  SER 95  94  94  SER SER A . n 
A 1 96  GLN 96  95  95  GLN GLN A . n 
A 1 97  LYS 97  96  96  LYS LYS A . n 
A 1 98  ILE 98  97  97  ILE ILE A . n 
A 1 99  ASP 99  98  98  ASP ASP A . n 
A 1 100 ARG 100 99  99  ARG ARG A . n 
A 1 101 LEU 101 100 100 LEU LEU A . n 
A 1 102 ASP 102 101 101 ASP ASP A . n 
A 1 103 GLY 103 102 102 GLY GLY A . n 
A 1 104 ALA 104 103 103 ALA ALA A . n 
A 1 105 HIS 105 104 104 HIS HIS A . n 
A 1 106 ALA 106 105 105 ALA ALA A . n 
A 1 107 PRO 107 106 106 PRO PRO A . n 
A 1 108 GLU 108 107 107 GLU GLU A . n 
A 1 109 LEU 109 108 108 LEU LEU A . n 
A 1 110 THR 110 109 109 THR THR A . n 
A 1 111 LYS 111 110 110 LYS LYS A . n 
A 1 112 LYS 112 111 111 LYS LYS A . n 
A 1 113 VAL 113 112 112 VAL VAL A . n 
A 1 114 GLN 114 113 113 GLN GLN A . n 
A 1 115 ARG 115 114 114 ARG ARG A . n 
A 1 116 HIS 116 115 115 HIS HIS A . n 
A 1 117 ALA 117 116 116 ALA ALA A . n 
A 1 118 SER 118 117 117 SER SER A . n 
A 1 119 SER 119 118 118 SER SER A . n 
A 1 120 GLY 120 119 119 GLY GLY A . n 
A 1 121 SER 121 120 120 SER SER A . n 
A 1 122 PHE 122 121 121 PHE PHE A . n 
A 1 123 LEU 123 122 122 LEU LEU A . n 
A 1 124 PRO 124 123 123 PRO PRO A . n 
A 1 125 SER 125 124 124 SER SER A . n 
A 1 126 ALA 126 125 125 ALA ALA A . n 
A 1 127 LYS 127 126 126 LYS LYS A . n 
A 1 128 VAL 128 127 127 VAL VAL A . n 
A 1 129 LYS 129 128 128 LYS LYS A . n 
A 1 130 VAL 130 129 129 VAL VAL A . n 
A 1 131 ASP 131 130 130 ASP ASP A . n 
A 1 132 THR 132 131 ?   ?   ?   A . n 
A 1 133 ASP 133 132 ?   ?   ?   A . n 
A 1 134 PRO 134 133 ?   ?   ?   A . n 
A 1 135 ASN 135 134 ?   ?   ?   A . n 
A 1 136 SER 136 135 ?   ?   ?   A . n 
A 1 137 SER 137 136 ?   ?   ?   A . n 
A 1 138 SER 138 137 ?   ?   ?   A . n 
A 1 139 VAL 139 138 ?   ?   ?   A . n 
A 1 140 ASP 140 139 ?   ?   ?   A . n 
A 1 141 LYS 141 140 ?   ?   ?   A . n 
A 1 142 LEU 142 141 ?   ?   ?   A . n 
A 1 143 ALA 143 142 ?   ?   ?   A . n 
A 1 144 ALA 144 143 ?   ?   ?   A . n 
A 1 145 ALA 145 144 ?   ?   ?   A . n 
A 1 146 LEU 146 145 ?   ?   ?   A . n 
A 1 147 GLU 147 146 ?   ?   ?   A . n 
A 1 148 HIS 148 147 ?   ?   ?   A . n 
A 1 149 HIS 149 148 ?   ?   ?   A . n 
A 1 150 HIS 150 149 ?   ?   ?   A . n 
A 1 151 HIS 151 150 ?   ?   ?   A . n 
A 1 152 HIS 152 151 ?   ?   ?   A . n 
A 1 153 HIS 153 152 ?   ?   ?   A . n 
# 
loop_
_pdbx_nonpoly_scheme.asym_id 
_pdbx_nonpoly_scheme.entity_id 
_pdbx_nonpoly_scheme.mon_id 
_pdbx_nonpoly_scheme.ndb_seq_num 
_pdbx_nonpoly_scheme.pdb_seq_num 
_pdbx_nonpoly_scheme.auth_seq_num 
_pdbx_nonpoly_scheme.pdb_mon_id 
_pdbx_nonpoly_scheme.auth_mon_id 
_pdbx_nonpoly_scheme.pdb_strand_id 
_pdbx_nonpoly_scheme.pdb_ins_code 
B 2 HOH 1   2001 2001 HOH HOH A . 
B 2 HOH 2   2002 2002 HOH HOH A . 
B 2 HOH 3   2003 2003 HOH HOH A . 
B 2 HOH 4   2004 2004 HOH HOH A . 
B 2 HOH 5   2005 2005 HOH HOH A . 
B 2 HOH 6   2006 2006 HOH HOH A . 
B 2 HOH 7   2007 2007 HOH HOH A . 
B 2 HOH 8   2008 2008 HOH HOH A . 
B 2 HOH 9   2009 2009 HOH HOH A . 
B 2 HOH 10  2010 2010 HOH HOH A . 
B 2 HOH 11  2011 2011 HOH HOH A . 
B 2 HOH 12  2012 2012 HOH HOH A . 
B 2 HOH 13  2013 2013 HOH HOH A . 
B 2 HOH 14  2014 2014 HOH HOH A . 
B 2 HOH 15  2015 2015 HOH HOH A . 
B 2 HOH 16  2016 2016 HOH HOH A . 
B 2 HOH 17  2017 2017 HOH HOH A . 
B 2 HOH 18  2018 2018 HOH HOH A . 
B 2 HOH 19  2019 2019 HOH HOH A . 
B 2 HOH 20  2020 2020 HOH HOH A . 
B 2 HOH 21  2021 2021 HOH HOH A . 
B 2 HOH 22  2022 2022 HOH HOH A . 
B 2 HOH 23  2023 2023 HOH HOH A . 
B 2 HOH 24  2024 2024 HOH HOH A . 
B 2 HOH 25  2025 2025 HOH HOH A . 
B 2 HOH 26  2026 2026 HOH HOH A . 
B 2 HOH 27  2027 2027 HOH HOH A . 
B 2 HOH 28  2028 2028 HOH HOH A . 
B 2 HOH 29  2029 2029 HOH HOH A . 
B 2 HOH 30  2030 2030 HOH HOH A . 
B 2 HOH 31  2031 2031 HOH HOH A . 
B 2 HOH 32  2032 2032 HOH HOH A . 
B 2 HOH 33  2033 2033 HOH HOH A . 
B 2 HOH 34  2034 2034 HOH HOH A . 
B 2 HOH 35  2035 2035 HOH HOH A . 
B 2 HOH 36  2036 2036 HOH HOH A . 
B 2 HOH 37  2037 2037 HOH HOH A . 
B 2 HOH 38  2038 2038 HOH HOH A . 
B 2 HOH 39  2039 2039 HOH HOH A . 
B 2 HOH 40  2040 2040 HOH HOH A . 
B 2 HOH 41  2041 2041 HOH HOH A . 
B 2 HOH 42  2042 2042 HOH HOH A . 
B 2 HOH 43  2043 2043 HOH HOH A . 
B 2 HOH 44  2044 2044 HOH HOH A . 
B 2 HOH 45  2045 2045 HOH HOH A . 
B 2 HOH 46  2046 2046 HOH HOH A . 
B 2 HOH 47  2047 2047 HOH HOH A . 
B 2 HOH 48  2048 2048 HOH HOH A . 
B 2 HOH 49  2049 2049 HOH HOH A . 
B 2 HOH 50  2050 2050 HOH HOH A . 
B 2 HOH 51  2051 2051 HOH HOH A . 
B 2 HOH 52  2052 2052 HOH HOH A . 
B 2 HOH 53  2053 2053 HOH HOH A . 
B 2 HOH 54  2054 2054 HOH HOH A . 
B 2 HOH 55  2055 2055 HOH HOH A . 
B 2 HOH 56  2056 2056 HOH HOH A . 
B 2 HOH 57  2057 2057 HOH HOH A . 
B 2 HOH 58  2058 2058 HOH HOH A . 
B 2 HOH 59  2059 2059 HOH HOH A . 
B 2 HOH 60  2060 2060 HOH HOH A . 
B 2 HOH 61  2061 2061 HOH HOH A . 
B 2 HOH 62  2062 2062 HOH HOH A . 
B 2 HOH 63  2063 2063 HOH HOH A . 
B 2 HOH 64  2064 2064 HOH HOH A . 
B 2 HOH 65  2065 2065 HOH HOH A . 
B 2 HOH 66  2066 2066 HOH HOH A . 
B 2 HOH 67  2067 2067 HOH HOH A . 
B 2 HOH 68  2068 2068 HOH HOH A . 
B 2 HOH 69  2069 2069 HOH HOH A . 
B 2 HOH 70  2070 2070 HOH HOH A . 
B 2 HOH 71  2071 2071 HOH HOH A . 
B 2 HOH 72  2072 2072 HOH HOH A . 
B 2 HOH 73  2073 2073 HOH HOH A . 
B 2 HOH 74  2074 2074 HOH HOH A . 
B 2 HOH 75  2075 2075 HOH HOH A . 
B 2 HOH 76  2076 2076 HOH HOH A . 
B 2 HOH 77  2077 2077 HOH HOH A . 
B 2 HOH 78  2078 2078 HOH HOH A . 
B 2 HOH 79  2079 2079 HOH HOH A . 
B 2 HOH 80  2080 2080 HOH HOH A . 
B 2 HOH 81  2081 2081 HOH HOH A . 
B 2 HOH 82  2082 2082 HOH HOH A . 
B 2 HOH 83  2083 2083 HOH HOH A . 
B 2 HOH 84  2084 2084 HOH HOH A . 
B 2 HOH 85  2085 2085 HOH HOH A . 
B 2 HOH 86  2086 2086 HOH HOH A . 
B 2 HOH 87  2087 2087 HOH HOH A . 
B 2 HOH 88  2088 2088 HOH HOH A . 
B 2 HOH 89  2089 2089 HOH HOH A . 
B 2 HOH 90  2090 2090 HOH HOH A . 
B 2 HOH 91  2091 2091 HOH HOH A . 
B 2 HOH 92  2092 2092 HOH HOH A . 
B 2 HOH 93  2093 2093 HOH HOH A . 
B 2 HOH 94  2094 2094 HOH HOH A . 
B 2 HOH 95  2095 2095 HOH HOH A . 
B 2 HOH 96  2096 2096 HOH HOH A . 
B 2 HOH 97  2097 2097 HOH HOH A . 
B 2 HOH 98  2098 2098 HOH HOH A . 
B 2 HOH 99  2099 2099 HOH HOH A . 
B 2 HOH 100 2100 2100 HOH HOH A . 
B 2 HOH 101 2101 2101 HOH HOH A . 
B 2 HOH 102 2102 2102 HOH HOH A . 
B 2 HOH 103 2103 2103 HOH HOH A . 
B 2 HOH 104 2104 2104 HOH HOH A . 
B 2 HOH 105 2105 2105 HOH HOH A . 
B 2 HOH 106 2106 2106 HOH HOH A . 
B 2 HOH 107 2107 2107 HOH HOH A . 
B 2 HOH 108 2108 2108 HOH HOH A . 
B 2 HOH 109 2109 2109 HOH HOH A . 
B 2 HOH 110 2110 2110 HOH HOH A . 
B 2 HOH 111 2111 2111 HOH HOH A . 
B 2 HOH 112 2112 2112 HOH HOH A . 
B 2 HOH 113 2113 2113 HOH HOH A . 
B 2 HOH 114 2114 2114 HOH HOH A . 
B 2 HOH 115 2115 2115 HOH HOH A . 
B 2 HOH 116 2116 2116 HOH HOH A . 
B 2 HOH 117 2117 2117 HOH HOH A . 
B 2 HOH 118 2118 2118 HOH HOH A . 
B 2 HOH 119 2119 2119 HOH HOH A . 
B 2 HOH 120 2120 2120 HOH HOH A . 
B 2 HOH 121 2121 2121 HOH HOH A . 
B 2 HOH 122 2122 2122 HOH HOH A . 
B 2 HOH 123 2123 2123 HOH HOH A . 
B 2 HOH 124 2124 2124 HOH HOH A . 
B 2 HOH 125 2125 2125 HOH HOH A . 
B 2 HOH 126 2126 2126 HOH HOH A . 
B 2 HOH 127 2127 2127 HOH HOH A . 
B 2 HOH 128 2128 2128 HOH HOH A . 
B 2 HOH 129 2129 2129 HOH HOH A . 
B 2 HOH 130 2130 2130 HOH HOH A . 
B 2 HOH 131 2131 2131 HOH HOH A . 
B 2 HOH 132 2132 2132 HOH HOH A . 
B 2 HOH 133 2133 2133 HOH HOH A . 
B 2 HOH 134 2134 2134 HOH HOH A . 
B 2 HOH 135 2135 2135 HOH HOH A . 
B 2 HOH 136 2136 2136 HOH HOH A . 
B 2 HOH 137 2137 2137 HOH HOH A . 
B 2 HOH 138 2138 2138 HOH HOH A . 
B 2 HOH 139 2139 2139 HOH HOH A . 
B 2 HOH 140 2140 2140 HOH HOH A . 
B 2 HOH 141 2141 2141 HOH HOH A . 
B 2 HOH 142 2142 2142 HOH HOH A . 
# 
_pdbx_struct_assembly.id                   1 
_pdbx_struct_assembly.details              author_and_software_defined_assembly 
_pdbx_struct_assembly.method_details       PISA 
_pdbx_struct_assembly.oligomeric_details   monomeric 
_pdbx_struct_assembly.oligomeric_count     1 
# 
_pdbx_struct_assembly_gen.assembly_id       1 
_pdbx_struct_assembly_gen.oper_expression   1 
_pdbx_struct_assembly_gen.asym_id_list      A,B 
# 
_pdbx_struct_oper_list.id                   1 
_pdbx_struct_oper_list.type                 'identity operation' 
_pdbx_struct_oper_list.name                 1_555 
_pdbx_struct_oper_list.symmetry_operation   x,y,z 
_pdbx_struct_oper_list.matrix[1][1]         1.0000000000 
_pdbx_struct_oper_list.matrix[1][2]         0.0000000000 
_pdbx_struct_oper_list.matrix[1][3]         0.0000000000 
_pdbx_struct_oper_list.vector[1]            0.0000000000 
_pdbx_struct_oper_list.matrix[2][1]         0.0000000000 
_pdbx_struct_oper_list.matrix[2][2]         1.0000000000 
_pdbx_struct_oper_list.matrix[2][3]         0.0000000000 
_pdbx_struct_oper_list.vector[2]            0.0000000000 
_pdbx_struct_oper_list.matrix[3][1]         0.0000000000 
_pdbx_struct_oper_list.matrix[3][2]         0.0000000000 
_pdbx_struct_oper_list.matrix[3][3]         1.0000000000 
_pdbx_struct_oper_list.vector[3]            0.0000000000 
# 
loop_
_pdbx_audit_revision_history.ordinal 
_pdbx_audit_revision_history.data_content_type 
_pdbx_audit_revision_history.major_revision 
_pdbx_audit_revision_history.minor_revision 
_pdbx_audit_revision_history.revision_date 
1 'Structure model' 1 0 2010-03-16 
2 'Structure model' 1 1 2011-05-08 
3 'Structure model' 1 2 2011-07-13 
4 'Structure model' 1 3 2018-01-24 
5 'Structure model' 1 4 2023-12-20 
# 
_pdbx_audit_revision_details.ordinal             1 
_pdbx_audit_revision_details.revision_ordinal    1 
_pdbx_audit_revision_details.data_content_type   'Structure model' 
_pdbx_audit_revision_details.provider            repository 
_pdbx_audit_revision_details.type                'Initial release' 
_pdbx_audit_revision_details.description         ? 
_pdbx_audit_revision_details.details             ? 
# 
loop_
_pdbx_audit_revision_group.ordinal 
_pdbx_audit_revision_group.revision_ordinal 
_pdbx_audit_revision_group.data_content_type 
_pdbx_audit_revision_group.group 
1 2 'Structure model' 'Version format compliance' 
2 3 'Structure model' 'Version format compliance' 
3 4 'Structure model' 'Database references'       
4 4 'Structure model' 'Structure summary'         
5 5 'Structure model' 'Data collection'           
6 5 'Structure model' 'Database references'       
7 5 'Structure model' Other                       
8 5 'Structure model' 'Refinement description'    
# 
loop_
_pdbx_audit_revision_category.ordinal 
_pdbx_audit_revision_category.revision_ordinal 
_pdbx_audit_revision_category.data_content_type 
_pdbx_audit_revision_category.category 
1 4 'Structure model' audit_author                  
2 4 'Structure model' citation_author               
3 5 'Structure model' chem_comp_atom                
4 5 'Structure model' chem_comp_bond                
5 5 'Structure model' database_2                    
6 5 'Structure model' pdbx_database_status          
7 5 'Structure model' pdbx_initial_refinement_model 
# 
loop_
_pdbx_audit_revision_item.ordinal 
_pdbx_audit_revision_item.revision_ordinal 
_pdbx_audit_revision_item.data_content_type 
_pdbx_audit_revision_item.item 
1 4 'Structure model' '_audit_author.name'                   
2 4 'Structure model' '_citation_author.name'                
3 5 'Structure model' '_database_2.pdbx_DOI'                 
4 5 'Structure model' '_database_2.pdbx_database_accession'  
5 5 'Structure model' '_pdbx_database_status.status_code_sf' 
# 
loop_
_software.name 
_software.classification 
_software.version 
_software.citation_id 
_software.pdbx_ordinal 
REFMAC refinement       5.5.0089 ? 1 
MOSFLM 'data reduction' .        ? 2 
SCALA  'data scaling'   .        ? 3 
PHASER phasing          .        ? 4 
# 
_pdbx_entry_details.entry_id                 2WZ9 
_pdbx_entry_details.compound_details         ? 
_pdbx_entry_details.source_details           ? 
_pdbx_entry_details.nonpolymer_details       ? 
_pdbx_entry_details.sequence_details         
;SEQUENCE TOWARDS C TERMINUS CARRIES SEVEN MUTATIONS
INTRODUCED BY PCR
;
_pdbx_entry_details.has_ligand_of_interest   ? 
# 
_pdbx_validate_torsion.id              1 
_pdbx_validate_torsion.PDB_model_num   1 
_pdbx_validate_torsion.auth_comp_id    ALA 
_pdbx_validate_torsion.auth_asym_id    A 
_pdbx_validate_torsion.auth_seq_id     12 
_pdbx_validate_torsion.PDB_ins_code    ? 
_pdbx_validate_torsion.label_alt_id    ? 
_pdbx_validate_torsion.phi             71.14 
_pdbx_validate_torsion.psi             -58.75 
# 
loop_
_pdbx_unobs_or_zero_occ_atoms.id 
_pdbx_unobs_or_zero_occ_atoms.PDB_model_num 
_pdbx_unobs_or_zero_occ_atoms.polymer_flag 
_pdbx_unobs_or_zero_occ_atoms.occupancy_flag 
_pdbx_unobs_or_zero_occ_atoms.auth_asym_id 
_pdbx_unobs_or_zero_occ_atoms.auth_comp_id 
_pdbx_unobs_or_zero_occ_atoms.auth_seq_id 
_pdbx_unobs_or_zero_occ_atoms.PDB_ins_code 
_pdbx_unobs_or_zero_occ_atoms.auth_atom_id 
_pdbx_unobs_or_zero_occ_atoms.label_alt_id 
_pdbx_unobs_or_zero_occ_atoms.label_asym_id 
_pdbx_unobs_or_zero_occ_atoms.label_comp_id 
_pdbx_unobs_or_zero_occ_atoms.label_seq_id 
_pdbx_unobs_or_zero_occ_atoms.label_atom_id 
1 1 Y 1 A GLU 14  ? CD  ? A GLU 15  CD  
2 1 Y 1 A GLU 14  ? OE1 ? A GLU 15  OE1 
3 1 Y 1 A GLU 14  ? OE2 ? A GLU 15  OE2 
4 1 Y 1 A LYS 31  ? CD  ? A LYS 32  CD  
5 1 Y 1 A LYS 31  ? CE  ? A LYS 32  CE  
6 1 Y 1 A LYS 31  ? NZ  ? A LYS 32  NZ  
7 1 Y 1 A LYS 128 ? CD  ? A LYS 129 CD  
8 1 Y 1 A LYS 128 ? CE  ? A LYS 129 CE  
9 1 Y 1 A LYS 128 ? NZ  ? A LYS 129 NZ  
# 
loop_
_pdbx_unobs_or_zero_occ_residues.id 
_pdbx_unobs_or_zero_occ_residues.PDB_model_num 
_pdbx_unobs_or_zero_occ_residues.polymer_flag 
_pdbx_unobs_or_zero_occ_residues.occupancy_flag 
_pdbx_unobs_or_zero_occ_residues.auth_asym_id 
_pdbx_unobs_or_zero_occ_residues.auth_comp_id 
_pdbx_unobs_or_zero_occ_residues.auth_seq_id 
_pdbx_unobs_or_zero_occ_residues.PDB_ins_code 
_pdbx_unobs_or_zero_occ_residues.label_asym_id 
_pdbx_unobs_or_zero_occ_residues.label_comp_id 
_pdbx_unobs_or_zero_occ_residues.label_seq_id 
1  1 Y 1 A SER 0   ? A SER 1   
2  1 Y 1 A MET 1   ? A MET 2   
3  1 Y 1 A ALA 2   ? A ALA 3   
4  1 Y 1 A ALA 3   ? A ALA 4   
5  1 Y 1 A GLY 4   ? A GLY 5   
6  1 Y 1 A ALA 5   ? A ALA 6   
7  1 Y 1 A ALA 6   ? A ALA 7   
8  1 Y 1 A GLU 7   ? A GLU 8   
9  1 Y 1 A ALA 8   ? A ALA 9   
10 1 Y 1 A ALA 9   ? A ALA 10  
11 1 Y 1 A VAL 10  ? A VAL 11  
12 1 Y 1 A THR 131 ? A THR 132 
13 1 Y 1 A ASP 132 ? A ASP 133 
14 1 Y 1 A PRO 133 ? A PRO 134 
15 1 Y 1 A ASN 134 ? A ASN 135 
16 1 Y 1 A SER 135 ? A SER 136 
17 1 Y 1 A SER 136 ? A SER 137 
18 1 Y 1 A SER 137 ? A SER 138 
19 1 Y 1 A VAL 138 ? A VAL 139 
20 1 Y 1 A ASP 139 ? A ASP 140 
21 1 Y 1 A LYS 140 ? A LYS 141 
22 1 Y 1 A LEU 141 ? A LEU 142 
23 1 Y 1 A ALA 142 ? A ALA 143 
24 1 Y 1 A ALA 143 ? A ALA 144 
25 1 Y 1 A ALA 144 ? A ALA 145 
26 1 Y 1 A LEU 145 ? A LEU 146 
27 1 Y 1 A GLU 146 ? A GLU 147 
28 1 Y 1 A HIS 147 ? A HIS 148 
29 1 Y 1 A HIS 148 ? A HIS 149 
30 1 Y 1 A HIS 149 ? A HIS 150 
31 1 Y 1 A HIS 150 ? A HIS 151 
32 1 Y 1 A HIS 151 ? A HIS 152 
33 1 Y 1 A HIS 152 ? A HIS 153 
# 
loop_
_chem_comp_atom.comp_id 
_chem_comp_atom.atom_id 
_chem_comp_atom.type_symbol 
_chem_comp_atom.pdbx_aromatic_flag 
_chem_comp_atom.pdbx_stereo_config 
_chem_comp_atom.pdbx_ordinal 
ALA N    N N N 1   
ALA CA   C N S 2   
ALA C    C N N 3   
ALA O    O N N 4   
ALA CB   C N N 5   
ALA OXT  O N N 6   
ALA H    H N N 7   
ALA H2   H N N 8   
ALA HA   H N N 9   
ALA HB1  H N N 10  
ALA HB2  H N N 11  
ALA HB3  H N N 12  
ALA HXT  H N N 13  
ARG N    N N N 14  
ARG CA   C N S 15  
ARG C    C N N 16  
ARG O    O N N 17  
ARG CB   C N N 18  
ARG CG   C N N 19  
ARG CD   C N N 20  
ARG NE   N N N 21  
ARG CZ   C N N 22  
ARG NH1  N N N 23  
ARG NH2  N N N 24  
ARG OXT  O N N 25  
ARG H    H N N 26  
ARG H2   H N N 27  
ARG HA   H N N 28  
ARG HB2  H N N 29  
ARG HB3  H N N 30  
ARG HG2  H N N 31  
ARG HG3  H N N 32  
ARG HD2  H N N 33  
ARG HD3  H N N 34  
ARG HE   H N N 35  
ARG HH11 H N N 36  
ARG HH12 H N N 37  
ARG HH21 H N N 38  
ARG HH22 H N N 39  
ARG HXT  H N N 40  
ASN N    N N N 41  
ASN CA   C N S 42  
ASN C    C N N 43  
ASN O    O N N 44  
ASN CB   C N N 45  
ASN CG   C N N 46  
ASN OD1  O N N 47  
ASN ND2  N N N 48  
ASN OXT  O N N 49  
ASN H    H N N 50  
ASN H2   H N N 51  
ASN HA   H N N 52  
ASN HB2  H N N 53  
ASN HB3  H N N 54  
ASN HD21 H N N 55  
ASN HD22 H N N 56  
ASN HXT  H N N 57  
ASP N    N N N 58  
ASP CA   C N S 59  
ASP C    C N N 60  
ASP O    O N N 61  
ASP CB   C N N 62  
ASP CG   C N N 63  
ASP OD1  O N N 64  
ASP OD2  O N N 65  
ASP OXT  O N N 66  
ASP H    H N N 67  
ASP H2   H N N 68  
ASP HA   H N N 69  
ASP HB2  H N N 70  
ASP HB3  H N N 71  
ASP HD2  H N N 72  
ASP HXT  H N N 73  
CYS N    N N N 74  
CYS CA   C N R 75  
CYS C    C N N 76  
CYS O    O N N 77  
CYS CB   C N N 78  
CYS SG   S N N 79  
CYS OXT  O N N 80  
CYS H    H N N 81  
CYS H2   H N N 82  
CYS HA   H N N 83  
CYS HB2  H N N 84  
CYS HB3  H N N 85  
CYS HG   H N N 86  
CYS HXT  H N N 87  
GLN N    N N N 88  
GLN CA   C N S 89  
GLN C    C N N 90  
GLN O    O N N 91  
GLN CB   C N N 92  
GLN CG   C N N 93  
GLN CD   C N N 94  
GLN OE1  O N N 95  
GLN NE2  N N N 96  
GLN OXT  O N N 97  
GLN H    H N N 98  
GLN H2   H N N 99  
GLN HA   H N N 100 
GLN HB2  H N N 101 
GLN HB3  H N N 102 
GLN HG2  H N N 103 
GLN HG3  H N N 104 
GLN HE21 H N N 105 
GLN HE22 H N N 106 
GLN HXT  H N N 107 
GLU N    N N N 108 
GLU CA   C N S 109 
GLU C    C N N 110 
GLU O    O N N 111 
GLU CB   C N N 112 
GLU CG   C N N 113 
GLU CD   C N N 114 
GLU OE1  O N N 115 
GLU OE2  O N N 116 
GLU OXT  O N N 117 
GLU H    H N N 118 
GLU H2   H N N 119 
GLU HA   H N N 120 
GLU HB2  H N N 121 
GLU HB3  H N N 122 
GLU HG2  H N N 123 
GLU HG3  H N N 124 
GLU HE2  H N N 125 
GLU HXT  H N N 126 
GLY N    N N N 127 
GLY CA   C N N 128 
GLY C    C N N 129 
GLY O    O N N 130 
GLY OXT  O N N 131 
GLY H    H N N 132 
GLY H2   H N N 133 
GLY HA2  H N N 134 
GLY HA3  H N N 135 
GLY HXT  H N N 136 
HIS N    N N N 137 
HIS CA   C N S 138 
HIS C    C N N 139 
HIS O    O N N 140 
HIS CB   C N N 141 
HIS CG   C Y N 142 
HIS ND1  N Y N 143 
HIS CD2  C Y N 144 
HIS CE1  C Y N 145 
HIS NE2  N Y N 146 
HIS OXT  O N N 147 
HIS H    H N N 148 
HIS H2   H N N 149 
HIS HA   H N N 150 
HIS HB2  H N N 151 
HIS HB3  H N N 152 
HIS HD1  H N N 153 
HIS HD2  H N N 154 
HIS HE1  H N N 155 
HIS HE2  H N N 156 
HIS HXT  H N N 157 
HOH O    O N N 158 
HOH H1   H N N 159 
HOH H2   H N N 160 
ILE N    N N N 161 
ILE CA   C N S 162 
ILE C    C N N 163 
ILE O    O N N 164 
ILE CB   C N S 165 
ILE CG1  C N N 166 
ILE CG2  C N N 167 
ILE CD1  C N N 168 
ILE OXT  O N N 169 
ILE H    H N N 170 
ILE H2   H N N 171 
ILE HA   H N N 172 
ILE HB   H N N 173 
ILE HG12 H N N 174 
ILE HG13 H N N 175 
ILE HG21 H N N 176 
ILE HG22 H N N 177 
ILE HG23 H N N 178 
ILE HD11 H N N 179 
ILE HD12 H N N 180 
ILE HD13 H N N 181 
ILE HXT  H N N 182 
LEU N    N N N 183 
LEU CA   C N S 184 
LEU C    C N N 185 
LEU O    O N N 186 
LEU CB   C N N 187 
LEU CG   C N N 188 
LEU CD1  C N N 189 
LEU CD2  C N N 190 
LEU OXT  O N N 191 
LEU H    H N N 192 
LEU H2   H N N 193 
LEU HA   H N N 194 
LEU HB2  H N N 195 
LEU HB3  H N N 196 
LEU HG   H N N 197 
LEU HD11 H N N 198 
LEU HD12 H N N 199 
LEU HD13 H N N 200 
LEU HD21 H N N 201 
LEU HD22 H N N 202 
LEU HD23 H N N 203 
LEU HXT  H N N 204 
LYS N    N N N 205 
LYS CA   C N S 206 
LYS C    C N N 207 
LYS O    O N N 208 
LYS CB   C N N 209 
LYS CG   C N N 210 
LYS CD   C N N 211 
LYS CE   C N N 212 
LYS NZ   N N N 213 
LYS OXT  O N N 214 
LYS H    H N N 215 
LYS H2   H N N 216 
LYS HA   H N N 217 
LYS HB2  H N N 218 
LYS HB3  H N N 219 
LYS HG2  H N N 220 
LYS HG3  H N N 221 
LYS HD2  H N N 222 
LYS HD3  H N N 223 
LYS HE2  H N N 224 
LYS HE3  H N N 225 
LYS HZ1  H N N 226 
LYS HZ2  H N N 227 
LYS HZ3  H N N 228 
LYS HXT  H N N 229 
MET N    N N N 230 
MET CA   C N S 231 
MET C    C N N 232 
MET O    O N N 233 
MET CB   C N N 234 
MET CG   C N N 235 
MET SD   S N N 236 
MET CE   C N N 237 
MET OXT  O N N 238 
MET H    H N N 239 
MET H2   H N N 240 
MET HA   H N N 241 
MET HB2  H N N 242 
MET HB3  H N N 243 
MET HG2  H N N 244 
MET HG3  H N N 245 
MET HE1  H N N 246 
MET HE2  H N N 247 
MET HE3  H N N 248 
MET HXT  H N N 249 
PHE N    N N N 250 
PHE CA   C N S 251 
PHE C    C N N 252 
PHE O    O N N 253 
PHE CB   C N N 254 
PHE CG   C Y N 255 
PHE CD1  C Y N 256 
PHE CD2  C Y N 257 
PHE CE1  C Y N 258 
PHE CE2  C Y N 259 
PHE CZ   C Y N 260 
PHE OXT  O N N 261 
PHE H    H N N 262 
PHE H2   H N N 263 
PHE HA   H N N 264 
PHE HB2  H N N 265 
PHE HB3  H N N 266 
PHE HD1  H N N 267 
PHE HD2  H N N 268 
PHE HE1  H N N 269 
PHE HE2  H N N 270 
PHE HZ   H N N 271 
PHE HXT  H N N 272 
PRO N    N N N 273 
PRO CA   C N S 274 
PRO C    C N N 275 
PRO O    O N N 276 
PRO CB   C N N 277 
PRO CG   C N N 278 
PRO CD   C N N 279 
PRO OXT  O N N 280 
PRO H    H N N 281 
PRO HA   H N N 282 
PRO HB2  H N N 283 
PRO HB3  H N N 284 
PRO HG2  H N N 285 
PRO HG3  H N N 286 
PRO HD2  H N N 287 
PRO HD3  H N N 288 
PRO HXT  H N N 289 
SER N    N N N 290 
SER CA   C N S 291 
SER C    C N N 292 
SER O    O N N 293 
SER CB   C N N 294 
SER OG   O N N 295 
SER OXT  O N N 296 
SER H    H N N 297 
SER H2   H N N 298 
SER HA   H N N 299 
SER HB2  H N N 300 
SER HB3  H N N 301 
SER HG   H N N 302 
SER HXT  H N N 303 
THR N    N N N 304 
THR CA   C N S 305 
THR C    C N N 306 
THR O    O N N 307 
THR CB   C N R 308 
THR OG1  O N N 309 
THR CG2  C N N 310 
THR OXT  O N N 311 
THR H    H N N 312 
THR H2   H N N 313 
THR HA   H N N 314 
THR HB   H N N 315 
THR HG1  H N N 316 
THR HG21 H N N 317 
THR HG22 H N N 318 
THR HG23 H N N 319 
THR HXT  H N N 320 
TRP N    N N N 321 
TRP CA   C N S 322 
TRP C    C N N 323 
TRP O    O N N 324 
TRP CB   C N N 325 
TRP CG   C Y N 326 
TRP CD1  C Y N 327 
TRP CD2  C Y N 328 
TRP NE1  N Y N 329 
TRP CE2  C Y N 330 
TRP CE3  C Y N 331 
TRP CZ2  C Y N 332 
TRP CZ3  C Y N 333 
TRP CH2  C Y N 334 
TRP OXT  O N N 335 
TRP H    H N N 336 
TRP H2   H N N 337 
TRP HA   H N N 338 
TRP HB2  H N N 339 
TRP HB3  H N N 340 
TRP HD1  H N N 341 
TRP HE1  H N N 342 
TRP HE3  H N N 343 
TRP HZ2  H N N 344 
TRP HZ3  H N N 345 
TRP HH2  H N N 346 
TRP HXT  H N N 347 
TYR N    N N N 348 
TYR CA   C N S 349 
TYR C    C N N 350 
TYR O    O N N 351 
TYR CB   C N N 352 
TYR CG   C Y N 353 
TYR CD1  C Y N 354 
TYR CD2  C Y N 355 
TYR CE1  C Y N 356 
TYR CE2  C Y N 357 
TYR CZ   C Y N 358 
TYR OH   O N N 359 
TYR OXT  O N N 360 
TYR H    H N N 361 
TYR H2   H N N 362 
TYR HA   H N N 363 
TYR HB2  H N N 364 
TYR HB3  H N N 365 
TYR HD1  H N N 366 
TYR HD2  H N N 367 
TYR HE1  H N N 368 
TYR HE2  H N N 369 
TYR HH   H N N 370 
TYR HXT  H N N 371 
VAL N    N N N 372 
VAL CA   C N S 373 
VAL C    C N N 374 
VAL O    O N N 375 
VAL CB   C N N 376 
VAL CG1  C N N 377 
VAL CG2  C N N 378 
VAL OXT  O N N 379 
VAL H    H N N 380 
VAL H2   H N N 381 
VAL HA   H N N 382 
VAL HB   H N N 383 
VAL HG11 H N N 384 
VAL HG12 H N N 385 
VAL HG13 H N N 386 
VAL HG21 H N N 387 
VAL HG22 H N N 388 
VAL HG23 H N N 389 
VAL HXT  H N N 390 
# 
loop_
_chem_comp_bond.comp_id 
_chem_comp_bond.atom_id_1 
_chem_comp_bond.atom_id_2 
_chem_comp_bond.value_order 
_chem_comp_bond.pdbx_aromatic_flag 
_chem_comp_bond.pdbx_stereo_config 
_chem_comp_bond.pdbx_ordinal 
ALA N   CA   sing N N 1   
ALA N   H    sing N N 2   
ALA N   H2   sing N N 3   
ALA CA  C    sing N N 4   
ALA CA  CB   sing N N 5   
ALA CA  HA   sing N N 6   
ALA C   O    doub N N 7   
ALA C   OXT  sing N N 8   
ALA CB  HB1  sing N N 9   
ALA CB  HB2  sing N N 10  
ALA CB  HB3  sing N N 11  
ALA OXT HXT  sing N N 12  
ARG N   CA   sing N N 13  
ARG N   H    sing N N 14  
ARG N   H2   sing N N 15  
ARG CA  C    sing N N 16  
ARG CA  CB   sing N N 17  
ARG CA  HA   sing N N 18  
ARG C   O    doub N N 19  
ARG C   OXT  sing N N 20  
ARG CB  CG   sing N N 21  
ARG CB  HB2  sing N N 22  
ARG CB  HB3  sing N N 23  
ARG CG  CD   sing N N 24  
ARG CG  HG2  sing N N 25  
ARG CG  HG3  sing N N 26  
ARG CD  NE   sing N N 27  
ARG CD  HD2  sing N N 28  
ARG CD  HD3  sing N N 29  
ARG NE  CZ   sing N N 30  
ARG NE  HE   sing N N 31  
ARG CZ  NH1  sing N N 32  
ARG CZ  NH2  doub N N 33  
ARG NH1 HH11 sing N N 34  
ARG NH1 HH12 sing N N 35  
ARG NH2 HH21 sing N N 36  
ARG NH2 HH22 sing N N 37  
ARG OXT HXT  sing N N 38  
ASN N   CA   sing N N 39  
ASN N   H    sing N N 40  
ASN N   H2   sing N N 41  
ASN CA  C    sing N N 42  
ASN CA  CB   sing N N 43  
ASN CA  HA   sing N N 44  
ASN C   O    doub N N 45  
ASN C   OXT  sing N N 46  
ASN CB  CG   sing N N 47  
ASN CB  HB2  sing N N 48  
ASN CB  HB3  sing N N 49  
ASN CG  OD1  doub N N 50  
ASN CG  ND2  sing N N 51  
ASN ND2 HD21 sing N N 52  
ASN ND2 HD22 sing N N 53  
ASN OXT HXT  sing N N 54  
ASP N   CA   sing N N 55  
ASP N   H    sing N N 56  
ASP N   H2   sing N N 57  
ASP CA  C    sing N N 58  
ASP CA  CB   sing N N 59  
ASP CA  HA   sing N N 60  
ASP C   O    doub N N 61  
ASP C   OXT  sing N N 62  
ASP CB  CG   sing N N 63  
ASP CB  HB2  sing N N 64  
ASP CB  HB3  sing N N 65  
ASP CG  OD1  doub N N 66  
ASP CG  OD2  sing N N 67  
ASP OD2 HD2  sing N N 68  
ASP OXT HXT  sing N N 69  
CYS N   CA   sing N N 70  
CYS N   H    sing N N 71  
CYS N   H2   sing N N 72  
CYS CA  C    sing N N 73  
CYS CA  CB   sing N N 74  
CYS CA  HA   sing N N 75  
CYS C   O    doub N N 76  
CYS C   OXT  sing N N 77  
CYS CB  SG   sing N N 78  
CYS CB  HB2  sing N N 79  
CYS CB  HB3  sing N N 80  
CYS SG  HG   sing N N 81  
CYS OXT HXT  sing N N 82  
GLN N   CA   sing N N 83  
GLN N   H    sing N N 84  
GLN N   H2   sing N N 85  
GLN CA  C    sing N N 86  
GLN CA  CB   sing N N 87  
GLN CA  HA   sing N N 88  
GLN C   O    doub N N 89  
GLN C   OXT  sing N N 90  
GLN CB  CG   sing N N 91  
GLN CB  HB2  sing N N 92  
GLN CB  HB3  sing N N 93  
GLN CG  CD   sing N N 94  
GLN CG  HG2  sing N N 95  
GLN CG  HG3  sing N N 96  
GLN CD  OE1  doub N N 97  
GLN CD  NE2  sing N N 98  
GLN NE2 HE21 sing N N 99  
GLN NE2 HE22 sing N N 100 
GLN OXT HXT  sing N N 101 
GLU N   CA   sing N N 102 
GLU N   H    sing N N 103 
GLU N   H2   sing N N 104 
GLU CA  C    sing N N 105 
GLU CA  CB   sing N N 106 
GLU CA  HA   sing N N 107 
GLU C   O    doub N N 108 
GLU C   OXT  sing N N 109 
GLU CB  CG   sing N N 110 
GLU CB  HB2  sing N N 111 
GLU CB  HB3  sing N N 112 
GLU CG  CD   sing N N 113 
GLU CG  HG2  sing N N 114 
GLU CG  HG3  sing N N 115 
GLU CD  OE1  doub N N 116 
GLU CD  OE2  sing N N 117 
GLU OE2 HE2  sing N N 118 
GLU OXT HXT  sing N N 119 
GLY N   CA   sing N N 120 
GLY N   H    sing N N 121 
GLY N   H2   sing N N 122 
GLY CA  C    sing N N 123 
GLY CA  HA2  sing N N 124 
GLY CA  HA3  sing N N 125 
GLY C   O    doub N N 126 
GLY C   OXT  sing N N 127 
GLY OXT HXT  sing N N 128 
HIS N   CA   sing N N 129 
HIS N   H    sing N N 130 
HIS N   H2   sing N N 131 
HIS CA  C    sing N N 132 
HIS CA  CB   sing N N 133 
HIS CA  HA   sing N N 134 
HIS C   O    doub N N 135 
HIS C   OXT  sing N N 136 
HIS CB  CG   sing N N 137 
HIS CB  HB2  sing N N 138 
HIS CB  HB3  sing N N 139 
HIS CG  ND1  sing Y N 140 
HIS CG  CD2  doub Y N 141 
HIS ND1 CE1  doub Y N 142 
HIS ND1 HD1  sing N N 143 
HIS CD2 NE2  sing Y N 144 
HIS CD2 HD2  sing N N 145 
HIS CE1 NE2  sing Y N 146 
HIS CE1 HE1  sing N N 147 
HIS NE2 HE2  sing N N 148 
HIS OXT HXT  sing N N 149 
HOH O   H1   sing N N 150 
HOH O   H2   sing N N 151 
ILE N   CA   sing N N 152 
ILE N   H    sing N N 153 
ILE N   H2   sing N N 154 
ILE CA  C    sing N N 155 
ILE CA  CB   sing N N 156 
ILE CA  HA   sing N N 157 
ILE C   O    doub N N 158 
ILE C   OXT  sing N N 159 
ILE CB  CG1  sing N N 160 
ILE CB  CG2  sing N N 161 
ILE CB  HB   sing N N 162 
ILE CG1 CD1  sing N N 163 
ILE CG1 HG12 sing N N 164 
ILE CG1 HG13 sing N N 165 
ILE CG2 HG21 sing N N 166 
ILE CG2 HG22 sing N N 167 
ILE CG2 HG23 sing N N 168 
ILE CD1 HD11 sing N N 169 
ILE CD1 HD12 sing N N 170 
ILE CD1 HD13 sing N N 171 
ILE OXT HXT  sing N N 172 
LEU N   CA   sing N N 173 
LEU N   H    sing N N 174 
LEU N   H2   sing N N 175 
LEU CA  C    sing N N 176 
LEU CA  CB   sing N N 177 
LEU CA  HA   sing N N 178 
LEU C   O    doub N N 179 
LEU C   OXT  sing N N 180 
LEU CB  CG   sing N N 181 
LEU CB  HB2  sing N N 182 
LEU CB  HB3  sing N N 183 
LEU CG  CD1  sing N N 184 
LEU CG  CD2  sing N N 185 
LEU CG  HG   sing N N 186 
LEU CD1 HD11 sing N N 187 
LEU CD1 HD12 sing N N 188 
LEU CD1 HD13 sing N N 189 
LEU CD2 HD21 sing N N 190 
LEU CD2 HD22 sing N N 191 
LEU CD2 HD23 sing N N 192 
LEU OXT HXT  sing N N 193 
LYS N   CA   sing N N 194 
LYS N   H    sing N N 195 
LYS N   H2   sing N N 196 
LYS CA  C    sing N N 197 
LYS CA  CB   sing N N 198 
LYS CA  HA   sing N N 199 
LYS C   O    doub N N 200 
LYS C   OXT  sing N N 201 
LYS CB  CG   sing N N 202 
LYS CB  HB2  sing N N 203 
LYS CB  HB3  sing N N 204 
LYS CG  CD   sing N N 205 
LYS CG  HG2  sing N N 206 
LYS CG  HG3  sing N N 207 
LYS CD  CE   sing N N 208 
LYS CD  HD2  sing N N 209 
LYS CD  HD3  sing N N 210 
LYS CE  NZ   sing N N 211 
LYS CE  HE2  sing N N 212 
LYS CE  HE3  sing N N 213 
LYS NZ  HZ1  sing N N 214 
LYS NZ  HZ2  sing N N 215 
LYS NZ  HZ3  sing N N 216 
LYS OXT HXT  sing N N 217 
MET N   CA   sing N N 218 
MET N   H    sing N N 219 
MET N   H2   sing N N 220 
MET CA  C    sing N N 221 
MET CA  CB   sing N N 222 
MET CA  HA   sing N N 223 
MET C   O    doub N N 224 
MET C   OXT  sing N N 225 
MET CB  CG   sing N N 226 
MET CB  HB2  sing N N 227 
MET CB  HB3  sing N N 228 
MET CG  SD   sing N N 229 
MET CG  HG2  sing N N 230 
MET CG  HG3  sing N N 231 
MET SD  CE   sing N N 232 
MET CE  HE1  sing N N 233 
MET CE  HE2  sing N N 234 
MET CE  HE3  sing N N 235 
MET OXT HXT  sing N N 236 
PHE N   CA   sing N N 237 
PHE N   H    sing N N 238 
PHE N   H2   sing N N 239 
PHE CA  C    sing N N 240 
PHE CA  CB   sing N N 241 
PHE CA  HA   sing N N 242 
PHE C   O    doub N N 243 
PHE C   OXT  sing N N 244 
PHE CB  CG   sing N N 245 
PHE CB  HB2  sing N N 246 
PHE CB  HB3  sing N N 247 
PHE CG  CD1  doub Y N 248 
PHE CG  CD2  sing Y N 249 
PHE CD1 CE1  sing Y N 250 
PHE CD1 HD1  sing N N 251 
PHE CD2 CE2  doub Y N 252 
PHE CD2 HD2  sing N N 253 
PHE CE1 CZ   doub Y N 254 
PHE CE1 HE1  sing N N 255 
PHE CE2 CZ   sing Y N 256 
PHE CE2 HE2  sing N N 257 
PHE CZ  HZ   sing N N 258 
PHE OXT HXT  sing N N 259 
PRO N   CA   sing N N 260 
PRO N   CD   sing N N 261 
PRO N   H    sing N N 262 
PRO CA  C    sing N N 263 
PRO CA  CB   sing N N 264 
PRO CA  HA   sing N N 265 
PRO C   O    doub N N 266 
PRO C   OXT  sing N N 267 
PRO CB  CG   sing N N 268 
PRO CB  HB2  sing N N 269 
PRO CB  HB3  sing N N 270 
PRO CG  CD   sing N N 271 
PRO CG  HG2  sing N N 272 
PRO CG  HG3  sing N N 273 
PRO CD  HD2  sing N N 274 
PRO CD  HD3  sing N N 275 
PRO OXT HXT  sing N N 276 
SER N   CA   sing N N 277 
SER N   H    sing N N 278 
SER N   H2   sing N N 279 
SER CA  C    sing N N 280 
SER CA  CB   sing N N 281 
SER CA  HA   sing N N 282 
SER C   O    doub N N 283 
SER C   OXT  sing N N 284 
SER CB  OG   sing N N 285 
SER CB  HB2  sing N N 286 
SER CB  HB3  sing N N 287 
SER OG  HG   sing N N 288 
SER OXT HXT  sing N N 289 
THR N   CA   sing N N 290 
THR N   H    sing N N 291 
THR N   H2   sing N N 292 
THR CA  C    sing N N 293 
THR CA  CB   sing N N 294 
THR CA  HA   sing N N 295 
THR C   O    doub N N 296 
THR C   OXT  sing N N 297 
THR CB  OG1  sing N N 298 
THR CB  CG2  sing N N 299 
THR CB  HB   sing N N 300 
THR OG1 HG1  sing N N 301 
THR CG2 HG21 sing N N 302 
THR CG2 HG22 sing N N 303 
THR CG2 HG23 sing N N 304 
THR OXT HXT  sing N N 305 
TRP N   CA   sing N N 306 
TRP N   H    sing N N 307 
TRP N   H2   sing N N 308 
TRP CA  C    sing N N 309 
TRP CA  CB   sing N N 310 
TRP CA  HA   sing N N 311 
TRP C   O    doub N N 312 
TRP C   OXT  sing N N 313 
TRP CB  CG   sing N N 314 
TRP CB  HB2  sing N N 315 
TRP CB  HB3  sing N N 316 
TRP CG  CD1  doub Y N 317 
TRP CG  CD2  sing Y N 318 
TRP CD1 NE1  sing Y N 319 
TRP CD1 HD1  sing N N 320 
TRP CD2 CE2  doub Y N 321 
TRP CD2 CE3  sing Y N 322 
TRP NE1 CE2  sing Y N 323 
TRP NE1 HE1  sing N N 324 
TRP CE2 CZ2  sing Y N 325 
TRP CE3 CZ3  doub Y N 326 
TRP CE3 HE3  sing N N 327 
TRP CZ2 CH2  doub Y N 328 
TRP CZ2 HZ2  sing N N 329 
TRP CZ3 CH2  sing Y N 330 
TRP CZ3 HZ3  sing N N 331 
TRP CH2 HH2  sing N N 332 
TRP OXT HXT  sing N N 333 
TYR N   CA   sing N N 334 
TYR N   H    sing N N 335 
TYR N   H2   sing N N 336 
TYR CA  C    sing N N 337 
TYR CA  CB   sing N N 338 
TYR CA  HA   sing N N 339 
TYR C   O    doub N N 340 
TYR C   OXT  sing N N 341 
TYR CB  CG   sing N N 342 
TYR CB  HB2  sing N N 343 
TYR CB  HB3  sing N N 344 
TYR CG  CD1  doub Y N 345 
TYR CG  CD2  sing Y N 346 
TYR CD1 CE1  sing Y N 347 
TYR CD1 HD1  sing N N 348 
TYR CD2 CE2  doub Y N 349 
TYR CD2 HD2  sing N N 350 
TYR CE1 CZ   doub Y N 351 
TYR CE1 HE1  sing N N 352 
TYR CE2 CZ   sing Y N 353 
TYR CE2 HE2  sing N N 354 
TYR CZ  OH   sing N N 355 
TYR OH  HH   sing N N 356 
TYR OXT HXT  sing N N 357 
VAL N   CA   sing N N 358 
VAL N   H    sing N N 359 
VAL N   H2   sing N N 360 
VAL CA  C    sing N N 361 
VAL CA  CB   sing N N 362 
VAL CA  HA   sing N N 363 
VAL C   O    doub N N 364 
VAL C   OXT  sing N N 365 
VAL CB  CG1  sing N N 366 
VAL CB  CG2  sing N N 367 
VAL CB  HB   sing N N 368 
VAL CG1 HG11 sing N N 369 
VAL CG1 HG12 sing N N 370 
VAL CG1 HG13 sing N N 371 
VAL CG2 HG21 sing N N 372 
VAL CG2 HG22 sing N N 373 
VAL CG2 HG23 sing N N 374 
VAL OXT HXT  sing N N 375 
# 
_pdbx_entity_nonpoly.entity_id   2 
_pdbx_entity_nonpoly.name        water 
_pdbx_entity_nonpoly.comp_id     HOH 
# 
_pdbx_initial_refinement_model.id               1 
_pdbx_initial_refinement_model.entity_id_list   ? 
_pdbx_initial_refinement_model.type             'experimental model' 
_pdbx_initial_refinement_model.source_name      PDB 
_pdbx_initial_refinement_model.accession_code   2DIY 
_pdbx_initial_refinement_model.details          'PDB ENTRY 2DIY' 
# 
